data_5SXK
#
_entry.id   5SXK
#
_cell.length_a   113.282
_cell.length_b   115.838
_cell.length_c   148.999
_cell.angle_alpha   90.000
_cell.angle_beta   90.000
_cell.angle_gamma   90.000
#
_symmetry.space_group_name_H-M   'P 21 21 21'
#
loop_
_entity.id
_entity.type
_entity.pdbx_description
1 polymer 'Phosphatidylinositol 4,5-bisphosphate 3-kinase catalytic subunit alpha isoform'
2 polymer 'Phosphatidylinositol 3-kinase regulatory subunit alpha'
3 non-polymer 2-methylbenzene-1,3-diamine
#
loop_
_entity_poly.entity_id
_entity_poly.type
_entity_poly.pdbx_seq_one_letter_code
_entity_poly.pdbx_strand_id
1 'polypeptide(L)'
;MSYYHHHHHHDYDIPTTENLYFQGAMGSMPPRPSSGELWGIHLMPPRILVECLLPNGMIVTLECLREATLITIKHELFKE
ARKYPLHQLLQDESSYIFVSVTQEAEREEFFDETRRLCDLRLFQPFLKVIEPVGNREEKILNREIGFAIGMPVCEFDMVK
DPEVQDFRRNILNVCKEAVDLRDLNSPHSRAMYVYPPNVESSPELPKHIYNKLDKGQIIVVIWVIVSPNNDKQKYTLKIN
HDCVPEQVIAEAIRKKTRSMLLSSEQLKLCVLEYQGKYILKVCGCDEYFLEKYPLSQYKYIRSCIMLGRMPNLMLMAKES
LYSQLPMDCFTMPSYSRRISTATPYMNGETSTKSLWVINSALRIKILCATYVNVNIRDIDKIYVRTGIYHGGEPLCDNVN
TQRVPCSNPRWNEWLNYDIYIPDLPRAARLCLSICSVKGRKGAKEEHCPLAWGNINLFDYTDTLVSGKMALNLWPVPHGL
EDLLNPIGVTGSNPNKETPCLELEFDWFSSVVKFPDMSVIEEHANWSVSREAGFSYSHAGLSNRLARDNELRENDKEQLK
AISTRDPLSEITEQEKDFLWSHRHYCVTIPEILPKLLLSVKWNSRDEVAQMYCLVKDWPPIKPEQAMELLDCNYPDPMVR
GFAVRCLEKYLTDDKLSQYLIQLVQVLKYEQYLDNLLVRFLLKKALTNQRIGHFFFWHLKSEMHNKTVSQRFGLLLESYC
RACGMYLKHLNRQVEAMEKLINLTDILKQEKKDETQKVQMKFLVEQMRRPDFMDALQGFLSPLNPAHQLGNLRLEECRIM
SSAKRPLWLNWENPDIM(SEP)ELLFQNNEIIFKNGDDLRQDMLTLQIIRIMENIWQNQGLDLRMLPYGCLSIGDCVGLI
EVVRNSHTIMQIQCKGGLKGALQFNSHTLHQWLKDKNKGEIYDAAIDLFTRSCAGYCVATFILGIGDRHNSNIMVKDDGQ
LFHIDFGHFLDHKKKKFGYKRERVPFVLTQDFLIVISKGAQECTKTREFERFQEMCYKAYLAIRQHANLFINLFSMMLGS
GMPELQSFDDIAYIRKTLALDKTEQEALEYFMKQMNDAHHGGWTTKMDWIFHTIKQHALN
;
A
2 'polypeptide(L)'
;MNNNMSLQDAEWYWGDISREEVNEKLRDTADGTFLVRDASTKMHGDYTLTLRKGGNNKLIKIFHRDGKYGFSDPLTFSSV
VELINHYRNESLAQYNPKLDVKLLYPVSKYQQDQVVKEDNIEAVGKKLHEYNTQFQEKSREYDRLYEEYTRTSQEIQMKR
TAIEAFNETIKIFEEQCQTQERYSKEYIEKFKREGNEKEIQRIMHNYDKLKSRISEIIDSRRRLEEDLKKQAAEYREIDK
RMNSIKPDLIQLRKTRDQYLMWLTQKGVRQKKLNEWLGN
;
B
#
loop_
_chem_comp.id
_chem_comp.type
_chem_comp.name
_chem_comp.formula
71K non-polymer 2-methylbenzene-1,3-diamine 'C7 H10 N2'
#
# COMPACT_ATOMS: atom_id res chain seq x y z
N SER A 2 -13.74 7.05 50.14
CA SER A 2 -15.21 7.14 49.86
C SER A 2 -15.49 7.00 48.39
N TYR A 3 -14.59 7.55 47.58
CA TYR A 3 -14.69 7.50 46.11
C TYR A 3 -14.43 6.10 45.57
N TYR A 4 -13.36 5.47 46.08
CA TYR A 4 -12.87 4.20 45.53
C TYR A 4 -13.12 2.95 46.40
N HIS A 5 -13.95 3.09 47.45
CA HIS A 5 -14.09 2.08 48.51
C HIS A 5 -12.73 1.74 49.17
N HIS A 6 -11.89 2.76 49.30
CA HIS A 6 -10.55 2.63 49.87
C HIS A 6 -9.79 1.41 49.33
N HIS A 7 -10.06 1.01 48.08
CA HIS A 7 -9.40 -0.16 47.48
C HIS A 7 -8.08 0.25 46.85
N HIS A 8 -6.99 -0.25 47.41
CA HIS A 8 -5.66 0.13 46.96
C HIS A 8 -5.31 -0.67 45.74
N HIS A 9 -4.68 0.00 44.78
CA HIS A 9 -4.08 -0.63 43.61
C HIS A 9 -2.58 -0.73 43.82
N HIS A 10 -2.15 -1.93 44.21
CA HIS A 10 -0.79 -2.11 44.73
C HIS A 10 0.29 -2.09 43.63
N ASP A 11 -0.03 -2.63 42.44
CA ASP A 11 0.93 -2.71 41.32
C ASP A 11 1.32 -1.33 40.72
N TYR A 12 0.33 -0.44 40.60
CA TYR A 12 0.52 0.91 39.99
C TYR A 12 1.66 1.72 40.61
N ASP A 13 2.47 2.35 39.75
CA ASP A 13 3.56 3.25 40.16
C ASP A 13 3.62 4.48 39.22
N ILE A 14 3.94 5.65 39.77
CA ILE A 14 4.27 6.83 38.93
C ILE A 14 5.71 7.37 38.96
N PRO A 15 6.70 6.62 39.52
CA PRO A 15 8.07 7.02 39.17
C PRO A 15 8.43 6.50 37.76
N THR A 16 7.95 7.23 36.73
CA THR A 16 7.95 6.80 35.31
C THR A 16 7.32 5.40 35.08
N THR A 17 6.40 5.02 35.97
CA THR A 17 5.78 3.68 35.99
C THR A 17 6.77 2.51 35.91
N PHE A 22 5.26 3.88 29.60
CA PHE A 22 4.13 4.07 28.70
C PHE A 22 4.34 5.29 27.79
N GLN A 23 3.91 5.20 26.53
CA GLN A 23 3.76 6.37 25.64
C GLN A 23 2.27 6.71 25.43
N GLY A 24 1.49 6.60 26.51
CA GLY A 24 0.20 7.27 26.63
C GLY A 24 0.44 8.69 27.15
N ALA A 25 1.32 8.82 28.15
CA ALA A 25 1.80 10.13 28.64
C ALA A 25 2.69 10.80 27.59
N MET A 26 2.26 11.95 27.05
CA MET A 26 2.77 12.53 25.79
C MET A 26 2.50 11.58 24.59
N GLY A 27 1.23 11.19 24.47
CA GLY A 27 0.79 10.14 23.54
C GLY A 27 0.78 10.49 22.07
N SER A 28 1.96 10.40 21.47
CA SER A 28 2.11 10.54 20.01
C SER A 28 3.46 10.00 19.53
N MET A 29 3.55 9.86 18.20
CA MET A 29 4.80 9.62 17.48
C MET A 29 5.40 8.18 17.56
N PRO A 30 4.59 7.13 17.21
CA PRO A 30 4.95 5.70 17.41
C PRO A 30 6.17 5.04 16.69
N PRO A 31 6.34 5.24 15.36
CA PRO A 31 7.28 4.41 14.60
C PRO A 31 8.76 4.72 14.86
N ARG A 32 9.58 3.67 14.84
CA ARG A 32 11.03 3.75 15.01
C ARG A 32 11.67 2.49 14.38
N PRO A 33 13.01 2.39 14.29
CA PRO A 33 13.98 3.48 14.33
C PRO A 33 14.86 3.41 13.06
N SER A 34 15.75 4.38 12.87
CA SER A 34 16.68 4.35 11.73
C SER A 34 17.81 5.35 11.94
N SER A 35 18.96 4.84 12.38
CA SER A 35 20.13 5.70 12.57
C SER A 35 20.65 6.17 11.22
N GLY A 36 21.23 7.36 11.27
CA GLY A 36 21.30 8.24 10.12
C GLY A 36 22.64 8.37 9.48
N GLU A 37 23.42 9.34 9.96
CA GLU A 37 24.64 9.81 9.26
C GLU A 37 25.89 9.01 9.58
N LEU A 38 25.88 8.38 10.75
CA LEU A 38 26.93 7.47 11.19
C LEU A 38 26.25 6.37 12.03
N TRP A 39 26.98 5.31 12.32
CA TRP A 39 26.40 4.22 13.11
C TRP A 39 26.12 4.76 14.52
N GLY A 40 24.91 4.51 14.98
CA GLY A 40 24.56 4.75 16.38
C GLY A 40 24.39 6.20 16.77
N ILE A 41 24.43 7.11 15.79
CA ILE A 41 24.18 8.55 16.02
C ILE A 41 23.42 9.10 14.82
N HIS A 42 22.51 10.05 15.05
CA HIS A 42 21.71 10.62 13.95
C HIS A 42 22.49 11.56 13.01
N LEU A 43 23.09 12.58 13.62
CA LEU A 43 23.64 13.72 12.91
C LEU A 43 25.08 13.87 13.38
N MET A 44 26.05 13.67 12.47
CA MET A 44 27.44 13.57 12.92
C MET A 44 27.95 14.91 13.48
N PRO A 45 28.84 14.87 14.49
CA PRO A 45 29.44 16.08 15.06
C PRO A 45 29.99 17.04 14.00
N PRO A 46 29.90 18.35 14.23
CA PRO A 46 30.25 19.36 13.22
C PRO A 46 31.74 19.37 12.83
N ARG A 47 32.59 18.99 13.76
CA ARG A 47 33.98 18.76 13.50
C ARG A 47 34.21 17.35 14.03
N ILE A 48 34.90 16.51 13.25
CA ILE A 48 34.97 15.06 13.50
C ILE A 48 36.29 14.49 13.01
N LEU A 49 36.76 13.45 13.70
CA LEU A 49 38.05 12.84 13.37
C LEU A 49 37.83 11.61 12.53
N VAL A 50 38.46 11.61 11.35
CA VAL A 50 38.37 10.47 10.43
C VAL A 50 39.71 9.84 10.08
N GLU A 51 39.80 8.53 10.35
CA GLU A 51 40.98 7.76 10.05
C GLU A 51 41.04 7.54 8.57
N CYS A 52 42.07 8.11 7.93
CA CYS A 52 42.37 7.83 6.55
C CYS A 52 43.39 6.72 6.51
N LEU A 53 42.98 5.58 5.93
CA LEU A 53 43.84 4.44 5.67
C LEU A 53 44.45 4.61 4.27
N LEU A 54 45.77 4.79 4.23
CA LEU A 54 46.49 5.04 3.01
C LEU A 54 47.01 3.72 2.37
N PRO A 55 47.41 3.78 1.06
CA PRO A 55 47.95 2.61 0.35
C PRO A 55 49.33 2.19 0.83
N ASN A 56 50.07 3.12 1.44
CA ASN A 56 51.29 2.82 2.20
C ASN A 56 51.07 2.29 3.64
N GLY A 57 49.84 1.90 3.99
CA GLY A 57 49.58 1.26 5.28
C GLY A 57 49.55 2.17 6.49
N MET A 58 49.59 3.49 6.25
CA MET A 58 49.63 4.51 7.29
C MET A 58 48.21 4.97 7.67
N ILE A 59 47.90 5.05 8.97
CA ILE A 59 46.64 5.68 9.41
C ILE A 59 46.89 7.13 9.85
N VAL A 60 46.72 8.07 8.93
CA VAL A 60 46.72 9.48 9.30
C VAL A 60 45.27 9.86 9.57
N THR A 61 45.05 10.53 10.70
CA THR A 61 43.72 10.91 11.13
C THR A 61 43.56 12.38 10.92
N LEU A 62 42.69 12.76 9.98
CA LEU A 62 42.31 14.17 9.80
C LEU A 62 41.11 14.51 10.68
N GLU A 63 41.13 15.71 11.28
CA GLU A 63 39.90 16.32 11.75
C GLU A 63 39.29 17.00 10.54
N CYS A 64 38.09 16.57 10.20
CA CYS A 64 37.35 17.15 9.09
C CYS A 64 36.10 17.79 9.64
N LEU A 65 35.57 18.77 8.91
CA LEU A 65 34.22 19.19 9.17
C LEU A 65 33.20 18.15 8.63
N ARG A 66 32.24 17.77 9.48
CA ARG A 66 31.02 17.05 9.08
C ARG A 66 30.66 17.27 7.62
N GLU A 67 30.46 18.55 7.30
CA GLU A 67 29.90 19.01 6.04
C GLU A 67 30.86 18.92 4.79
N ALA A 68 32.13 18.53 4.97
CA ALA A 68 33.20 18.67 3.92
C ALA A 68 33.24 17.59 2.85
N THR A 69 33.62 18.01 1.65
CA THR A 69 33.58 17.16 0.47
C THR A 69 34.78 16.24 0.43
N LEU A 70 34.62 15.09 -0.22
CA LEU A 70 35.73 14.15 -0.40
C LEU A 70 36.90 14.74 -1.20
N ILE A 71 36.60 15.72 -2.06
CA ILE A 71 37.64 16.48 -2.79
C ILE A 71 38.50 17.21 -1.80
N THR A 72 37.85 17.90 -0.88
CA THR A 72 38.53 18.67 0.16
C THR A 72 39.32 17.74 1.09
N ILE A 73 38.75 16.58 1.41
CA ILE A 73 39.40 15.64 2.29
C ILE A 73 40.58 14.99 1.60
N LYS A 74 40.42 14.60 0.34
CA LYS A 74 41.53 13.99 -0.39
C LYS A 74 42.65 14.99 -0.43
N HIS A 75 42.33 16.20 -0.92
CA HIS A 75 43.31 17.28 -1.10
C HIS A 75 44.10 17.65 0.17
N GLU A 76 43.42 17.60 1.32
CA GLU A 76 44.10 17.80 2.60
C GLU A 76 44.86 16.54 3.03
N LEU A 77 44.30 15.36 2.78
CA LEU A 77 44.91 14.11 3.22
C LEU A 77 46.30 13.94 2.65
N PHE A 78 46.46 14.28 1.37
CA PHE A 78 47.76 14.15 0.68
C PHE A 78 48.69 15.32 0.95
N LYS A 79 48.17 16.47 1.38
CA LYS A 79 49.00 17.48 2.02
C LYS A 79 49.53 16.98 3.38
N GLU A 80 48.71 16.25 4.12
CA GLU A 80 49.06 15.78 5.47
C GLU A 80 49.71 14.40 5.50
N ALA A 81 49.62 13.64 4.40
CA ALA A 81 50.36 12.39 4.29
C ALA A 81 51.86 12.65 4.07
N ARG A 82 52.21 13.80 3.46
CA ARG A 82 53.62 14.27 3.40
C ARG A 82 54.34 14.35 4.74
N LYS A 83 53.60 14.63 5.82
CA LYS A 83 54.19 14.74 7.16
C LYS A 83 54.31 13.41 7.88
N TYR A 84 53.69 12.38 7.31
CA TYR A 84 53.82 11.00 7.79
C TYR A 84 54.84 10.22 6.91
N PRO A 85 55.35 9.07 7.42
CA PRO A 85 56.43 8.43 6.69
C PRO A 85 55.93 7.70 5.45
N LEU A 86 56.89 7.24 4.65
CA LEU A 86 56.61 6.49 3.43
C LEU A 86 55.83 7.32 2.40
N HIS A 87 56.12 8.62 2.33
CA HIS A 87 55.44 9.51 1.37
C HIS A 87 55.81 9.17 -0.08
N GLN A 88 57.05 8.75 -0.33
CA GLN A 88 57.47 8.39 -1.70
C GLN A 88 56.74 7.16 -2.28
N LEU A 89 56.11 6.36 -1.41
CA LEU A 89 55.23 5.23 -1.82
C LEU A 89 53.79 5.61 -2.27
N LEU A 90 53.38 6.86 -2.13
CA LEU A 90 52.06 7.30 -2.61
C LEU A 90 52.17 7.86 -4.03
N GLN A 91 51.15 7.58 -4.84
CA GLN A 91 50.98 8.26 -6.14
C GLN A 91 50.46 9.70 -5.96
N ASP A 92 50.53 10.52 -7.02
CA ASP A 92 49.85 11.81 -7.03
C ASP A 92 48.38 11.53 -6.68
N GLU A 93 47.81 12.31 -5.74
CA GLU A 93 46.46 12.07 -5.21
C GLU A 93 45.45 11.63 -6.27
N SER A 94 45.55 12.23 -7.46
CA SER A 94 44.67 11.92 -8.60
C SER A 94 44.53 10.41 -8.96
N SER A 95 45.55 9.59 -8.71
CA SER A 95 45.49 8.13 -8.95
C SER A 95 44.81 7.37 -7.79
N TYR A 96 43.85 8.00 -7.12
CA TYR A 96 43.17 7.39 -5.99
C TYR A 96 41.70 7.77 -5.88
N ILE A 97 40.95 6.89 -5.21
CA ILE A 97 39.54 7.09 -4.93
C ILE A 97 39.30 6.62 -3.49
N PHE A 98 38.32 7.20 -2.80
CA PHE A 98 38.04 6.77 -1.43
C PHE A 98 37.17 5.52 -1.35
N VAL A 99 37.31 4.77 -0.26
CA VAL A 99 36.43 3.63 0.02
C VAL A 99 36.22 3.44 1.51
N SER A 100 35.09 2.89 1.89
CA SER A 100 34.81 2.59 3.30
C SER A 100 33.61 1.66 3.39
N VAL A 101 33.39 1.13 4.59
CA VAL A 101 32.23 0.31 4.84
C VAL A 101 31.10 1.22 5.25
N THR A 102 29.96 1.05 4.59
CA THR A 102 28.74 1.83 4.83
C THR A 102 27.85 1.21 5.90
N GLN A 103 26.69 1.81 6.13
CA GLN A 103 25.74 1.32 7.12
C GLN A 103 24.94 0.14 6.58
N GLU A 104 24.67 0.12 5.27
CA GLU A 104 24.14 -1.09 4.61
C GLU A 104 25.09 -2.31 4.71
N ALA A 105 26.37 -2.06 5.01
CA ALA A 105 27.39 -3.08 5.33
C ALA A 105 28.13 -3.57 4.11
N GLU A 106 28.42 -2.64 3.19
CA GLU A 106 29.06 -2.96 1.93
C GLU A 106 30.17 -1.97 1.67
N ARG A 107 31.34 -2.48 1.29
CA ARG A 107 32.49 -1.62 0.96
C ARG A 107 32.23 -0.76 -0.30
N GLU A 108 31.76 0.47 -0.10
CA GLU A 108 31.38 1.33 -1.22
C GLU A 108 32.55 2.16 -1.68
N GLU A 109 32.86 2.07 -2.97
CA GLU A 109 33.84 2.95 -3.61
C GLU A 109 33.13 4.29 -3.78
N PHE A 110 33.81 5.37 -3.38
CA PHE A 110 33.25 6.72 -3.49
C PHE A 110 33.83 7.38 -4.74
N PHE A 111 33.06 7.29 -5.82
CA PHE A 111 33.43 7.85 -7.11
C PHE A 111 33.11 9.32 -7.11
N ASP A 112 31.86 9.68 -6.78
CA ASP A 112 31.42 11.08 -6.87
C ASP A 112 31.98 11.89 -5.71
N GLU A 113 33.18 12.43 -5.92
CA GLU A 113 33.98 13.00 -4.83
C GLU A 113 33.47 14.32 -4.30
N THR A 114 32.52 14.93 -5.03
CA THR A 114 31.72 16.05 -4.48
C THR A 114 30.94 15.74 -3.21
N ARG A 115 30.55 14.48 -3.02
CA ARG A 115 29.75 14.08 -1.85
C ARG A 115 30.45 14.44 -0.54
N ARG A 116 29.65 14.77 0.45
CA ARG A 116 30.16 15.24 1.72
C ARG A 116 30.22 14.11 2.73
N LEU A 117 31.16 14.24 3.65
CA LEU A 117 31.36 13.26 4.71
C LEU A 117 30.08 12.80 5.40
N CYS A 118 29.17 13.71 5.67
CA CYS A 118 27.89 13.33 6.32
C CYS A 118 26.96 12.52 5.42
N ASP A 119 26.97 12.85 4.13
CA ASP A 119 26.09 12.25 3.18
C ASP A 119 26.49 10.82 2.74
N LEU A 120 27.60 10.27 3.26
CA LEU A 120 28.08 8.96 2.81
C LEU A 120 27.40 7.74 3.46
N ARG A 121 26.90 7.91 4.68
CA ARG A 121 26.27 6.79 5.41
C ARG A 121 27.37 5.77 5.70
N LEU A 122 28.17 6.06 6.71
CA LEU A 122 29.51 5.49 6.83
C LEU A 122 29.73 4.43 7.91
N PHE A 123 28.78 4.28 8.81
CA PHE A 123 28.95 3.30 9.89
C PHE A 123 30.08 3.69 10.86
N GLN A 124 31.34 3.39 10.53
CA GLN A 124 32.48 3.94 11.29
C GLN A 124 33.12 5.05 10.47
N PRO A 125 33.61 6.11 11.13
CA PRO A 125 34.13 7.27 10.42
C PRO A 125 35.57 7.09 9.97
N PHE A 126 35.75 6.43 8.83
CA PHE A 126 37.09 6.18 8.27
C PHE A 126 37.04 6.01 6.78
N LEU A 127 38.19 6.17 6.14
CA LEU A 127 38.28 6.15 4.69
C LEU A 127 39.53 5.41 4.30
N LYS A 128 39.38 4.39 3.45
CA LYS A 128 40.54 3.73 2.83
C LYS A 128 40.81 4.32 1.42
N VAL A 129 42.08 4.45 1.10
CA VAL A 129 42.51 5.00 -0.17
C VAL A 129 42.91 3.85 -1.07
N ILE A 130 42.46 3.92 -2.31
CA ILE A 130 42.77 2.92 -3.32
C ILE A 130 42.81 3.54 -4.72
N GLU A 131 43.48 2.86 -5.65
CA GLU A 131 43.40 3.17 -7.07
C GLU A 131 42.20 2.36 -7.57
N PRO A 132 41.42 2.90 -8.54
CA PRO A 132 40.05 2.38 -8.73
C PRO A 132 39.95 1.00 -9.41
N VAL A 133 39.79 -0.03 -8.58
CA VAL A 133 39.51 -1.38 -9.09
C VAL A 133 38.18 -1.44 -9.87
N GLY A 134 38.16 -2.29 -10.90
CA GLY A 134 36.96 -2.48 -11.72
C GLY A 134 36.80 -1.32 -12.67
N ASN A 135 37.70 -1.26 -13.65
CA ASN A 135 37.87 -0.10 -14.58
C ASN A 135 36.59 0.51 -15.21
N ARG A 136 35.46 -0.22 -15.18
CA ARG A 136 34.16 0.35 -15.57
C ARG A 136 33.58 1.17 -14.41
N GLU A 137 34.15 2.37 -14.23
CA GLU A 137 33.64 3.42 -13.35
C GLU A 137 32.15 3.64 -13.61
N GLU A 138 31.81 3.62 -14.91
CA GLU A 138 30.45 3.81 -15.41
C GLU A 138 29.48 2.80 -14.83
N LYS A 139 29.87 1.54 -14.85
CA LYS A 139 28.96 0.45 -14.47
C LYS A 139 28.74 0.39 -12.98
N ILE A 140 29.69 0.84 -12.18
CA ILE A 140 29.51 0.77 -10.72
C ILE A 140 28.74 2.05 -10.26
N LEU A 141 28.04 2.69 -11.20
CA LEU A 141 26.78 3.46 -10.94
C LEU A 141 25.50 2.55 -11.20
N ASN A 142 25.64 1.41 -10.49
CA ASN A 142 24.63 0.66 -9.77
C ASN A 142 24.36 1.33 -8.42
N ARG A 143 25.42 1.81 -7.76
CA ARG A 143 25.27 2.53 -6.49
C ARG A 143 24.17 3.61 -6.54
N GLU A 144 24.00 4.24 -7.72
CA GLU A 144 22.85 5.11 -8.00
C GLU A 144 21.50 4.41 -7.83
N ILE A 145 21.38 3.27 -8.49
CA ILE A 145 20.21 2.40 -8.37
C ILE A 145 20.00 2.02 -6.90
N GLY A 146 20.96 1.34 -6.32
CA GLY A 146 20.92 0.98 -4.90
C GLY A 146 20.68 2.11 -3.89
N PHE A 147 21.13 3.33 -4.21
CA PHE A 147 20.78 4.48 -3.37
C PHE A 147 19.29 4.74 -3.47
N ALA A 148 18.81 4.84 -4.71
CA ALA A 148 17.39 5.06 -4.97
C ALA A 148 16.55 3.95 -4.34
N ILE A 149 17.02 2.72 -4.42
CA ILE A 149 16.26 1.58 -3.91
C ILE A 149 16.45 1.48 -2.40
N GLY A 150 17.62 1.92 -1.94
CA GLY A 150 17.97 1.93 -0.52
C GLY A 150 18.39 0.57 0.00
N MET A 151 18.85 -0.28 -0.92
CA MET A 151 19.57 -1.50 -0.58
C MET A 151 20.48 -1.82 -1.74
N PRO A 152 21.74 -2.17 -1.48
CA PRO A 152 22.79 -2.12 -2.47
C PRO A 152 22.59 -3.21 -3.52
N VAL A 153 23.00 -2.94 -4.75
CA VAL A 153 22.59 -3.79 -5.86
C VAL A 153 23.27 -5.16 -5.76
N CYS A 154 24.52 -5.18 -5.27
CA CYS A 154 25.24 -6.44 -4.96
C CYS A 154 24.41 -7.43 -4.13
N GLU A 155 23.68 -6.93 -3.13
CA GLU A 155 22.82 -7.78 -2.27
C GLU A 155 21.92 -8.80 -3.01
N PHE A 156 21.49 -8.47 -4.22
CA PHE A 156 20.84 -9.44 -5.10
C PHE A 156 21.89 -10.38 -5.71
N ASP A 157 22.93 -9.81 -6.32
CA ASP A 157 23.94 -10.59 -7.06
C ASP A 157 24.44 -11.83 -6.31
N MET A 158 24.49 -11.78 -4.98
CA MET A 158 24.81 -12.95 -4.15
C MET A 158 23.55 -13.66 -3.59
N VAL A 159 22.41 -13.61 -4.29
CA VAL A 159 21.26 -14.42 -3.88
C VAL A 159 21.39 -15.74 -4.63
N LYS A 160 21.15 -16.85 -3.91
CA LYS A 160 21.25 -18.21 -4.48
C LYS A 160 20.10 -18.46 -5.44
N ASP A 161 18.88 -18.56 -4.89
CA ASP A 161 17.58 -18.73 -5.60
C ASP A 161 17.59 -18.47 -7.13
N PRO A 162 17.20 -19.48 -7.95
CA PRO A 162 17.18 -19.24 -9.39
C PRO A 162 16.10 -18.29 -9.84
N GLU A 163 14.90 -18.42 -9.28
CA GLU A 163 13.79 -17.54 -9.66
C GLU A 163 14.24 -16.08 -9.72
N VAL A 164 14.82 -15.65 -8.60
CA VAL A 164 15.24 -14.28 -8.43
C VAL A 164 16.16 -13.85 -9.56
N GLN A 165 17.21 -14.64 -9.79
CA GLN A 165 18.13 -14.40 -10.94
C GLN A 165 17.43 -14.48 -12.29
N ASP A 166 16.51 -15.44 -12.40
CA ASP A 166 15.68 -15.64 -13.58
C ASP A 166 14.76 -14.45 -13.79
N PHE A 167 14.19 -13.91 -12.71
CA PHE A 167 13.50 -12.64 -12.82
C PHE A 167 14.42 -11.56 -13.33
N ARG A 168 15.61 -11.46 -12.72
CA ARG A 168 16.46 -10.29 -13.00
C ARG A 168 16.86 -10.24 -14.46
N ARG A 169 17.15 -11.42 -15.02
CA ARG A 169 17.67 -11.51 -16.38
C ARG A 169 16.57 -11.43 -17.43
N ASN A 170 15.45 -12.12 -17.19
CA ASN A 170 14.34 -12.08 -18.13
C ASN A 170 13.56 -10.75 -18.17
N ILE A 171 13.57 -9.99 -17.09
CA ILE A 171 12.70 -8.82 -16.99
C ILE A 171 13.22 -7.74 -17.94
N LEU A 172 14.54 -7.76 -18.19
CA LEU A 172 15.20 -6.88 -19.17
C LEU A 172 14.63 -6.94 -20.58
N ASN A 173 13.94 -8.03 -20.91
CA ASN A 173 13.12 -8.07 -22.09
C ASN A 173 12.24 -6.81 -22.09
N VAL A 174 11.45 -6.65 -21.03
CA VAL A 174 10.47 -5.56 -20.91
C VAL A 174 11.13 -4.20 -20.90
N CYS A 175 12.25 -4.11 -20.21
CA CYS A 175 12.97 -2.85 -20.08
C CYS A 175 13.48 -2.31 -21.41
N LYS A 176 14.02 -3.20 -22.23
CA LYS A 176 14.56 -2.82 -23.53
C LYS A 176 13.44 -2.46 -24.49
N GLU A 177 12.32 -3.18 -24.42
CA GLU A 177 11.15 -2.85 -25.23
C GLU A 177 10.57 -1.46 -25.00
N ALA A 178 10.64 -0.98 -23.77
CA ALA A 178 10.13 0.35 -23.44
C ALA A 178 11.11 1.40 -23.92
N VAL A 179 12.39 1.16 -23.71
CA VAL A 179 13.42 2.10 -24.18
C VAL A 179 13.38 2.22 -25.72
N ASP A 180 12.97 1.16 -26.41
CA ASP A 180 12.76 1.20 -27.85
C ASP A 180 11.68 2.22 -28.22
N LEU A 181 10.54 2.12 -27.54
CA LEU A 181 9.42 3.05 -27.77
C LEU A 181 9.75 4.52 -27.47
N ARG A 182 10.68 4.76 -26.55
CA ARG A 182 11.11 6.12 -26.21
C ARG A 182 11.84 6.87 -27.33
N ASP A 183 12.88 6.26 -27.89
CA ASP A 183 13.73 6.93 -28.90
C ASP A 183 13.28 6.52 -30.30
N LEU A 184 11.95 6.54 -30.49
CA LEU A 184 11.29 6.06 -31.70
C LEU A 184 11.06 7.21 -32.71
N ASN A 185 10.42 8.28 -32.24
CA ASN A 185 10.37 9.56 -32.97
C ASN A 185 11.01 10.67 -32.13
N SER A 186 12.17 10.35 -31.54
CA SER A 186 12.89 11.29 -30.68
C SER A 186 13.35 12.50 -31.55
N PRO A 187 13.36 13.73 -31.04
CA PRO A 187 13.28 14.06 -29.63
C PRO A 187 11.85 14.27 -29.11
N HIS A 188 10.86 14.17 -29.99
CA HIS A 188 9.48 14.41 -29.60
C HIS A 188 9.05 13.31 -28.66
N SER A 189 9.31 12.07 -29.02
CA SER A 189 8.86 10.94 -28.20
C SER A 189 9.54 10.95 -26.83
N ARG A 190 10.80 11.38 -26.78
CA ARG A 190 11.50 11.51 -25.50
C ARG A 190 10.78 12.49 -24.60
N ALA A 191 10.43 13.67 -25.12
CA ALA A 191 9.59 14.61 -24.36
C ALA A 191 8.25 13.97 -24.03
N MET A 192 7.67 13.26 -24.97
CA MET A 192 6.46 12.48 -24.71
C MET A 192 6.57 11.49 -23.48
N TYR A 193 7.73 10.88 -23.28
CA TYR A 193 7.97 10.02 -22.11
C TYR A 193 7.97 10.90 -20.88
N VAL A 194 8.88 11.88 -20.87
CA VAL A 194 9.17 12.71 -19.70
C VAL A 194 7.98 13.52 -19.21
N TYR A 195 7.30 14.15 -20.16
CA TYR A 195 6.27 15.13 -19.88
C TYR A 195 4.99 14.70 -20.57
N PRO A 196 4.45 13.55 -20.17
CA PRO A 196 3.21 13.12 -20.81
C PRO A 196 2.11 14.14 -20.66
N PRO A 197 1.15 14.14 -21.58
CA PRO A 197 0.10 15.11 -21.48
C PRO A 197 -0.83 14.76 -20.31
N ASN A 198 -0.91 15.64 -19.31
CA ASN A 198 -1.80 15.45 -18.17
C ASN A 198 -3.22 15.84 -18.54
N VAL A 199 -4.07 14.82 -18.63
CA VAL A 199 -5.27 14.84 -19.45
C VAL A 199 -6.35 13.96 -18.84
N GLU A 200 -7.60 14.43 -18.83
CA GLU A 200 -8.74 13.64 -18.33
C GLU A 200 -8.99 12.52 -19.31
N SER A 201 -9.74 11.50 -18.89
CA SER A 201 -9.96 10.34 -19.75
C SER A 201 -10.91 10.66 -20.92
N SER A 202 -12.01 11.35 -20.60
CA SER A 202 -13.03 11.75 -21.59
C SER A 202 -12.75 13.14 -22.18
N PRO A 203 -13.00 13.31 -23.50
CA PRO A 203 -12.99 14.66 -24.11
C PRO A 203 -14.32 15.36 -23.88
N GLU A 204 -15.43 14.64 -24.07
CA GLU A 204 -16.77 15.04 -23.64
C GLU A 204 -16.78 15.81 -22.31
N LEU A 205 -17.50 16.93 -22.28
CA LEU A 205 -17.56 17.80 -21.11
C LEU A 205 -18.89 17.56 -20.38
N PRO A 206 -18.85 17.51 -19.03
CA PRO A 206 -20.08 17.54 -18.24
C PRO A 206 -20.85 18.85 -18.44
N LYS A 207 -22.16 18.79 -18.23
CA LYS A 207 -23.02 19.92 -18.57
C LYS A 207 -22.81 21.15 -17.71
N HIS A 208 -22.30 20.97 -16.48
CA HIS A 208 -22.01 22.08 -15.55
C HIS A 208 -20.65 22.77 -15.79
N ILE A 209 -19.76 22.11 -16.53
CA ILE A 209 -18.56 22.77 -17.02
C ILE A 209 -19.01 23.55 -18.24
N TYR A 210 -19.58 22.86 -19.25
CA TYR A 210 -19.99 23.47 -20.55
C TYR A 210 -20.68 24.83 -20.41
N ASN A 211 -21.50 24.97 -19.36
CA ASN A 211 -22.22 26.21 -19.09
C ASN A 211 -21.36 27.36 -18.55
N LYS A 212 -20.10 27.09 -18.17
CA LYS A 212 -19.18 28.13 -17.68
C LYS A 212 -18.43 28.86 -18.78
N LEU A 213 -18.74 28.60 -20.06
CA LEU A 213 -17.90 29.08 -21.18
C LEU A 213 -18.64 29.72 -22.37
N ASP A 214 -19.85 30.21 -22.22
CA ASP A 214 -20.64 30.71 -23.38
C ASP A 214 -20.49 29.91 -24.72
N LYS A 215 -21.23 28.81 -24.79
CA LYS A 215 -21.24 27.93 -25.97
C LYS A 215 -19.81 27.58 -26.38
N GLY A 216 -19.09 27.03 -25.40
CA GLY A 216 -17.76 26.48 -25.60
C GLY A 216 -16.61 27.38 -26.01
N GLN A 217 -16.39 28.48 -25.28
CA GLN A 217 -15.25 29.34 -25.52
C GLN A 217 -14.60 29.87 -24.25
N ILE A 218 -13.26 29.90 -24.23
CA ILE A 218 -12.48 30.26 -23.05
C ILE A 218 -11.51 31.37 -23.38
N ILE A 219 -11.42 32.38 -22.54
CA ILE A 219 -10.35 33.35 -22.68
C ILE A 219 -9.11 32.72 -22.07
N VAL A 220 -8.09 32.51 -22.90
CA VAL A 220 -6.80 31.94 -22.53
C VAL A 220 -5.82 33.11 -22.45
N VAL A 221 -4.60 32.87 -22.00
CA VAL A 221 -3.56 33.87 -22.06
C VAL A 221 -2.24 33.25 -22.45
N ILE A 222 -1.86 33.35 -23.72
CA ILE A 222 -0.56 32.85 -24.15
C ILE A 222 0.53 33.87 -23.84
N TRP A 223 1.60 33.43 -23.21
CA TRP A 223 2.70 34.30 -22.86
C TRP A 223 3.88 33.93 -23.70
N VAL A 224 4.78 34.90 -23.87
CA VAL A 224 5.99 34.71 -24.69
C VAL A 224 7.14 35.51 -24.09
N ILE A 225 8.37 35.16 -24.45
CA ILE A 225 9.59 35.89 -24.07
C ILE A 225 10.38 36.24 -25.36
N VAL A 226 11.04 37.42 -25.41
CA VAL A 226 11.83 37.84 -26.61
C VAL A 226 13.32 38.27 -26.40
N SER A 227 13.63 39.19 -25.47
CA SER A 227 15.05 39.66 -25.24
C SER A 227 15.31 40.64 -24.03
N PRO A 228 16.25 40.34 -23.10
CA PRO A 228 17.10 39.12 -23.08
C PRO A 228 16.31 37.89 -22.63
N ASN A 229 15.72 37.97 -21.45
CA ASN A 229 14.57 37.14 -21.08
C ASN A 229 13.52 38.07 -20.47
N ASN A 230 13.78 38.52 -19.24
CA ASN A 230 12.97 39.51 -18.50
C ASN A 230 11.53 39.75 -19.01
N ASP A 231 11.36 40.64 -19.99
CA ASP A 231 10.00 41.08 -20.39
C ASP A 231 9.26 39.99 -21.18
N LYS A 232 7.99 39.84 -20.84
CA LYS A 232 7.10 38.85 -21.40
C LYS A 232 5.88 39.57 -21.91
N GLN A 233 5.08 38.92 -22.72
CA GLN A 233 3.89 39.56 -23.25
C GLN A 233 2.68 38.65 -23.32
N LYS A 234 1.60 39.14 -22.70
CA LYS A 234 0.28 38.53 -22.76
C LYS A 234 -0.15 38.43 -24.21
N TYR A 235 -1.05 37.51 -24.52
CA TYR A 235 -1.71 37.45 -25.84
C TYR A 235 -3.05 36.76 -25.66
N THR A 236 -4.05 37.55 -25.26
CA THR A 236 -5.22 37.04 -24.55
C THR A 236 -6.31 36.50 -25.46
N LEU A 237 -6.07 35.29 -26.01
CA LEU A 237 -7.00 34.62 -26.95
C LEU A 237 -8.40 34.35 -26.40
N LYS A 238 -9.32 34.01 -27.29
CA LYS A 238 -10.65 33.57 -26.87
C LYS A 238 -11.10 32.43 -27.77
N ILE A 239 -10.40 31.31 -27.60
CA ILE A 239 -10.51 30.17 -28.51
C ILE A 239 -11.56 29.18 -28.02
N ASN A 240 -11.87 28.19 -28.84
CA ASN A 240 -12.84 27.15 -28.45
C ASN A 240 -12.31 26.18 -27.38
N HIS A 241 -13.23 25.65 -26.58
CA HIS A 241 -12.87 24.67 -25.56
C HIS A 241 -12.27 23.42 -26.25
N ASP A 242 -12.94 22.94 -27.28
CA ASP A 242 -12.49 21.74 -27.99
C ASP A 242 -11.52 22.03 -29.16
N CYS A 243 -10.67 23.05 -29.03
CA CYS A 243 -9.64 23.30 -30.03
C CYS A 243 -8.27 22.85 -29.46
N VAL A 244 -7.39 22.39 -30.35
CA VAL A 244 -6.16 21.67 -29.97
C VAL A 244 -4.96 22.60 -29.80
N PRO A 245 -3.91 22.17 -29.06
CA PRO A 245 -2.75 23.03 -28.80
C PRO A 245 -2.21 23.73 -30.04
N GLU A 246 -2.15 23.01 -31.15
CA GLU A 246 -1.62 23.55 -32.40
C GLU A 246 -2.37 24.80 -32.88
N GLN A 247 -3.71 24.73 -32.87
CA GLN A 247 -4.55 25.88 -33.24
C GLN A 247 -4.36 27.06 -32.29
N VAL A 248 -4.17 26.74 -31.01
CA VAL A 248 -3.98 27.74 -29.98
C VAL A 248 -2.60 28.38 -30.17
N ILE A 249 -1.62 27.58 -30.57
CA ILE A 249 -0.26 28.10 -30.86
C ILE A 249 -0.28 29.08 -32.07
N ALA A 250 -1.06 28.75 -33.10
CA ALA A 250 -1.20 29.61 -34.28
C ALA A 250 -1.79 30.97 -33.92
N GLU A 251 -3.00 30.97 -33.33
CA GLU A 251 -3.72 32.22 -33.01
C GLU A 251 -2.89 33.17 -32.15
N ALA A 252 -2.09 32.61 -31.26
CA ALA A 252 -1.16 33.37 -30.47
C ALA A 252 -0.13 34.01 -31.37
N ILE A 253 0.43 33.24 -32.30
CA ILE A 253 1.45 33.77 -33.20
C ILE A 253 0.82 34.70 -34.24
N ARG A 254 -0.42 34.43 -34.65
CA ARG A 254 -1.16 35.37 -35.49
C ARG A 254 -1.12 36.71 -34.79
N LYS A 255 -1.74 36.77 -33.61
CA LYS A 255 -1.89 38.03 -32.90
C LYS A 255 -0.53 38.63 -32.49
N LYS A 256 0.45 37.78 -32.18
CA LYS A 256 1.82 38.23 -31.94
C LYS A 256 2.30 39.07 -33.13
N THR A 257 2.11 38.52 -34.34
CA THR A 257 2.73 39.01 -35.58
C THR A 257 1.73 39.44 -36.68
N ARG A 258 0.55 39.95 -36.31
CA ARG A 258 -0.20 40.86 -37.21
C ARG A 258 0.61 42.14 -37.19
N SER A 259 0.53 42.94 -38.25
CA SER A 259 1.24 44.22 -38.30
C SER A 259 0.70 45.11 -39.37
N MET A 260 1.01 46.40 -39.25
CA MET A 260 0.70 47.37 -40.31
C MET A 260 1.71 47.30 -41.46
N LEU A 261 2.83 46.61 -41.26
CA LEU A 261 3.76 46.37 -42.35
C LEU A 261 3.64 44.93 -42.84
N LEU A 262 2.43 44.38 -42.96
CA LEU A 262 2.26 42.96 -43.31
C LEU A 262 0.89 42.63 -43.86
N SER A 263 0.81 42.28 -45.13
CA SER A 263 -0.47 41.90 -45.77
C SER A 263 -0.95 40.63 -45.15
N SER A 264 -2.23 40.31 -45.32
CA SER A 264 -2.70 39.05 -44.75
C SER A 264 -1.95 37.84 -45.35
N GLU A 265 -1.88 37.77 -46.68
CA GLU A 265 -1.05 36.77 -47.37
C GLU A 265 0.38 36.66 -46.79
N GLN A 266 0.98 37.80 -46.45
CA GLN A 266 2.30 37.82 -45.80
C GLN A 266 2.27 37.34 -44.34
N LEU A 267 1.13 37.43 -43.67
CA LEU A 267 0.98 36.92 -42.31
C LEU A 267 0.87 35.41 -42.35
N LYS A 268 -0.09 34.90 -43.13
CA LYS A 268 -0.28 33.43 -43.30
C LYS A 268 1.00 32.62 -43.49
N LEU A 269 1.94 33.19 -44.24
CA LEU A 269 3.25 32.58 -44.44
C LEU A 269 4.13 32.68 -43.18
N CYS A 270 4.12 33.83 -42.50
CA CYS A 270 4.83 34.00 -41.22
C CYS A 270 4.20 33.21 -40.07
N VAL A 271 2.94 32.79 -40.22
CA VAL A 271 2.32 31.84 -39.29
C VAL A 271 2.99 30.50 -39.49
N LEU A 272 2.85 29.98 -40.70
CA LEU A 272 3.26 28.61 -41.01
C LEU A 272 4.70 28.31 -40.59
N GLU A 273 5.65 29.13 -41.05
CA GLU A 273 7.05 28.99 -40.64
C GLU A 273 7.15 28.92 -39.11
N TYR A 274 6.75 29.99 -38.44
CA TYR A 274 6.80 30.05 -36.96
C TYR A 274 6.04 28.93 -36.21
N GLN A 275 4.79 28.68 -36.58
CA GLN A 275 3.82 27.89 -35.79
C GLN A 275 4.40 26.64 -35.08
N GLY A 276 4.77 25.62 -35.85
CA GLY A 276 5.28 24.35 -35.32
C GLY A 276 6.75 24.35 -34.89
N LYS A 277 7.32 25.51 -34.58
CA LYS A 277 8.60 25.60 -33.90
C LYS A 277 8.37 25.75 -32.41
N TYR A 278 7.12 25.95 -32.02
CA TYR A 278 6.77 26.16 -30.63
C TYR A 278 5.87 25.03 -30.11
N ILE A 279 5.93 24.79 -28.80
CA ILE A 279 4.87 24.07 -28.03
C ILE A 279 4.48 24.76 -26.74
N LEU A 280 3.28 24.41 -26.26
CA LEU A 280 2.66 25.03 -25.08
C LEU A 280 3.06 24.44 -23.72
N LYS A 281 3.47 25.33 -22.82
CA LYS A 281 3.76 25.01 -21.42
C LYS A 281 2.61 25.53 -20.57
N VAL A 282 2.46 25.02 -19.36
CA VAL A 282 1.65 25.71 -18.35
C VAL A 282 2.59 26.62 -17.60
N CYS A 283 2.20 27.88 -17.43
CA CYS A 283 3.01 28.82 -16.68
C CYS A 283 3.02 28.34 -15.22
N GLY A 284 4.22 28.25 -14.65
CA GLY A 284 4.38 27.90 -13.23
C GLY A 284 4.72 26.46 -12.85
N CYS A 285 4.71 25.55 -13.81
CA CYS A 285 5.03 24.14 -13.54
C CYS A 285 5.41 23.40 -14.84
N ASP A 286 6.21 22.35 -14.74
CA ASP A 286 6.63 21.62 -15.92
C ASP A 286 5.55 20.64 -16.31
N GLU A 287 4.51 21.20 -16.91
CA GLU A 287 3.48 20.46 -17.62
C GLU A 287 3.51 21.03 -19.04
N TYR A 288 3.13 20.22 -20.02
CA TYR A 288 3.09 20.67 -21.43
C TYR A 288 1.91 20.06 -22.16
N PHE A 289 1.58 20.66 -23.31
CA PHE A 289 0.44 20.25 -24.13
C PHE A 289 0.91 19.63 -25.43
N LEU A 290 1.46 18.44 -25.31
CA LEU A 290 2.23 17.89 -26.40
C LEU A 290 1.46 17.10 -27.43
N GLU A 291 0.16 16.80 -27.24
CA GLU A 291 -0.55 16.12 -28.34
C GLU A 291 -1.98 16.57 -28.57
N LYS A 292 -2.51 16.16 -29.74
CA LYS A 292 -3.88 16.50 -30.19
C LYS A 292 -4.92 16.02 -29.20
N TYR A 293 -5.36 16.97 -28.41
CA TYR A 293 -6.31 16.74 -27.39
C TYR A 293 -7.05 18.05 -27.31
N PRO A 294 -8.37 18.00 -27.37
CA PRO A 294 -9.13 19.15 -26.90
C PRO A 294 -8.50 19.87 -25.70
N LEU A 295 -8.21 21.18 -25.80
CA LEU A 295 -7.66 21.91 -24.65
C LEU A 295 -8.36 21.58 -23.34
N SER A 296 -9.69 21.49 -23.40
CA SER A 296 -10.53 21.09 -22.25
C SER A 296 -10.17 19.76 -21.62
N GLN A 297 -9.76 18.82 -22.47
CA GLN A 297 -9.28 17.52 -22.01
C GLN A 297 -7.98 17.54 -21.18
N TYR A 298 -7.13 18.56 -21.35
CA TYR A 298 -5.99 18.74 -20.42
C TYR A 298 -6.46 19.15 -19.04
N LYS A 299 -5.87 18.58 -18.01
CA LYS A 299 -6.44 18.76 -16.69
C LYS A 299 -6.35 20.21 -16.25
N TYR A 300 -5.25 20.87 -16.57
CA TYR A 300 -5.07 22.30 -16.20
C TYR A 300 -6.16 23.26 -16.72
N ILE A 301 -6.64 23.00 -17.92
CA ILE A 301 -7.66 23.82 -18.52
C ILE A 301 -8.93 23.56 -17.72
N ARG A 302 -9.36 22.31 -17.70
CA ARG A 302 -10.60 21.93 -17.01
C ARG A 302 -10.67 22.43 -15.54
N SER A 303 -9.54 22.48 -14.84
CA SER A 303 -9.49 23.07 -13.50
C SER A 303 -9.64 24.58 -13.53
N CYS A 304 -9.01 25.23 -14.51
CA CYS A 304 -9.14 26.67 -14.71
C CYS A 304 -10.60 27.07 -15.01
N ILE A 305 -11.33 26.22 -15.71
CA ILE A 305 -12.75 26.47 -15.93
C ILE A 305 -13.45 26.46 -14.57
N MET A 306 -13.34 25.34 -13.85
CA MET A 306 -14.06 25.09 -12.60
C MET A 306 -13.80 26.14 -11.53
N LEU A 307 -12.53 26.49 -11.39
CA LEU A 307 -12.08 27.47 -10.40
C LEU A 307 -12.33 28.93 -10.80
N GLY A 308 -12.86 29.14 -12.01
CA GLY A 308 -13.16 30.48 -12.51
C GLY A 308 -11.87 31.21 -12.79
N ARG A 309 -10.99 30.52 -13.52
CA ARG A 309 -9.66 31.04 -13.80
C ARG A 309 -9.30 30.97 -15.29
N MET A 310 -8.28 31.77 -15.61
CA MET A 310 -7.91 32.06 -16.97
C MET A 310 -6.59 31.35 -17.16
N PRO A 311 -6.56 30.33 -18.03
CA PRO A 311 -5.35 29.53 -18.18
C PRO A 311 -4.18 30.39 -18.62
N ASN A 312 -3.08 30.29 -17.91
CA ASN A 312 -1.83 30.95 -18.32
C ASN A 312 -0.80 29.92 -18.80
N LEU A 313 -0.79 29.79 -20.13
CA LEU A 313 0.09 28.93 -20.87
C LEU A 313 1.25 29.78 -21.34
N MET A 314 2.32 29.13 -21.78
CA MET A 314 3.50 29.80 -22.29
C MET A 314 3.79 29.22 -23.66
N LEU A 315 4.20 30.05 -24.60
CA LEU A 315 4.72 29.53 -25.87
C LEU A 315 6.19 29.27 -25.65
N MET A 316 6.57 28.03 -25.93
CA MET A 316 7.90 27.52 -25.70
C MET A 316 8.42 26.94 -27.01
N ALA A 317 9.64 27.34 -27.37
CA ALA A 317 10.37 26.78 -28.51
C ALA A 317 10.69 25.29 -28.27
N LYS A 318 10.38 24.45 -29.25
CA LYS A 318 10.72 23.03 -29.12
C LYS A 318 12.19 22.77 -28.86
N GLU A 319 13.09 23.61 -29.35
CA GLU A 319 14.51 23.38 -29.15
C GLU A 319 14.98 23.81 -27.77
N SER A 320 14.44 24.87 -27.21
CA SER A 320 14.74 25.19 -25.82
C SER A 320 14.14 24.11 -24.89
N LEU A 321 13.12 23.39 -25.37
CA LEU A 321 12.63 22.19 -24.65
C LEU A 321 13.55 20.99 -24.85
N TYR A 322 13.72 20.53 -26.09
CA TYR A 322 14.65 19.42 -26.38
C TYR A 322 16.13 19.72 -25.97
N SER A 323 16.44 20.97 -25.62
CA SER A 323 17.64 21.28 -24.83
C SER A 323 17.63 20.54 -23.49
N GLN A 324 16.54 20.70 -22.74
CA GLN A 324 16.40 20.17 -21.36
C GLN A 324 16.15 18.66 -21.20
N LEU A 325 16.00 17.91 -22.29
CA LEU A 325 15.91 16.45 -22.21
C LEU A 325 17.28 15.88 -22.54
N PRO A 326 17.88 15.12 -21.61
CA PRO A 326 19.14 14.47 -21.98
C PRO A 326 18.85 13.10 -22.57
N MET A 327 19.88 12.35 -22.96
CA MET A 327 19.66 11.05 -23.57
C MET A 327 19.44 9.98 -22.50
N ASP A 328 18.62 9.00 -22.87
CA ASP A 328 18.24 7.87 -22.01
C ASP A 328 19.40 6.93 -21.68
N CYS A 329 20.33 6.79 -22.62
CA CYS A 329 21.57 6.02 -22.45
C CYS A 329 21.43 4.61 -21.81
N PHE A 330 20.35 3.89 -22.12
CA PHE A 330 20.12 2.54 -21.55
C PHE A 330 21.19 1.51 -21.89
N THR A 331 21.50 0.65 -20.92
CA THR A 331 22.55 -0.36 -21.06
C THR A 331 22.10 -1.68 -20.43
N MET A 332 22.36 -2.79 -21.12
CA MET A 332 22.21 -4.11 -20.53
C MET A 332 23.25 -4.26 -19.42
N PRO A 333 22.82 -4.72 -18.26
CA PRO A 333 23.72 -4.78 -17.13
C PRO A 333 24.73 -5.90 -17.24
N SER A 334 25.64 -5.89 -16.27
CA SER A 334 26.66 -6.91 -16.10
C SER A 334 26.13 -8.33 -16.25
N TYR A 335 24.98 -8.59 -15.64
CA TYR A 335 24.38 -9.93 -15.63
C TYR A 335 23.68 -10.26 -16.98
N SER A 336 24.46 -10.24 -18.06
CA SER A 336 23.96 -10.45 -19.44
C SER A 336 22.78 -9.52 -19.77
N GLY A 348 13.75 -29.78 -18.91
CA GLY A 348 14.79 -29.85 -17.89
C GLY A 348 15.33 -31.25 -17.70
N GLU A 349 14.45 -32.18 -17.31
CA GLU A 349 14.80 -33.59 -17.04
C GLU A 349 14.18 -34.56 -18.08
N THR A 350 14.66 -34.48 -19.33
CA THR A 350 14.24 -35.37 -20.46
C THR A 350 12.72 -35.52 -20.70
N SER A 351 12.00 -34.39 -20.67
CA SER A 351 10.51 -34.34 -20.71
C SER A 351 9.81 -34.89 -19.43
N THR A 352 10.55 -34.98 -18.31
CA THR A 352 10.01 -34.94 -16.94
C THR A 352 9.05 -36.10 -16.56
N LYS A 353 7.79 -35.81 -16.23
CA LYS A 353 6.71 -36.82 -16.06
C LYS A 353 5.39 -36.16 -15.58
N SER A 354 4.57 -35.70 -16.55
CA SER A 354 3.29 -34.95 -16.34
C SER A 354 2.46 -35.27 -15.08
N LEU A 355 2.10 -34.25 -14.34
CA LEU A 355 1.31 -34.41 -13.11
C LEU A 355 0.15 -35.36 -13.25
N TRP A 356 -0.39 -35.49 -14.47
CA TRP A 356 -1.55 -36.36 -14.71
C TRP A 356 -1.25 -37.90 -14.79
N VAL A 357 -0.01 -38.23 -15.13
CA VAL A 357 0.50 -39.60 -14.95
C VAL A 357 0.43 -40.02 -13.47
N ILE A 358 0.82 -39.11 -12.56
CA ILE A 358 1.03 -39.44 -11.14
C ILE A 358 -0.27 -39.95 -10.49
N ASN A 359 -0.19 -41.19 -10.02
CA ASN A 359 -1.34 -41.89 -9.51
C ASN A 359 -1.17 -42.07 -8.01
N SER A 360 -1.52 -41.01 -7.27
CA SER A 360 -1.54 -41.05 -5.80
C SER A 360 -2.29 -39.84 -5.20
N ALA A 361 -2.62 -39.93 -3.93
CA ALA A 361 -3.21 -38.80 -3.21
C ALA A 361 -2.09 -37.86 -2.81
N LEU A 362 -2.46 -36.69 -2.32
CA LEU A 362 -1.46 -35.79 -1.78
C LEU A 362 -1.19 -36.18 -0.36
N ARG A 363 0.09 -36.27 -0.06
CA ARG A 363 0.51 -36.37 1.30
C ARG A 363 1.81 -35.63 1.52
N ILE A 364 1.86 -34.98 2.67
CA ILE A 364 2.94 -34.07 2.99
C ILE A 364 3.42 -34.44 4.38
N LYS A 365 4.69 -34.80 4.50
CA LYS A 365 5.28 -35.14 5.77
C LYS A 365 5.65 -33.87 6.55
N ILE A 366 5.02 -33.70 7.71
CA ILE A 366 5.46 -32.71 8.69
C ILE A 366 6.66 -33.35 9.43
N LEU A 367 7.61 -32.54 9.89
CA LEU A 367 8.76 -33.04 10.69
C LEU A 367 8.85 -32.40 12.09
N CYS A 368 9.46 -31.21 12.19
CA CYS A 368 9.74 -30.61 13.50
C CYS A 368 9.80 -29.10 13.40
N ALA A 369 9.14 -28.44 14.34
CA ALA A 369 9.27 -27.00 14.51
C ALA A 369 10.28 -26.80 15.61
N THR A 370 11.16 -25.83 15.43
CA THR A 370 12.34 -25.70 16.26
C THR A 370 12.18 -24.58 17.30
N TYR A 371 11.74 -23.39 16.88
CA TYR A 371 11.91 -22.16 17.67
C TYR A 371 10.60 -21.60 18.24
N VAL A 372 9.76 -22.49 18.77
CA VAL A 372 8.39 -22.15 19.17
C VAL A 372 8.31 -21.63 20.62
N ASN A 373 7.93 -20.35 20.79
CA ASN A 373 7.98 -19.64 22.08
C ASN A 373 6.62 -19.67 22.79
N VAL A 374 6.44 -20.60 23.73
CA VAL A 374 5.15 -20.82 24.40
C VAL A 374 5.34 -21.13 25.88
N ASN A 375 4.45 -20.58 26.72
CA ASN A 375 4.41 -20.90 28.17
C ASN A 375 3.87 -22.30 28.42
N ILE A 376 4.70 -23.22 28.92
CA ILE A 376 4.26 -24.60 29.18
C ILE A 376 3.23 -24.63 30.33
N ARG A 377 3.23 -23.58 31.16
CA ARG A 377 2.20 -23.36 32.17
C ARG A 377 0.84 -23.06 31.54
N ASP A 378 0.86 -22.15 30.57
CA ASP A 378 -0.36 -21.61 29.97
C ASP A 378 -0.99 -22.62 28.99
N ILE A 379 -0.20 -23.03 27.99
CA ILE A 379 -0.68 -23.85 26.88
C ILE A 379 -0.45 -25.33 27.19
N ASP A 380 -1.50 -26.16 27.01
CA ASP A 380 -1.36 -27.62 27.16
C ASP A 380 -0.53 -28.16 26.01
N LYS A 381 -1.14 -28.23 24.83
CA LYS A 381 -0.60 -28.99 23.72
C LYS A 381 -0.68 -28.22 22.44
N ILE A 382 0.24 -28.52 21.51
CA ILE A 382 0.33 -27.78 20.26
C ILE A 382 0.56 -28.69 19.05
N TYR A 383 -0.06 -28.30 17.94
CA TYR A 383 -0.13 -29.09 16.71
C TYR A 383 0.02 -28.24 15.47
N VAL A 384 0.40 -28.87 14.35
CA VAL A 384 0.40 -28.22 13.02
C VAL A 384 -0.88 -28.46 12.25
N ARG A 385 -1.66 -27.42 12.08
CA ARG A 385 -2.77 -27.45 11.16
C ARG A 385 -2.17 -27.31 9.76
N THR A 386 -2.83 -27.89 8.77
CA THR A 386 -2.45 -27.78 7.34
C THR A 386 -3.73 -27.67 6.48
N GLY A 387 -3.55 -27.65 5.17
CA GLY A 387 -4.67 -27.57 4.20
C GLY A 387 -4.09 -27.19 2.85
N ILE A 388 -4.79 -27.51 1.78
CA ILE A 388 -4.38 -27.04 0.47
C ILE A 388 -5.35 -25.93 0.09
N TYR A 389 -4.89 -24.91 -0.67
CA TYR A 389 -5.75 -23.80 -1.09
C TYR A 389 -5.63 -23.37 -2.57
N HIS A 390 -6.59 -22.51 -2.96
CA HIS A 390 -6.61 -21.74 -4.21
C HIS A 390 -7.15 -20.27 -3.91
N GLY A 391 -6.87 -19.70 -2.72
CA GLY A 391 -7.74 -18.63 -2.13
C GLY A 391 -8.81 -19.24 -1.17
N GLY A 392 -9.74 -20.06 -1.68
CA GLY A 392 -10.51 -21.06 -0.87
C GLY A 392 -9.94 -22.49 -1.06
N GLU A 393 -10.33 -23.47 -0.23
CA GLU A 393 -9.60 -24.79 -0.16
C GLU A 393 -10.13 -26.00 -1.00
N PRO A 394 -9.24 -26.74 -1.77
CA PRO A 394 -9.78 -27.86 -2.55
C PRO A 394 -9.96 -29.23 -1.84
N LEU A 395 -9.95 -29.28 -0.49
CA LEU A 395 -10.28 -30.51 0.27
C LEU A 395 -10.48 -30.25 1.76
N CYS A 396 -10.95 -31.26 2.49
CA CYS A 396 -11.12 -31.16 3.94
C CYS A 396 -9.80 -30.75 4.60
N ASP A 397 -9.89 -29.80 5.50
CA ASP A 397 -8.73 -29.26 6.16
C ASP A 397 -8.26 -30.27 7.18
N ASN A 398 -6.97 -30.56 7.19
CA ASN A 398 -6.45 -31.47 8.21
C ASN A 398 -5.25 -30.94 9.03
N VAL A 399 -4.95 -31.68 10.09
CA VAL A 399 -4.01 -31.28 11.10
C VAL A 399 -3.04 -32.44 11.28
N ASN A 400 -2.25 -32.39 12.34
CA ASN A 400 -1.58 -33.58 12.85
C ASN A 400 -1.86 -33.70 14.33
N THR A 401 -1.52 -34.84 14.92
CA THR A 401 -1.85 -35.12 16.33
C THR A 401 -1.11 -34.14 17.26
N GLN A 402 -1.52 -34.11 18.54
CA GLN A 402 -1.10 -33.07 19.51
C GLN A 402 0.25 -33.41 20.20
N ARG A 403 1.15 -34.04 19.43
CA ARG A 403 2.30 -34.75 19.98
C ARG A 403 3.46 -33.81 20.37
N VAL A 404 4.32 -34.36 21.24
CA VAL A 404 5.46 -33.69 21.94
C VAL A 404 5.19 -32.24 22.35
N PRO A 405 4.00 -31.99 22.93
CA PRO A 405 3.44 -30.65 23.08
C PRO A 405 4.35 -29.68 23.85
N CYS A 406 4.69 -28.57 23.20
CA CYS A 406 5.45 -27.46 23.78
C CYS A 406 6.96 -27.74 23.91
N SER A 407 7.41 -28.48 24.91
CA SER A 407 8.85 -28.74 25.04
C SER A 407 9.28 -29.53 23.81
N ASN A 408 10.12 -28.92 22.98
CA ASN A 408 10.70 -29.52 21.76
C ASN A 408 9.69 -30.33 20.89
N PRO A 409 8.78 -29.62 20.17
CA PRO A 409 7.66 -30.25 19.46
C PRO A 409 8.01 -30.85 18.10
N ARG A 410 7.61 -32.10 17.89
CA ARG A 410 8.09 -32.94 16.82
C ARG A 410 6.98 -33.91 16.47
N TRP A 411 6.65 -34.02 15.19
CA TRP A 411 5.72 -35.03 14.68
C TRP A 411 6.32 -35.48 13.37
N ASN A 412 6.59 -36.76 13.22
CA ASN A 412 7.08 -37.26 11.95
C ASN A 412 5.94 -38.03 11.31
N GLU A 413 4.90 -37.28 10.95
CA GLU A 413 3.68 -37.81 10.35
C GLU A 413 3.59 -37.47 8.86
N TRP A 414 3.07 -38.42 8.07
CA TRP A 414 2.58 -38.14 6.72
C TRP A 414 1.12 -37.76 6.87
N LEU A 415 0.78 -36.52 6.53
CA LEU A 415 -0.61 -36.09 6.51
C LEU A 415 -1.20 -36.45 5.15
N ASN A 416 -2.44 -36.95 5.16
CA ASN A 416 -3.10 -37.47 3.96
C ASN A 416 -4.30 -36.59 3.54
N TYR A 417 -4.14 -35.87 2.43
CA TYR A 417 -5.14 -34.93 1.91
C TYR A 417 -5.90 -35.62 0.81
N ASP A 418 -7.22 -35.72 0.97
CA ASP A 418 -8.07 -36.39 -0.02
C ASP A 418 -8.26 -35.53 -1.28
N ILE A 419 -7.24 -35.53 -2.14
CA ILE A 419 -7.30 -34.99 -3.49
C ILE A 419 -6.30 -35.80 -4.31
N TYR A 420 -6.64 -36.17 -5.55
CA TYR A 420 -5.66 -36.88 -6.36
C TYR A 420 -4.63 -35.87 -6.87
N ILE A 421 -3.37 -36.28 -6.94
CA ILE A 421 -2.33 -35.41 -7.42
C ILE A 421 -2.67 -34.76 -8.78
N PRO A 422 -3.31 -35.48 -9.71
CA PRO A 422 -3.65 -34.82 -10.98
C PRO A 422 -4.67 -33.65 -10.89
N ASP A 423 -5.57 -33.72 -9.91
CA ASP A 423 -6.57 -32.67 -9.66
C ASP A 423 -6.05 -31.47 -8.89
N LEU A 424 -4.75 -31.41 -8.60
CA LEU A 424 -4.11 -30.16 -8.22
C LEU A 424 -4.17 -29.19 -9.41
N PRO A 425 -4.60 -27.94 -9.12
CA PRO A 425 -4.57 -26.87 -10.10
C PRO A 425 -3.23 -26.14 -10.06
N ARG A 426 -2.85 -25.50 -11.15
CA ARG A 426 -1.53 -24.88 -11.27
C ARG A 426 -1.13 -24.02 -10.11
N ALA A 427 -2.12 -23.28 -9.62
CA ALA A 427 -1.89 -22.29 -8.57
C ALA A 427 -2.14 -22.86 -7.16
N ALA A 428 -1.95 -24.15 -6.97
CA ALA A 428 -2.27 -24.74 -5.71
C ALA A 428 -1.17 -24.36 -4.74
N ARG A 429 -1.58 -24.17 -3.47
CA ARG A 429 -0.67 -23.78 -2.39
C ARG A 429 -1.08 -24.48 -1.08
N LEU A 430 -0.08 -25.06 -0.42
CA LEU A 430 -0.19 -25.55 0.97
C LEU A 430 -0.15 -24.38 1.97
N CYS A 431 -1.05 -24.40 2.94
CA CYS A 431 -1.10 -23.39 4.02
C CYS A 431 -1.11 -24.08 5.36
N LEU A 432 -0.16 -23.74 6.21
CA LEU A 432 -0.02 -24.43 7.49
C LEU A 432 0.14 -23.42 8.61
N SER A 433 0.03 -23.92 9.84
CA SER A 433 0.16 -23.09 11.04
C SER A 433 0.30 -23.93 12.30
N ILE A 434 1.25 -23.58 13.15
CA ILE A 434 1.36 -24.21 14.46
C ILE A 434 0.30 -23.54 15.35
N CYS A 435 -0.39 -24.32 16.17
CA CYS A 435 -1.52 -23.83 16.99
C CYS A 435 -1.43 -24.27 18.47
N SER A 436 -2.21 -23.59 19.32
CA SER A 436 -2.32 -23.89 20.75
C SER A 436 -3.65 -24.58 21.01
N VAL A 437 -3.65 -25.46 22.02
CA VAL A 437 -4.88 -26.02 22.62
C VAL A 437 -4.71 -26.06 24.14
N GLU A 445 -11.58 -26.50 23.52
CA GLU A 445 -11.49 -25.45 22.50
C GLU A 445 -10.72 -24.24 23.05
N GLU A 446 -9.42 -24.48 23.21
CA GLU A 446 -8.42 -23.46 23.52
C GLU A 446 -7.62 -23.15 22.22
N HIS A 447 -8.31 -23.17 21.07
CA HIS A 447 -7.70 -23.15 19.72
C HIS A 447 -7.18 -21.76 19.36
N CYS A 448 -5.94 -21.69 18.88
CA CYS A 448 -5.23 -20.41 18.85
C CYS A 448 -3.88 -20.54 18.08
N PRO A 449 -3.72 -19.84 16.94
CA PRO A 449 -2.50 -20.01 16.12
C PRO A 449 -1.27 -19.34 16.73
N LEU A 450 -0.12 -20.01 16.65
CA LEU A 450 1.17 -19.48 17.14
C LEU A 450 1.97 -18.80 16.04
N ALA A 451 2.13 -19.52 14.93
CA ALA A 451 2.83 -19.06 13.72
C ALA A 451 1.96 -19.36 12.50
N TRP A 452 2.48 -19.05 11.31
CA TRP A 452 1.89 -19.51 10.04
C TRP A 452 2.89 -19.38 8.91
N GLY A 453 2.68 -20.17 7.87
CA GLY A 453 3.45 -20.04 6.63
C GLY A 453 2.78 -20.79 5.51
N ASN A 454 2.88 -20.29 4.29
CA ASN A 454 2.30 -20.99 3.15
C ASN A 454 3.34 -21.24 2.07
N ILE A 455 3.13 -22.27 1.26
CA ILE A 455 4.07 -22.66 0.19
C ILE A 455 3.31 -22.96 -1.08
N ASN A 456 3.88 -22.53 -2.21
CA ASN A 456 3.30 -22.84 -3.52
C ASN A 456 3.61 -24.28 -3.84
N LEU A 457 2.60 -25.06 -4.22
CA LEU A 457 2.79 -26.52 -4.42
C LEU A 457 3.54 -26.83 -5.66
N PHE A 458 3.55 -25.88 -6.60
CA PHE A 458 4.45 -25.89 -7.75
C PHE A 458 5.40 -24.73 -7.61
N ASP A 459 6.50 -24.78 -8.35
CA ASP A 459 7.44 -23.65 -8.41
C ASP A 459 7.24 -22.89 -9.72
N TYR A 460 8.02 -21.84 -9.90
CA TYR A 460 7.92 -21.01 -11.09
C TYR A 460 8.23 -21.72 -12.40
N THR A 461 9.06 -22.77 -12.35
CA THR A 461 9.31 -23.64 -13.52
C THR A 461 8.18 -24.69 -13.80
N ASP A 462 7.02 -24.54 -13.14
CA ASP A 462 5.84 -25.45 -13.25
C ASP A 462 5.98 -26.77 -12.48
N THR A 463 7.04 -26.92 -11.71
CA THR A 463 7.44 -28.21 -11.16
C THR A 463 6.82 -28.51 -9.80
N LEU A 464 6.07 -29.61 -9.73
CA LEU A 464 5.46 -30.04 -8.48
C LEU A 464 6.56 -30.22 -7.41
N VAL A 465 6.25 -29.72 -6.22
CA VAL A 465 7.19 -29.64 -5.13
C VAL A 465 7.44 -31.02 -4.51
N SER A 466 8.73 -31.39 -4.39
CA SER A 466 9.16 -32.72 -3.94
C SER A 466 10.27 -32.63 -2.89
N GLY A 467 10.33 -33.63 -2.02
CA GLY A 467 11.44 -33.73 -1.08
C GLY A 467 11.37 -32.83 0.15
N LYS A 468 12.53 -32.34 0.61
CA LYS A 468 12.58 -31.56 1.85
C LYS A 468 12.57 -30.05 1.65
N MET A 469 11.71 -29.37 2.42
CA MET A 469 11.58 -27.89 2.42
C MET A 469 11.62 -27.38 3.87
N ALA A 470 12.29 -26.24 4.06
CA ALA A 470 12.45 -25.59 5.37
C ALA A 470 11.82 -24.22 5.38
N LEU A 471 10.70 -24.10 6.07
CA LEU A 471 9.86 -22.91 6.06
C LEU A 471 9.92 -22.20 7.42
N ASN A 472 10.38 -20.95 7.40
CA ASN A 472 10.37 -20.07 8.57
C ASN A 472 9.04 -19.35 8.58
N LEU A 473 8.43 -19.17 9.73
CA LEU A 473 7.04 -18.70 9.77
C LEU A 473 6.83 -17.22 10.19
N TRP A 474 5.63 -16.74 9.94
CA TRP A 474 5.22 -15.36 10.19
C TRP A 474 4.35 -15.32 11.46
N PRO A 475 4.46 -14.24 12.28
CA PRO A 475 3.55 -14.12 13.44
C PRO A 475 2.15 -13.73 13.01
N VAL A 476 1.16 -14.27 13.70
CA VAL A 476 -0.22 -13.91 13.42
C VAL A 476 -0.43 -12.41 13.69
N PRO A 477 -0.93 -11.66 12.69
CA PRO A 477 -1.22 -10.24 12.91
C PRO A 477 -2.44 -9.96 13.79
N HIS A 478 -2.73 -8.68 13.96
CA HIS A 478 -3.73 -8.19 14.92
C HIS A 478 -5.10 -8.83 14.70
N GLY A 479 -5.69 -8.54 13.54
CA GLY A 479 -7.08 -8.88 13.23
C GLY A 479 -7.38 -10.36 13.08
N LEU A 480 -6.37 -11.14 12.69
CA LEU A 480 -6.54 -12.58 12.50
C LEU A 480 -6.64 -13.32 13.84
N GLU A 481 -7.84 -13.84 14.12
CA GLU A 481 -8.06 -14.89 15.11
C GLU A 481 -7.93 -16.27 14.45
N ASP A 482 -8.44 -16.39 13.21
CA ASP A 482 -8.48 -17.66 12.43
C ASP A 482 -7.18 -18.45 12.40
N LEU A 483 -7.34 -19.76 12.23
CA LEU A 483 -6.24 -20.69 12.47
C LEU A 483 -5.13 -20.72 11.45
N LEU A 484 -5.43 -20.49 10.17
CA LEU A 484 -4.49 -20.86 9.09
C LEU A 484 -3.95 -19.75 8.11
N ASN A 485 -4.81 -18.79 7.74
CA ASN A 485 -4.38 -17.57 6.96
C ASN A 485 -3.74 -17.82 5.55
N PRO A 486 -4.56 -18.16 4.56
CA PRO A 486 -4.07 -18.41 3.19
C PRO A 486 -3.93 -17.17 2.30
N ILE A 487 -4.63 -16.09 2.62
CA ILE A 487 -4.43 -14.80 1.93
C ILE A 487 -3.02 -14.29 2.18
N GLY A 488 -2.44 -14.64 3.34
CA GLY A 488 -1.04 -14.32 3.67
C GLY A 488 0.01 -14.73 2.64
N VAL A 489 1.13 -14.02 2.64
CA VAL A 489 2.10 -14.16 1.58
C VAL A 489 2.72 -15.56 1.51
N THR A 490 2.86 -16.04 0.27
CA THR A 490 3.45 -17.32 -0.01
C THR A 490 4.97 -17.25 0.14
N GLY A 491 5.54 -18.28 0.75
CA GLY A 491 6.97 -18.39 0.91
C GLY A 491 7.36 -18.31 2.38
N SER A 492 8.65 -18.60 2.62
CA SER A 492 9.25 -18.51 3.95
C SER A 492 9.47 -17.07 4.38
N ASN A 493 9.28 -16.80 5.67
CA ASN A 493 9.82 -15.60 6.30
C ASN A 493 11.34 -15.53 5.99
N PRO A 494 11.85 -14.33 5.68
CA PRO A 494 13.30 -14.23 5.61
C PRO A 494 13.90 -14.10 7.00
N ASN A 495 13.16 -13.51 7.95
CA ASN A 495 13.62 -13.45 9.35
C ASN A 495 13.93 -14.85 9.92
N LYS A 496 15.24 -15.10 10.13
CA LYS A 496 15.76 -16.40 10.59
C LYS A 496 15.18 -16.81 11.94
N GLU A 497 15.51 -16.04 12.99
CA GLU A 497 15.08 -16.37 14.36
C GLU A 497 13.57 -16.20 14.54
N THR A 498 12.85 -17.19 14.01
CA THR A 498 11.41 -17.37 14.13
C THR A 498 11.14 -18.88 14.05
N PRO A 499 9.92 -19.31 14.46
CA PRO A 499 9.51 -20.69 14.22
C PRO A 499 9.86 -21.20 12.82
N CYS A 500 10.77 -22.18 12.76
CA CYS A 500 11.13 -22.83 11.49
C CYS A 500 10.61 -24.27 11.42
N LEU A 501 9.43 -24.43 10.84
CA LEU A 501 8.81 -25.74 10.69
C LEU A 501 9.24 -26.36 9.37
N GLU A 502 10.19 -27.30 9.41
CA GLU A 502 10.63 -28.00 8.20
C GLU A 502 9.73 -29.20 7.94
N LEU A 503 9.74 -29.68 6.69
CA LEU A 503 8.77 -30.70 6.24
C LEU A 503 9.24 -31.36 4.95
N GLU A 504 8.56 -32.46 4.59
CA GLU A 504 8.95 -33.26 3.44
C GLU A 504 7.75 -33.64 2.55
N PHE A 505 7.92 -33.41 1.24
CA PHE A 505 6.97 -33.78 0.20
C PHE A 505 7.35 -35.04 -0.51
N ASP A 506 6.34 -35.70 -1.08
CA ASP A 506 6.50 -36.98 -1.76
C ASP A 506 7.29 -36.84 -3.06
N TRP A 507 8.11 -37.85 -3.33
CA TRP A 507 9.01 -37.88 -4.48
C TRP A 507 8.54 -39.00 -5.41
N PHE A 508 8.48 -38.72 -6.71
CA PHE A 508 7.95 -39.68 -7.67
C PHE A 508 9.00 -40.03 -8.73
N SER A 509 10.22 -40.28 -8.26
CA SER A 509 11.33 -40.77 -9.10
C SER A 509 11.65 -39.93 -10.35
N SER A 510 11.04 -38.74 -10.43
CA SER A 510 11.01 -37.91 -11.62
C SER A 510 10.45 -36.56 -11.18
N VAL A 511 11.01 -35.46 -11.68
CA VAL A 511 10.41 -34.14 -11.45
C VAL A 511 9.07 -34.11 -12.18
N VAL A 512 8.00 -33.85 -11.44
CA VAL A 512 6.66 -33.79 -12.01
C VAL A 512 6.42 -32.36 -12.44
N LYS A 513 6.08 -32.15 -13.71
CA LYS A 513 5.72 -30.84 -14.22
C LYS A 513 4.22 -30.69 -14.47
N PHE A 514 3.72 -29.45 -14.49
CA PHE A 514 2.31 -29.20 -14.76
C PHE A 514 2.11 -29.30 -16.27
N PRO A 515 1.00 -29.96 -16.69
CA PRO A 515 0.66 -30.15 -18.10
C PRO A 515 0.81 -28.93 -18.99
N ASP A 516 1.21 -29.17 -20.25
CA ASP A 516 1.20 -28.13 -21.28
C ASP A 516 -0.23 -27.68 -21.55
N MET A 517 -0.40 -26.52 -22.18
CA MET A 517 -1.73 -26.04 -22.52
C MET A 517 -2.27 -26.88 -23.67
N SER A 518 -1.45 -27.10 -24.69
CA SER A 518 -1.78 -28.06 -25.76
C SER A 518 -2.42 -29.35 -25.22
N VAL A 519 -1.86 -29.89 -24.14
CA VAL A 519 -2.39 -31.08 -23.49
C VAL A 519 -3.68 -30.81 -22.72
N ILE A 520 -3.76 -29.68 -22.01
CA ILE A 520 -4.98 -29.33 -21.26
C ILE A 520 -6.13 -29.01 -22.24
N GLU A 521 -5.79 -28.43 -23.39
CA GLU A 521 -6.74 -28.21 -24.51
C GLU A 521 -7.36 -29.51 -25.02
N GLU A 522 -6.55 -30.57 -25.13
CA GLU A 522 -7.05 -31.89 -25.56
C GLU A 522 -7.97 -32.55 -24.52
N HIS A 523 -7.59 -32.50 -23.25
CA HIS A 523 -8.40 -33.09 -22.20
C HIS A 523 -9.73 -32.38 -22.07
N ALA A 524 -9.70 -31.07 -22.29
CA ALA A 524 -10.90 -30.26 -22.25
C ALA A 524 -11.85 -30.59 -23.39
N ASN A 525 -11.30 -30.74 -24.60
CA ASN A 525 -12.07 -31.15 -25.78
C ASN A 525 -12.67 -32.52 -25.61
N TRP A 526 -11.90 -33.42 -24.99
CA TRP A 526 -12.39 -34.74 -24.62
C TRP A 526 -13.49 -34.69 -23.56
N SER A 527 -13.30 -33.89 -22.52
CA SER A 527 -14.29 -33.76 -21.44
C SER A 527 -15.66 -33.27 -21.93
N VAL A 528 -15.68 -32.49 -23.01
CA VAL A 528 -16.92 -31.96 -23.56
C VAL A 528 -17.60 -33.06 -24.36
N SER A 529 -16.91 -33.62 -25.35
CA SER A 529 -17.41 -34.74 -26.17
C SER A 529 -17.95 -35.89 -25.31
N ARG A 530 -17.27 -36.14 -24.19
CA ARG A 530 -17.69 -37.10 -23.18
C ARG A 530 -19.06 -36.77 -22.55
N GLU A 531 -19.26 -35.51 -22.17
CA GLU A 531 -20.55 -35.05 -21.61
C GLU A 531 -21.72 -35.14 -22.61
N ALA A 532 -21.43 -34.96 -23.89
CA ALA A 532 -22.44 -35.05 -24.96
C ALA A 532 -23.12 -36.43 -25.12
N GLY A 533 -22.54 -37.49 -24.53
CA GLY A 533 -23.13 -38.83 -24.52
C GLY A 533 -23.51 -39.40 -23.15
N PHE A 534 -23.23 -38.64 -22.08
CA PHE A 534 -23.77 -38.92 -20.75
C PHE A 534 -25.27 -38.80 -20.90
N SER A 535 -26.02 -39.70 -20.28
CA SER A 535 -27.37 -39.94 -20.75
C SER A 535 -28.47 -39.90 -19.70
N TYR A 536 -29.70 -40.01 -20.23
CA TYR A 536 -30.93 -40.20 -19.47
C TYR A 536 -31.07 -39.12 -18.40
N SER A 537 -31.72 -39.46 -17.28
CA SER A 537 -31.63 -38.67 -16.07
C SER A 537 -30.16 -38.60 -15.63
N HIS A 538 -29.66 -37.38 -15.50
CA HIS A 538 -28.59 -37.08 -14.60
C HIS A 538 -29.13 -36.11 -13.56
N ALA A 539 -29.66 -36.68 -12.49
CA ALA A 539 -30.01 -35.96 -11.27
C ALA A 539 -28.72 -35.49 -10.58
N GLY A 540 -28.84 -34.42 -9.81
CA GLY A 540 -27.73 -33.51 -9.65
C GLY A 540 -27.41 -33.11 -11.09
N LEU A 541 -28.42 -32.56 -11.78
CA LEU A 541 -28.23 -31.94 -13.12
C LEU A 541 -27.05 -31.00 -12.94
N SER A 542 -27.13 -30.24 -11.83
CA SER A 542 -26.04 -29.48 -11.22
C SER A 542 -24.89 -29.06 -12.15
N ASN A 543 -24.04 -29.99 -12.53
CA ASN A 543 -22.86 -29.66 -13.35
C ASN A 543 -22.97 -29.94 -14.88
N ARG A 544 -24.21 -30.07 -15.39
CA ARG A 544 -24.45 -30.27 -16.85
C ARG A 544 -25.76 -29.64 -17.37
N ASP A 548 -28.81 -28.96 -21.48
CA ASP A 548 -29.58 -28.59 -22.65
C ASP A 548 -28.85 -27.55 -23.52
N ASN A 549 -28.86 -27.73 -24.85
CA ASN A 549 -28.30 -26.73 -25.79
C ASN A 549 -29.16 -25.49 -25.82
N GLU A 550 -30.47 -25.66 -25.93
CA GLU A 550 -31.41 -24.55 -25.84
C GLU A 550 -31.89 -24.40 -24.40
N LEU A 551 -31.60 -23.23 -23.82
CA LEU A 551 -31.80 -22.97 -22.40
C LEU A 551 -33.11 -22.22 -22.20
N ARG A 552 -33.58 -22.21 -20.96
CA ARG A 552 -34.84 -21.58 -20.59
C ARG A 552 -34.67 -20.06 -20.40
N GLU A 553 -35.73 -19.29 -20.69
CA GLU A 553 -35.72 -17.82 -20.60
C GLU A 553 -35.62 -17.30 -19.17
N ASN A 554 -36.26 -18.01 -18.24
CA ASN A 554 -36.17 -17.70 -16.79
C ASN A 554 -34.75 -17.90 -16.24
N ASP A 555 -34.02 -18.86 -16.82
CA ASP A 555 -32.60 -19.09 -16.53
C ASP A 555 -31.75 -17.93 -17.03
N LYS A 556 -31.83 -17.66 -18.34
CA LYS A 556 -31.10 -16.55 -18.94
C LYS A 556 -31.35 -15.17 -18.26
N GLU A 557 -32.43 -15.05 -17.47
CA GLU A 557 -32.65 -13.90 -16.58
C GLU A 557 -32.08 -14.08 -15.17
N GLN A 558 -32.07 -15.30 -14.63
CA GLN A 558 -31.40 -15.56 -13.34
C GLN A 558 -29.86 -15.48 -13.44
N LEU A 559 -29.32 -15.42 -14.67
CA LEU A 559 -27.86 -15.31 -14.88
C LEU A 559 -27.35 -13.88 -14.90
N LYS A 560 -27.99 -13.01 -15.69
CA LYS A 560 -27.62 -11.59 -15.72
C LYS A 560 -27.91 -10.96 -14.36
N ALA A 561 -28.97 -11.43 -13.72
CA ALA A 561 -29.31 -11.08 -12.33
C ALA A 561 -28.20 -11.41 -11.34
N ILE A 562 -27.54 -12.54 -11.54
CA ILE A 562 -26.35 -12.90 -10.77
C ILE A 562 -25.20 -11.95 -11.12
N SER A 563 -24.99 -11.75 -12.41
CA SER A 563 -23.88 -10.95 -12.94
C SER A 563 -23.75 -9.58 -12.29
N THR A 564 -24.89 -8.93 -12.05
CA THR A 564 -24.94 -7.57 -11.51
C THR A 564 -24.49 -7.48 -10.05
N ARG A 565 -24.64 -8.58 -9.32
CA ARG A 565 -24.32 -8.63 -7.89
C ARG A 565 -22.86 -8.29 -7.62
N ASP A 566 -22.57 -7.68 -6.47
CA ASP A 566 -21.20 -7.29 -6.15
C ASP A 566 -20.35 -8.53 -5.85
N PRO A 567 -19.02 -8.34 -5.70
CA PRO A 567 -18.18 -9.49 -5.37
C PRO A 567 -18.49 -10.11 -4.01
N LEU A 568 -18.73 -9.30 -2.98
CA LEU A 568 -19.01 -9.87 -1.64
C LEU A 568 -20.41 -10.49 -1.39
N SER A 569 -21.32 -10.43 -2.35
CA SER A 569 -22.55 -11.22 -2.31
C SER A 569 -22.20 -12.66 -2.70
N GLU A 570 -21.85 -13.46 -1.67
CA GLU A 570 -21.32 -14.80 -1.89
C GLU A 570 -22.33 -15.71 -2.59
N ILE A 571 -21.84 -16.56 -3.47
CA ILE A 571 -22.67 -17.38 -4.31
C ILE A 571 -22.97 -18.69 -3.58
N THR A 572 -24.20 -19.21 -3.73
CA THR A 572 -24.58 -20.49 -3.12
C THR A 572 -24.03 -21.64 -3.94
N GLU A 573 -24.19 -22.87 -3.44
CA GLU A 573 -23.81 -24.06 -4.22
C GLU A 573 -24.74 -24.26 -5.41
N GLN A 574 -26.02 -23.94 -5.22
CA GLN A 574 -27.00 -23.99 -6.31
C GLN A 574 -26.54 -23.10 -7.46
N GLU A 575 -26.40 -21.81 -7.13
CA GLU A 575 -25.99 -20.81 -8.11
C GLU A 575 -24.70 -21.20 -8.83
N LYS A 576 -23.77 -21.78 -8.07
CA LYS A 576 -22.48 -22.20 -8.62
C LYS A 576 -22.72 -23.26 -9.65
N ASP A 577 -23.42 -24.32 -9.24
CA ASP A 577 -23.68 -25.46 -10.12
C ASP A 577 -24.47 -24.98 -11.32
N PHE A 578 -25.50 -24.20 -11.05
CA PHE A 578 -26.26 -23.52 -12.09
C PHE A 578 -25.38 -22.73 -13.06
N LEU A 579 -24.49 -21.90 -12.54
CA LEU A 579 -23.55 -21.17 -13.39
C LEU A 579 -22.66 -22.16 -14.17
N TRP A 580 -21.93 -23.01 -13.44
CA TRP A 580 -20.95 -23.93 -14.06
C TRP A 580 -21.55 -24.73 -15.23
N SER A 581 -22.81 -25.11 -15.13
CA SER A 581 -23.47 -25.84 -16.21
C SER A 581 -23.67 -24.97 -17.44
N HIS A 582 -24.11 -23.74 -17.22
CA HIS A 582 -24.41 -22.84 -18.33
C HIS A 582 -23.22 -21.99 -18.73
N ARG A 583 -22.01 -22.38 -18.31
CA ARG A 583 -20.74 -21.66 -18.62
C ARG A 583 -20.58 -21.25 -20.10
N HIS A 584 -21.13 -22.07 -20.99
CA HIS A 584 -21.05 -21.79 -22.42
C HIS A 584 -22.01 -20.67 -22.84
N TYR A 585 -23.16 -20.54 -22.18
CA TYR A 585 -23.98 -19.31 -22.30
C TYR A 585 -23.31 -18.11 -21.59
N CYS A 586 -22.65 -18.36 -20.46
CA CYS A 586 -21.99 -17.27 -19.70
C CYS A 586 -21.03 -16.44 -20.53
N VAL A 587 -20.57 -16.96 -21.67
CA VAL A 587 -19.74 -16.19 -22.62
C VAL A 587 -20.48 -14.99 -23.30
N THR A 588 -21.80 -15.08 -23.44
CA THR A 588 -22.62 -13.93 -23.89
C THR A 588 -22.59 -12.77 -22.88
N ILE A 589 -22.45 -13.11 -21.61
CA ILE A 589 -22.40 -12.14 -20.52
C ILE A 589 -20.98 -12.14 -19.95
N PRO A 590 -19.98 -11.63 -20.70
CA PRO A 590 -18.62 -11.69 -20.16
C PRO A 590 -18.49 -11.33 -18.66
N GLU A 591 -19.11 -10.22 -18.26
CA GLU A 591 -18.96 -9.64 -16.91
C GLU A 591 -19.23 -10.62 -15.76
N ILE A 592 -19.96 -11.70 -16.06
CA ILE A 592 -20.18 -12.82 -15.12
C ILE A 592 -18.87 -13.54 -14.71
N LEU A 593 -17.85 -13.51 -15.58
CA LEU A 593 -16.60 -14.29 -15.39
C LEU A 593 -16.10 -14.43 -13.96
N PRO A 594 -15.97 -13.32 -13.19
CA PRO A 594 -15.60 -13.43 -11.76
C PRO A 594 -16.41 -14.44 -10.98
N LYS A 595 -17.71 -14.44 -11.22
CA LYS A 595 -18.66 -15.33 -10.53
C LYS A 595 -18.50 -16.77 -11.05
N LEU A 596 -18.49 -16.90 -12.37
CA LEU A 596 -18.25 -18.18 -13.02
C LEU A 596 -17.02 -18.85 -12.41
N LEU A 597 -15.88 -18.18 -12.50
CA LEU A 597 -14.61 -18.74 -12.02
C LEU A 597 -14.65 -19.26 -10.57
N LEU A 598 -15.39 -18.58 -9.70
CA LEU A 598 -15.59 -19.01 -8.30
C LEU A 598 -16.63 -20.13 -8.17
N SER A 599 -17.31 -20.43 -9.26
CA SER A 599 -18.20 -21.58 -9.36
C SER A 599 -17.53 -22.85 -9.94
N VAL A 600 -16.24 -22.76 -10.31
CA VAL A 600 -15.50 -23.93 -10.81
C VAL A 600 -15.04 -24.74 -9.61
N LYS A 601 -15.07 -26.07 -9.77
CA LYS A 601 -14.46 -26.98 -8.81
C LYS A 601 -12.99 -27.06 -9.22
N TRP A 602 -12.15 -26.28 -8.54
CA TRP A 602 -10.74 -26.17 -8.91
C TRP A 602 -10.01 -27.49 -8.65
N ASN A 603 -10.55 -28.26 -7.68
CA ASN A 603 -10.18 -29.70 -7.47
C ASN A 603 -10.79 -30.72 -8.43
N SER A 604 -11.26 -30.33 -9.61
CA SER A 604 -11.57 -31.30 -10.67
C SER A 604 -10.97 -30.86 -11.99
N ARG A 605 -9.73 -31.25 -12.23
CA ARG A 605 -9.01 -30.89 -13.47
C ARG A 605 -9.87 -31.02 -14.73
N ASP A 606 -10.85 -31.93 -14.74
CA ASP A 606 -11.87 -32.02 -15.80
C ASP A 606 -12.53 -30.68 -15.98
N GLU A 607 -13.09 -30.16 -14.88
CA GLU A 607 -13.67 -28.81 -14.85
C GLU A 607 -12.64 -27.71 -15.20
N VAL A 608 -11.63 -27.55 -14.33
CA VAL A 608 -10.53 -26.56 -14.52
C VAL A 608 -10.02 -26.46 -15.97
N ALA A 609 -9.81 -27.61 -16.60
CA ALA A 609 -9.32 -27.64 -17.97
C ALA A 609 -10.33 -27.02 -18.92
N GLN A 610 -11.60 -27.33 -18.73
CA GLN A 610 -12.62 -26.77 -19.61
C GLN A 610 -12.63 -25.24 -19.46
N MET A 611 -12.45 -24.77 -18.22
CA MET A 611 -12.45 -23.34 -17.89
C MET A 611 -11.27 -22.64 -18.55
N TYR A 612 -10.08 -23.25 -18.47
CA TYR A 612 -8.91 -22.81 -19.25
C TYR A 612 -9.14 -22.62 -20.78
N CYS A 613 -10.16 -23.27 -21.36
CA CYS A 613 -10.48 -23.12 -22.80
C CYS A 613 -11.51 -22.03 -23.08
N LEU A 614 -12.29 -21.68 -22.05
CA LEU A 614 -13.20 -20.56 -22.16
C LEU A 614 -12.42 -19.26 -22.04
N VAL A 615 -11.61 -19.20 -20.97
CA VAL A 615 -10.84 -18.03 -20.61
C VAL A 615 -9.85 -17.63 -21.71
N LYS A 616 -9.34 -18.64 -22.43
CA LYS A 616 -8.54 -18.44 -23.64
C LYS A 616 -9.14 -17.38 -24.58
N ASP A 617 -10.41 -17.59 -24.94
CA ASP A 617 -11.12 -16.73 -25.90
C ASP A 617 -12.42 -16.18 -25.29
N TRP A 618 -12.34 -15.83 -24.02
CA TRP A 618 -13.41 -15.16 -23.33
C TRP A 618 -13.36 -13.69 -23.73
N PRO A 619 -14.52 -13.06 -23.94
CA PRO A 619 -14.49 -11.69 -24.42
C PRO A 619 -13.96 -10.73 -23.37
N PRO A 620 -12.92 -9.94 -23.71
CA PRO A 620 -12.33 -8.96 -22.80
C PRO A 620 -13.34 -8.04 -22.16
N ILE A 621 -13.06 -7.63 -20.92
CA ILE A 621 -13.98 -6.82 -20.14
C ILE A 621 -13.35 -5.50 -19.61
N LYS A 622 -14.20 -4.69 -19.01
CA LYS A 622 -13.79 -3.37 -18.57
C LYS A 622 -12.81 -3.54 -17.40
N PRO A 623 -11.73 -2.74 -17.37
CA PRO A 623 -10.73 -2.71 -16.30
C PRO A 623 -11.26 -2.65 -14.88
N GLU A 624 -12.29 -1.84 -14.65
CA GLU A 624 -12.94 -1.76 -13.33
C GLU A 624 -13.50 -3.12 -12.85
N GLN A 625 -13.89 -3.96 -13.83
CA GLN A 625 -14.39 -5.33 -13.63
C GLN A 625 -13.29 -6.37 -13.67
N ALA A 626 -12.36 -6.19 -14.61
CA ALA A 626 -11.18 -7.07 -14.77
C ALA A 626 -10.20 -6.99 -13.61
N MET A 627 -10.16 -5.89 -12.89
CA MET A 627 -9.28 -5.76 -11.74
C MET A 627 -9.58 -6.71 -10.59
N GLU A 628 -10.86 -7.04 -10.40
CA GLU A 628 -11.28 -8.01 -9.37
C GLU A 628 -10.41 -9.28 -9.53
N LEU A 629 -10.25 -9.69 -10.80
CA LEU A 629 -9.52 -10.90 -11.20
C LEU A 629 -8.01 -10.92 -10.91
N LEU A 630 -7.46 -9.85 -10.36
CA LEU A 630 -6.11 -9.89 -9.86
C LEU A 630 -6.06 -9.88 -8.32
N ASP A 631 -7.21 -9.94 -7.62
CA ASP A 631 -7.18 -9.96 -6.14
C ASP A 631 -6.72 -11.36 -5.66
N CYS A 632 -6.80 -11.63 -4.37
CA CYS A 632 -6.43 -12.97 -3.84
C CYS A 632 -7.38 -14.11 -4.22
N ASN A 633 -8.65 -13.81 -4.45
CA ASN A 633 -9.62 -14.83 -4.90
C ASN A 633 -9.49 -15.32 -6.34
N TYR A 634 -8.51 -14.84 -7.11
CA TYR A 634 -8.29 -15.34 -8.47
C TYR A 634 -6.78 -15.48 -8.69
N PRO A 635 -6.19 -16.58 -8.14
CA PRO A 635 -4.77 -16.84 -8.22
C PRO A 635 -4.36 -17.61 -9.46
N ASP A 636 -5.30 -18.22 -10.19
CA ASP A 636 -4.90 -18.97 -11.37
C ASP A 636 -4.19 -18.07 -12.40
N PRO A 637 -3.06 -18.53 -13.00
CA PRO A 637 -2.32 -17.71 -13.94
C PRO A 637 -3.07 -17.39 -15.20
N MET A 638 -3.83 -18.35 -15.70
CA MET A 638 -4.61 -18.13 -16.91
C MET A 638 -5.61 -17.00 -16.72
N VAL A 639 -6.23 -16.98 -15.54
CA VAL A 639 -7.23 -15.98 -15.22
C VAL A 639 -6.55 -14.60 -15.16
N ARG A 640 -5.44 -14.54 -14.45
CA ARG A 640 -4.76 -13.27 -14.29
C ARG A 640 -4.18 -12.79 -15.60
N GLY A 641 -3.81 -13.70 -16.47
CA GLY A 641 -3.45 -13.31 -17.82
C GLY A 641 -4.60 -12.57 -18.48
N PHE A 642 -5.76 -13.21 -18.54
CA PHE A 642 -6.96 -12.60 -19.12
C PHE A 642 -7.15 -11.21 -18.56
N ALA A 643 -6.96 -11.08 -17.25
CA ALA A 643 -7.09 -9.80 -16.54
C ALA A 643 -6.09 -8.72 -16.96
N VAL A 644 -4.84 -9.11 -17.13
CA VAL A 644 -3.85 -8.20 -17.70
C VAL A 644 -4.18 -7.93 -19.20
N ARG A 645 -4.67 -8.95 -19.90
CA ARG A 645 -5.05 -8.79 -21.30
C ARG A 645 -6.09 -7.70 -21.44
N CYS A 646 -7.05 -7.67 -20.50
CA CYS A 646 -8.05 -6.60 -20.43
C CYS A 646 -7.37 -5.24 -20.27
N LEU A 647 -6.59 -5.08 -19.20
CA LEU A 647 -5.79 -3.84 -19.00
C LEU A 647 -5.02 -3.38 -20.26
N GLU A 648 -4.31 -4.32 -20.87
CA GLU A 648 -3.54 -3.99 -22.05
C GLU A 648 -4.41 -3.35 -23.11
N LYS A 649 -5.65 -3.81 -23.22
CA LYS A 649 -6.61 -3.21 -24.14
C LYS A 649 -7.17 -1.86 -23.65
N TYR A 650 -7.93 -1.87 -22.56
CA TYR A 650 -8.77 -0.72 -22.20
C TYR A 650 -8.08 0.31 -21.28
N LEU A 651 -7.38 -0.16 -20.26
CA LEU A 651 -6.79 0.75 -19.27
C LEU A 651 -5.80 1.80 -19.86
N THR A 652 -6.30 3.03 -19.95
CA THR A 652 -5.49 4.17 -20.37
C THR A 652 -4.43 4.52 -19.34
N ASP A 653 -3.36 5.16 -19.80
CA ASP A 653 -2.37 5.76 -18.89
C ASP A 653 -2.97 6.68 -17.84
N ASP A 654 -4.14 7.25 -18.12
CA ASP A 654 -4.88 7.97 -17.10
C ASP A 654 -5.30 7.01 -15.99
N LYS A 655 -6.12 6.05 -16.38
CA LYS A 655 -6.86 5.26 -15.43
C LYS A 655 -5.93 4.28 -14.68
N LEU A 656 -4.85 3.84 -15.35
CA LEU A 656 -3.76 3.08 -14.70
C LEU A 656 -3.16 3.90 -13.59
N SER A 657 -2.78 5.14 -13.91
CA SER A 657 -2.22 6.09 -12.93
C SER A 657 -3.18 6.26 -11.76
N GLN A 658 -4.48 6.32 -12.03
CA GLN A 658 -5.49 6.48 -10.98
C GLN A 658 -5.53 5.33 -9.98
N TYR A 659 -5.55 4.11 -10.54
CA TYR A 659 -5.57 2.87 -9.77
C TYR A 659 -4.17 2.21 -9.57
N LEU A 660 -3.09 3.00 -9.63
CA LEU A 660 -1.75 2.41 -9.60
C LEU A 660 -1.44 1.82 -8.26
N ILE A 661 -1.95 2.43 -7.19
CA ILE A 661 -1.76 1.88 -5.83
C ILE A 661 -2.37 0.48 -5.69
N GLN A 662 -3.58 0.28 -6.17
CA GLN A 662 -4.22 -1.03 -6.16
C GLN A 662 -3.54 -2.06 -7.06
N LEU A 663 -2.86 -1.61 -8.12
CA LEU A 663 -2.12 -2.50 -9.03
C LEU A 663 -0.73 -2.88 -8.51
N VAL A 664 -0.09 -1.98 -7.78
CA VAL A 664 1.17 -2.32 -7.11
C VAL A 664 0.88 -3.31 -5.97
N GLN A 665 -0.14 -3.02 -5.18
CA GLN A 665 -0.55 -3.91 -4.09
C GLN A 665 -0.94 -5.32 -4.53
N VAL A 666 -1.55 -5.43 -5.69
CA VAL A 666 -2.08 -6.71 -6.12
C VAL A 666 -0.95 -7.65 -6.55
N LEU A 667 0.24 -7.11 -6.83
CA LEU A 667 1.46 -7.91 -7.12
C LEU A 667 1.79 -8.94 -6.03
N LYS A 668 1.59 -8.56 -4.78
CA LYS A 668 1.78 -9.47 -3.65
C LYS A 668 1.05 -10.81 -3.82
N TYR A 669 -0.14 -10.76 -4.38
CA TYR A 669 -0.93 -11.97 -4.57
C TYR A 669 -0.46 -12.85 -5.71
N GLU A 670 0.43 -12.36 -6.58
CA GLU A 670 0.97 -13.23 -7.61
C GLU A 670 1.85 -14.31 -6.98
N GLN A 671 1.86 -15.50 -7.58
CA GLN A 671 2.65 -16.65 -7.07
C GLN A 671 4.14 -16.47 -7.28
N TYR A 672 4.51 -15.94 -8.44
CA TYR A 672 5.91 -15.86 -8.82
C TYR A 672 6.32 -14.42 -9.13
N LEU A 673 7.63 -14.16 -9.04
CA LEU A 673 8.17 -12.80 -9.26
C LEU A 673 7.88 -12.32 -10.65
N ASP A 674 8.21 -13.20 -11.60
CA ASP A 674 8.11 -12.94 -13.01
C ASP A 674 6.72 -13.36 -13.41
N ASN A 675 5.94 -12.39 -13.86
CA ASN A 675 4.55 -12.61 -14.22
C ASN A 675 4.07 -11.49 -15.10
N LEU A 676 2.95 -11.74 -15.77
CA LEU A 676 2.44 -10.82 -16.80
C LEU A 676 2.10 -9.44 -16.25
N LEU A 677 1.43 -9.42 -15.08
CA LEU A 677 1.16 -8.16 -14.39
C LEU A 677 2.42 -7.32 -14.09
N VAL A 678 3.55 -7.92 -13.67
CA VAL A 678 4.76 -7.11 -13.43
C VAL A 678 5.31 -6.55 -14.75
N ARG A 679 5.25 -7.37 -15.78
CA ARG A 679 5.77 -7.02 -17.10
C ARG A 679 4.94 -5.88 -17.72
N PHE A 680 3.66 -5.87 -17.36
CA PHE A 680 2.75 -4.81 -17.76
C PHE A 680 3.14 -3.49 -17.10
N LEU A 681 3.07 -3.50 -15.77
CA LEU A 681 3.26 -2.29 -14.97
C LEU A 681 4.68 -1.74 -15.18
N LEU A 682 5.68 -2.62 -15.20
CA LEU A 682 7.07 -2.20 -15.46
C LEU A 682 7.17 -1.45 -16.79
N LYS A 683 6.62 -2.05 -17.85
CA LYS A 683 6.65 -1.42 -19.16
C LYS A 683 5.94 -0.07 -19.13
N LYS A 684 4.77 -0.01 -18.49
CA LYS A 684 4.04 1.25 -18.45
C LYS A 684 4.83 2.31 -17.73
N ALA A 685 5.45 1.92 -16.62
CA ALA A 685 6.34 2.81 -15.85
C ALA A 685 7.49 3.41 -16.70
N LEU A 686 8.04 2.58 -17.58
CA LEU A 686 9.15 2.97 -18.47
C LEU A 686 8.70 3.68 -19.77
N THR A 687 7.44 3.48 -20.12
CA THR A 687 6.78 4.20 -21.21
C THR A 687 6.45 5.64 -20.82
N ASN A 688 6.01 5.85 -19.58
CA ASN A 688 5.42 7.11 -19.14
C ASN A 688 5.99 7.49 -17.77
N GLN A 689 6.63 8.64 -17.67
CA GLN A 689 7.40 8.97 -16.47
C GLN A 689 6.56 9.44 -15.28
N ARG A 690 5.33 9.87 -15.53
CA ARG A 690 4.44 10.29 -14.45
C ARG A 690 3.96 9.04 -13.71
N ILE A 691 3.68 7.97 -14.45
CA ILE A 691 3.39 6.67 -13.83
C ILE A 691 4.64 6.17 -13.11
N GLY A 692 5.72 6.07 -13.88
CA GLY A 692 7.02 5.72 -13.36
C GLY A 692 7.24 6.33 -12.00
N HIS A 693 7.01 7.63 -11.92
CA HIS A 693 7.29 8.34 -10.68
C HIS A 693 6.59 7.68 -9.49
N PHE A 694 5.29 7.52 -9.59
CA PHE A 694 4.54 7.00 -8.46
C PHE A 694 4.77 5.49 -8.28
N PHE A 695 5.00 4.82 -9.40
CA PHE A 695 5.35 3.41 -9.35
C PHE A 695 6.65 3.20 -8.57
N PHE A 696 7.60 4.12 -8.70
CA PHE A 696 8.82 4.04 -7.90
C PHE A 696 8.44 4.21 -6.45
N TRP A 697 7.85 5.35 -6.14
CA TRP A 697 7.57 5.71 -4.76
C TRP A 697 6.65 4.74 -3.99
N HIS A 698 5.71 4.10 -4.67
CA HIS A 698 4.82 3.16 -3.97
C HIS A 698 5.55 1.90 -3.67
N LEU A 699 6.40 1.49 -4.62
CA LEU A 699 7.29 0.36 -4.38
C LEU A 699 8.28 0.70 -3.26
N LYS A 700 8.97 1.80 -3.43
CA LYS A 700 9.93 2.28 -2.43
C LYS A 700 9.29 2.46 -1.04
N SER A 701 8.04 2.92 -1.03
CA SER A 701 7.24 3.09 0.19
C SER A 701 7.25 1.84 1.03
N GLU A 702 7.01 0.70 0.39
CA GLU A 702 6.90 -0.57 1.08
C GLU A 702 8.19 -1.32 1.34
N MET A 703 9.32 -0.88 0.79
CA MET A 703 10.59 -1.63 0.89
C MET A 703 11.00 -2.10 2.30
N HIS A 704 10.68 -1.32 3.35
CA HIS A 704 10.83 -1.75 4.77
C HIS A 704 10.06 -3.04 5.16
N ASN A 705 8.97 -3.34 4.45
CA ASN A 705 8.19 -4.56 4.68
C ASN A 705 8.78 -5.83 4.04
N LYS A 706 9.36 -6.68 4.87
CA LYS A 706 10.13 -7.86 4.43
C LYS A 706 9.27 -8.92 3.70
N THR A 707 7.95 -8.81 3.80
CA THR A 707 7.07 -9.60 2.95
C THR A 707 7.29 -9.33 1.45
N VAL A 708 7.73 -8.11 1.12
CA VAL A 708 7.95 -7.71 -0.28
C VAL A 708 9.31 -7.10 -0.62
N SER A 709 10.13 -6.78 0.38
CA SER A 709 11.47 -6.25 0.16
C SER A 709 12.14 -6.83 -1.07
N GLN A 710 12.12 -8.15 -1.17
CA GLN A 710 12.78 -8.85 -2.25
C GLN A 710 12.07 -8.56 -3.54
N ARG A 711 10.79 -8.91 -3.57
CA ARG A 711 10.00 -8.75 -4.80
C ARG A 711 10.16 -7.35 -5.39
N PHE A 712 9.91 -6.36 -4.54
CA PHE A 712 9.88 -4.95 -4.93
C PHE A 712 11.24 -4.37 -5.20
N GLY A 713 12.21 -4.74 -4.38
CA GLY A 713 13.60 -4.41 -4.70
C GLY A 713 13.95 -4.77 -6.13
N LEU A 714 13.67 -6.02 -6.50
CA LEU A 714 14.05 -6.55 -7.82
C LEU A 714 13.42 -5.75 -8.95
N LEU A 715 12.14 -5.41 -8.74
CA LEU A 715 11.34 -4.67 -9.70
C LEU A 715 11.84 -3.27 -9.79
N LEU A 716 12.04 -2.63 -8.63
CA LEU A 716 12.69 -1.31 -8.54
C LEU A 716 14.09 -1.23 -9.14
N GLU A 717 14.84 -2.32 -9.12
CA GLU A 717 16.11 -2.31 -9.81
C GLU A 717 15.83 -2.14 -11.28
N SER A 718 15.01 -3.05 -11.81
CA SER A 718 14.65 -3.08 -13.22
C SER A 718 14.19 -1.70 -13.67
N TYR A 719 13.21 -1.13 -12.96
CA TYR A 719 12.73 0.24 -13.24
C TYR A 719 13.90 1.22 -13.32
N CYS A 720 14.68 1.25 -12.24
CA CYS A 720 15.77 2.24 -12.07
C CYS A 720 16.84 2.15 -13.14
N ARG A 721 17.10 0.92 -13.53
CA ARG A 721 18.06 0.64 -14.57
C ARG A 721 17.59 1.17 -15.94
N ALA A 722 16.30 1.04 -16.20
CA ALA A 722 15.76 1.37 -17.50
C ALA A 722 15.11 2.73 -17.60
N CYS A 723 14.87 3.42 -16.47
CA CYS A 723 14.10 4.68 -16.47
C CYS A 723 14.77 5.95 -17.07
N GLY A 724 16.05 5.87 -17.40
CA GLY A 724 16.73 6.98 -18.06
C GLY A 724 17.14 7.98 -17.04
N MET A 725 17.16 9.25 -17.41
CA MET A 725 17.63 10.33 -16.50
C MET A 725 16.86 10.45 -15.20
N TYR A 726 15.60 10.02 -15.20
CA TYR A 726 14.77 10.17 -14.00
C TYR A 726 15.39 9.60 -12.73
N LEU A 727 16.21 8.57 -12.87
CA LEU A 727 16.90 8.02 -11.73
C LEU A 727 17.59 9.13 -10.99
N LYS A 728 18.30 9.99 -11.71
CA LYS A 728 19.05 11.08 -11.06
C LYS A 728 18.16 12.10 -10.37
N HIS A 729 16.99 12.35 -10.95
CA HIS A 729 15.94 13.12 -10.28
C HIS A 729 15.33 12.46 -9.03
N LEU A 730 15.07 11.16 -9.14
CA LEU A 730 14.64 10.35 -8.01
C LEU A 730 15.71 10.40 -6.92
N ASN A 731 16.95 10.16 -7.28
CA ASN A 731 18.04 10.17 -6.30
C ASN A 731 18.19 11.47 -5.50
N ARG A 732 17.79 12.59 -6.08
CA ARG A 732 17.72 13.82 -5.28
C ARG A 732 16.45 13.84 -4.39
N GLN A 733 15.30 13.44 -4.92
CA GLN A 733 14.11 13.38 -4.11
C GLN A 733 14.38 12.47 -2.91
N VAL A 734 15.01 11.33 -3.18
CA VAL A 734 15.28 10.35 -2.13
C VAL A 734 16.20 10.96 -1.08
N GLU A 735 17.30 11.54 -1.54
CA GLU A 735 18.26 12.22 -0.65
C GLU A 735 17.62 13.30 0.25
N ALA A 736 16.70 14.08 -0.32
CA ALA A 736 15.92 15.06 0.44
C ALA A 736 15.07 14.40 1.49
N MET A 737 14.37 13.33 1.13
CA MET A 737 13.56 12.63 2.11
C MET A 737 14.39 12.04 3.26
N GLU A 738 15.59 11.54 2.97
CA GLU A 738 16.44 11.00 4.03
C GLU A 738 16.90 12.05 4.98
N LYS A 739 17.28 13.21 4.45
CA LYS A 739 17.65 14.39 5.29
C LYS A 739 16.57 14.73 6.30
N LEU A 740 15.33 14.85 5.78
CA LEU A 740 14.17 15.14 6.59
C LEU A 740 13.80 14.04 7.56
N ILE A 741 13.98 12.78 7.15
CA ILE A 741 13.74 11.65 8.06
C ILE A 741 14.68 11.75 9.27
N ASN A 742 15.97 11.93 8.99
CA ASN A 742 16.93 12.13 10.06
C ASN A 742 16.63 13.33 10.90
N LEU A 743 16.39 14.47 10.25
CA LEU A 743 16.16 15.71 10.97
C LEU A 743 15.06 15.52 12.00
N THR A 744 13.89 15.09 11.53
CA THR A 744 12.77 14.80 12.44
C THR A 744 13.15 13.72 13.45
N ASP A 745 13.69 12.58 13.02
CA ASP A 745 14.06 11.54 13.97
C ASP A 745 14.75 12.14 15.21
N ILE A 746 15.60 13.16 15.01
CA ILE A 746 16.35 13.80 16.10
C ILE A 746 15.43 14.69 16.93
N LEU A 747 14.65 15.54 16.27
CA LEU A 747 13.63 16.35 16.95
C LEU A 747 12.73 15.49 17.83
N LYS A 748 12.42 14.29 17.37
CA LYS A 748 11.49 13.44 18.05
C LYS A 748 12.08 12.71 19.24
N GLN A 749 13.42 12.71 19.35
CA GLN A 749 14.15 12.06 20.44
C GLN A 749 15.32 12.97 20.82
N GLU A 750 15.47 13.30 22.10
CA GLU A 750 16.56 14.19 22.61
C GLU A 750 16.28 15.69 22.46
N LYS A 751 15.56 16.10 21.41
CA LYS A 751 14.98 17.46 21.35
C LYS A 751 13.47 17.44 21.68
N LYS A 752 12.94 16.28 22.09
CA LYS A 752 11.70 16.24 22.88
C LYS A 752 12.02 16.71 24.30
N ASP A 753 10.99 17.11 25.05
CA ASP A 753 11.17 17.81 26.32
C ASP A 753 12.12 19.00 26.09
N GLU A 754 11.65 19.88 25.22
CA GLU A 754 12.34 21.10 24.84
C GLU A 754 11.35 22.07 24.28
N THR A 755 11.55 23.36 24.50
CA THR A 755 10.62 24.35 23.97
C THR A 755 10.64 24.34 22.46
N GLN A 756 9.47 24.54 21.83
CA GLN A 756 9.41 24.90 20.42
C GLN A 756 10.57 25.84 20.14
N LYS A 757 10.66 26.94 20.90
CA LYS A 757 11.76 27.91 20.80
C LYS A 757 13.09 27.21 20.53
N VAL A 758 13.43 26.25 21.38
CA VAL A 758 14.73 25.56 21.33
C VAL A 758 14.84 24.65 20.11
N GLN A 759 13.77 23.87 19.87
CA GLN A 759 13.64 23.01 18.68
C GLN A 759 13.79 23.85 17.41
N MET A 760 12.85 24.77 17.15
CA MET A 760 12.90 25.68 15.99
C MET A 760 14.24 26.31 15.77
N LYS A 761 14.96 26.62 16.85
CA LYS A 761 16.33 27.10 16.69
C LYS A 761 17.14 25.98 16.03
N PHE A 762 17.24 24.85 16.73
CA PHE A 762 17.91 23.66 16.19
C PHE A 762 17.54 23.29 14.75
N LEU A 763 16.27 23.43 14.38
CA LEU A 763 15.79 23.11 13.02
C LEU A 763 16.42 24.04 12.00
N VAL A 764 16.30 25.34 12.26
CA VAL A 764 16.80 26.36 11.35
C VAL A 764 18.31 26.27 11.28
N GLU A 765 18.94 26.09 12.43
CA GLU A 765 20.39 25.93 12.47
C GLU A 765 20.82 24.83 11.51
N GLN A 766 20.19 23.66 11.63
CA GLN A 766 20.52 22.50 10.81
C GLN A 766 20.33 22.80 9.36
N MET A 767 19.13 23.21 9.00
CA MET A 767 18.81 23.51 7.62
C MET A 767 19.79 24.50 6.96
N ARG A 768 20.45 25.37 7.73
CA ARG A 768 21.44 26.26 7.13
C ARG A 768 22.79 25.64 6.82
N ARG A 769 23.12 24.51 7.44
CA ARG A 769 24.35 23.83 7.08
C ARG A 769 24.28 23.47 5.60
N PRO A 770 25.44 23.46 4.92
CA PRO A 770 25.41 23.37 3.46
C PRO A 770 24.99 22.01 2.94
N ASP A 771 25.29 20.93 3.68
CA ASP A 771 24.75 19.61 3.32
C ASP A 771 23.21 19.60 3.22
N PHE A 772 22.53 20.31 4.12
CA PHE A 772 21.07 20.42 4.07
C PHE A 772 20.68 21.33 2.94
N MET A 773 21.45 22.39 2.75
CA MET A 773 21.14 23.34 1.70
C MET A 773 21.23 22.70 0.33
N ASP A 774 22.30 21.95 0.07
CA ASP A 774 22.39 21.17 -1.16
C ASP A 774 21.20 20.25 -1.32
N ALA A 775 20.97 19.47 -0.26
CA ALA A 775 20.12 18.30 -0.35
C ALA A 775 18.64 18.61 -0.37
N LEU A 776 18.23 19.68 0.31
CA LEU A 776 16.81 20.03 0.41
C LEU A 776 16.33 21.13 -0.51
N GLN A 777 17.14 21.50 -1.51
CA GLN A 777 16.78 22.65 -2.34
C GLN A 777 16.44 22.32 -3.78
N GLY A 778 17.40 22.11 -4.65
CA GLY A 778 17.03 22.03 -6.06
C GLY A 778 16.53 20.65 -6.42
N PHE A 779 15.22 20.38 -6.26
CA PHE A 779 14.67 19.04 -6.60
C PHE A 779 13.14 19.04 -6.91
N LEU A 780 12.59 17.87 -7.28
CA LEU A 780 11.16 17.76 -7.65
C LEU A 780 10.25 17.30 -6.52
N SER A 781 8.98 17.71 -6.54
CA SER A 781 8.04 17.34 -5.46
C SER A 781 7.71 15.90 -5.65
N PRO A 782 7.93 15.08 -4.62
CA PRO A 782 7.42 13.72 -4.75
C PRO A 782 5.88 13.70 -4.88
N LEU A 783 5.22 14.52 -4.07
CA LEU A 783 3.79 14.78 -4.23
C LEU A 783 3.33 15.05 -5.67
N ASN A 784 4.15 15.74 -6.46
CA ASN A 784 3.85 15.99 -7.88
C ASN A 784 5.05 16.53 -8.66
N PRO A 785 5.82 15.64 -9.29
CA PRO A 785 7.14 16.00 -9.81
C PRO A 785 7.13 17.15 -10.82
N ALA A 786 5.95 17.45 -11.37
CA ALA A 786 5.74 18.65 -12.18
C ALA A 786 6.19 19.91 -11.45
N HIS A 787 5.81 20.03 -10.19
CA HIS A 787 6.26 21.17 -9.42
C HIS A 787 7.74 21.01 -9.14
N GLN A 788 8.49 22.07 -9.39
CA GLN A 788 9.84 22.13 -8.88
C GLN A 788 9.90 22.75 -7.49
N LEU A 789 11.01 22.48 -6.85
CA LEU A 789 11.25 22.92 -5.49
C LEU A 789 12.65 23.51 -5.55
N GLY A 790 12.76 24.75 -5.12
CA GLY A 790 13.87 25.57 -5.51
C GLY A 790 14.72 25.86 -4.32
N ASN A 791 14.60 27.06 -3.82
CA ASN A 791 15.30 27.44 -2.62
C ASN A 791 14.37 27.30 -1.44
N LEU A 792 14.97 27.03 -0.29
CA LEU A 792 14.28 27.04 0.97
C LEU A 792 14.18 28.46 1.46
N ARG A 793 12.94 28.94 1.57
CA ARG A 793 12.68 30.12 2.38
C ARG A 793 12.48 29.57 3.79
N LEU A 794 13.52 29.70 4.62
CA LEU A 794 13.58 29.13 5.97
C LEU A 794 12.82 29.95 7.02
N GLU A 795 12.42 31.16 6.64
CA GLU A 795 11.64 32.01 7.51
C GLU A 795 10.22 31.50 7.52
N GLU A 796 9.79 30.97 6.38
CA GLU A 796 8.51 30.30 6.29
C GLU A 796 8.56 28.77 6.53
N CYS A 797 9.75 28.23 6.83
CA CYS A 797 9.87 26.85 7.32
C CYS A 797 9.74 26.80 8.84
N ARG A 798 9.05 25.78 9.33
CA ARG A 798 8.84 25.61 10.76
C ARG A 798 8.24 24.26 11.15
N ILE A 799 8.43 23.90 12.42
CA ILE A 799 7.83 22.70 13.02
C ILE A 799 6.42 23.02 13.51
N MET A 800 5.42 22.30 13.05
CA MET A 800 4.09 22.51 13.59
C MET A 800 4.02 22.11 15.08
N SER A 801 2.89 22.43 15.68
CA SER A 801 2.62 22.19 17.09
C SER A 801 2.34 20.73 17.42
N SER A 802 1.90 19.92 16.46
CA SER A 802 1.69 18.49 16.72
C SER A 802 2.88 17.79 17.36
N ALA A 803 2.57 16.80 18.18
CA ALA A 803 3.59 16.07 18.92
C ALA A 803 4.48 15.22 18.03
N LYS A 804 3.99 14.88 16.83
CA LYS A 804 4.75 14.07 15.88
C LYS A 804 5.89 14.91 15.30
N ARG A 805 5.89 16.21 15.58
CA ARG A 805 6.91 17.11 15.10
C ARG A 805 6.95 17.00 13.58
N PRO A 806 5.81 17.27 12.91
CA PRO A 806 5.83 17.44 11.47
C PRO A 806 6.57 18.72 11.11
N LEU A 807 7.10 18.76 9.90
CA LEU A 807 7.74 19.94 9.35
C LEU A 807 6.83 20.54 8.32
N TRP A 808 6.67 21.86 8.44
CA TRP A 808 6.03 22.71 7.46
C TRP A 808 7.17 23.34 6.67
N LEU A 809 7.36 22.85 5.44
CA LEU A 809 8.47 23.26 4.62
C LEU A 809 7.96 24.09 3.45
N ASN A 810 8.78 25.06 3.05
CA ASN A 810 8.44 26.09 2.09
C ASN A 810 9.58 26.26 1.11
N TRP A 811 9.22 26.45 -0.14
CA TRP A 811 10.20 26.52 -1.22
C TRP A 811 9.82 27.55 -2.29
N GLU A 812 10.82 28.15 -2.92
CA GLU A 812 10.58 29.07 -4.03
C GLU A 812 10.24 28.24 -5.25
N ASN A 813 9.19 28.63 -5.97
CA ASN A 813 8.87 28.01 -7.27
C ASN A 813 9.78 28.56 -8.35
N PRO A 814 10.80 27.80 -8.76
CA PRO A 814 11.80 28.42 -9.63
C PRO A 814 11.39 28.50 -11.12
N ASP A 815 10.11 28.32 -11.42
CA ASP A 815 9.60 28.60 -12.75
C ASP A 815 9.93 30.01 -13.24
N ILE A 816 9.92 30.15 -14.56
CA ILE A 816 10.04 31.45 -15.21
C ILE A 816 8.85 32.30 -14.77
N MET A 817 7.68 31.65 -14.72
CA MET A 817 6.40 32.26 -14.38
C MET A 817 5.88 31.85 -12.98
N SEP A 818 6.78 31.71 -12.01
CA SEP A 818 6.40 31.48 -10.61
CB SEP A 818 7.44 31.96 -9.61
OG SEP A 818 8.72 32.12 -10.23
C SEP A 818 5.17 32.27 -10.34
O SEP A 818 4.14 31.73 -9.96
P SEP A 818 9.87 33.12 -9.67
O1P SEP A 818 10.89 32.23 -9.01
O2P SEP A 818 10.33 33.74 -10.98
O3P SEP A 818 9.21 34.08 -8.68
N GLU A 819 5.28 33.56 -10.60
CA GLU A 819 4.26 34.54 -10.32
C GLU A 819 2.86 34.11 -10.77
N LEU A 820 2.74 33.61 -11.99
CA LEU A 820 1.43 33.29 -12.58
C LEU A 820 0.70 32.08 -11.93
N LEU A 821 1.43 31.24 -11.16
CA LEU A 821 0.85 30.03 -10.55
C LEU A 821 0.95 30.05 -9.03
N PHE A 822 2.15 29.91 -8.47
CA PHE A 822 2.36 30.19 -7.04
C PHE A 822 3.83 30.46 -6.85
N GLN A 823 4.18 31.57 -6.21
CA GLN A 823 5.60 31.88 -5.94
C GLN A 823 6.17 30.94 -4.90
N ASN A 824 5.31 30.43 -4.01
CA ASN A 824 5.73 29.55 -2.95
C ASN A 824 4.97 28.26 -2.96
N ASN A 825 5.75 27.19 -2.98
CA ASN A 825 5.27 25.82 -2.88
C ASN A 825 5.63 25.39 -1.49
N GLU A 826 4.64 24.90 -0.77
CA GLU A 826 4.87 24.45 0.60
C GLU A 826 4.14 23.17 0.86
N ILE A 827 4.85 22.19 1.43
CA ILE A 827 4.29 20.86 1.69
C ILE A 827 4.76 20.35 3.06
N ILE A 828 3.97 19.45 3.64
CA ILE A 828 4.17 19.07 5.04
C ILE A 828 4.80 17.72 5.05
N PHE A 829 5.96 17.62 5.70
CA PHE A 829 6.63 16.33 5.90
C PHE A 829 6.32 15.85 7.29
N LYS A 830 5.83 14.62 7.43
CA LYS A 830 5.44 14.07 8.76
C LYS A 830 6.04 12.68 9.03
N ASN A 831 7.19 12.69 9.70
CA ASN A 831 7.72 11.48 10.26
C ASN A 831 6.86 11.12 11.44
N GLY A 832 6.36 9.88 11.47
CA GLY A 832 5.63 9.35 12.62
C GLY A 832 4.22 8.77 12.46
N ASP A 833 3.66 8.78 11.27
CA ASP A 833 2.23 8.54 11.16
C ASP A 833 1.95 7.78 9.87
N ASP A 834 1.19 6.69 9.95
CA ASP A 834 0.99 5.84 8.79
C ASP A 834 0.05 6.49 7.80
N LEU A 835 0.63 7.10 6.78
CA LEU A 835 -0.11 7.83 5.78
C LEU A 835 -1.05 6.97 4.91
N ARG A 836 -0.73 5.69 4.69
CA ARG A 836 -1.49 4.92 3.69
C ARG A 836 -3.01 4.74 3.90
N GLN A 837 -3.48 4.85 5.12
CA GLN A 837 -4.92 4.89 5.33
C GLN A 837 -5.45 6.13 4.65
N ASP A 838 -4.92 7.28 5.07
CA ASP A 838 -5.23 8.57 4.47
C ASP A 838 -5.07 8.50 2.94
N MET A 839 -3.91 8.02 2.50
CA MET A 839 -3.61 7.86 1.06
C MET A 839 -4.79 7.20 0.31
N LEU A 840 -5.34 6.13 0.88
CA LEU A 840 -6.41 5.38 0.22
C LEU A 840 -7.76 6.09 0.31
N THR A 841 -8.12 6.60 1.49
CA THR A 841 -9.39 7.33 1.64
C THR A 841 -9.44 8.55 0.68
N LEU A 842 -8.36 9.34 0.67
CA LEU A 842 -8.20 10.45 -0.28
C LEU A 842 -8.30 10.00 -1.72
N GLN A 843 -7.64 8.90 -2.06
CA GLN A 843 -7.84 8.28 -3.37
C GLN A 843 -9.27 7.94 -3.65
N ILE A 844 -9.92 7.30 -2.68
CA ILE A 844 -11.29 6.83 -2.87
C ILE A 844 -12.22 8.03 -3.10
N ILE A 845 -12.02 9.08 -2.29
CA ILE A 845 -12.72 10.37 -2.44
C ILE A 845 -12.59 10.91 -3.87
N ARG A 846 -11.35 11.11 -4.29
CA ARG A 846 -10.98 11.52 -5.65
C ARG A 846 -11.78 10.75 -6.71
N ILE A 847 -11.95 9.46 -6.48
CA ILE A 847 -12.67 8.60 -7.40
C ILE A 847 -14.17 8.89 -7.34
N MET A 848 -14.74 8.97 -6.14
CA MET A 848 -16.16 9.35 -5.99
C MET A 848 -16.47 10.69 -6.66
N GLU A 849 -15.51 11.62 -6.59
CA GLU A 849 -15.68 12.92 -7.22
C GLU A 849 -15.80 12.67 -8.72
N ASN A 850 -14.82 11.96 -9.29
CA ASN A 850 -14.77 11.74 -10.73
C ASN A 850 -16.01 11.01 -11.20
N ILE A 851 -16.45 10.01 -10.45
CA ILE A 851 -17.75 9.38 -10.69
C ILE A 851 -18.86 10.42 -10.74
N TRP A 852 -19.00 11.19 -9.66
CA TRP A 852 -20.08 12.16 -9.54
C TRP A 852 -20.07 13.18 -10.67
N GLN A 853 -18.92 13.84 -10.82
CA GLN A 853 -18.79 14.98 -11.70
C GLN A 853 -18.95 14.55 -13.14
N ASN A 854 -18.18 13.55 -13.54
CA ASN A 854 -18.20 13.05 -14.93
C ASN A 854 -19.58 12.48 -15.30
N GLN A 855 -20.37 12.13 -14.29
CA GLN A 855 -21.80 11.81 -14.45
C GLN A 855 -22.69 13.04 -14.17
N GLY A 856 -22.30 14.18 -14.73
CA GLY A 856 -23.01 15.46 -14.60
C GLY A 856 -23.66 15.79 -13.26
N LEU A 857 -22.87 15.87 -12.18
CA LEU A 857 -23.35 16.42 -10.89
C LEU A 857 -22.18 16.86 -9.97
N ASP A 858 -22.20 18.13 -9.59
CA ASP A 858 -21.01 18.90 -9.18
C ASP A 858 -20.92 18.99 -7.68
N LEU A 859 -20.20 18.07 -7.06
CA LEU A 859 -19.87 18.20 -5.64
C LEU A 859 -18.37 18.35 -5.60
N ARG A 860 -17.87 19.25 -4.77
CA ARG A 860 -16.43 19.56 -4.85
C ARG A 860 -15.64 19.07 -3.63
N MET A 861 -15.09 17.88 -3.83
CA MET A 861 -14.24 17.25 -2.86
C MET A 861 -12.89 17.85 -3.17
N LEU A 862 -12.09 18.06 -2.14
CA LEU A 862 -10.69 18.46 -2.29
C LEU A 862 -9.85 17.29 -1.75
N PRO A 863 -9.64 16.28 -2.60
CA PRO A 863 -8.70 15.25 -2.25
C PRO A 863 -7.27 15.80 -2.31
N TYR A 864 -6.83 16.41 -1.21
CA TYR A 864 -5.49 16.94 -1.14
C TYR A 864 -4.46 15.84 -1.35
N GLY A 865 -3.32 16.21 -1.89
CA GLY A 865 -2.24 15.26 -2.05
C GLY A 865 -1.69 14.70 -0.73
N CYS A 866 -1.40 13.40 -0.76
CA CYS A 866 -0.76 12.66 0.33
C CYS A 866 0.14 11.61 -0.31
N LEU A 867 1.31 11.37 0.28
CA LEU A 867 2.22 10.33 -0.23
C LEU A 867 3.11 9.72 0.86
N SER A 868 2.89 8.44 1.14
CA SER A 868 3.74 7.70 2.08
C SER A 868 4.97 7.30 1.30
N ILE A 869 6.12 7.67 1.84
CA ILE A 869 7.42 7.39 1.23
C ILE A 869 8.20 6.37 2.03
N GLY A 870 7.56 5.76 3.02
CA GLY A 870 8.26 4.88 3.95
C GLY A 870 7.44 4.46 5.14
N ASP A 871 8.14 3.92 6.14
CA ASP A 871 7.47 3.38 7.31
C ASP A 871 6.95 4.53 8.19
N CYS A 872 5.65 4.80 8.06
CA CYS A 872 5.03 5.95 8.74
C CYS A 872 5.78 7.26 8.49
N VAL A 873 6.11 7.52 7.23
CA VAL A 873 6.74 8.78 6.79
C VAL A 873 6.15 9.19 5.46
N GLY A 874 5.78 10.47 5.34
CA GLY A 874 5.13 10.94 4.12
C GLY A 874 5.09 12.43 3.90
N LEU A 875 4.28 12.80 2.91
CA LEU A 875 4.10 14.18 2.49
C LEU A 875 2.63 14.49 2.31
N ILE A 876 2.18 15.60 2.92
CA ILE A 876 0.82 16.07 2.70
C ILE A 876 0.83 17.47 2.07
N GLU A 877 0.10 17.59 0.96
CA GLU A 877 -0.11 18.85 0.26
C GLU A 877 -0.69 19.86 1.20
N VAL A 878 -0.11 21.05 1.22
CA VAL A 878 -0.72 22.19 1.91
C VAL A 878 -1.81 22.84 1.04
N VAL A 879 -2.89 23.25 1.69
CA VAL A 879 -3.96 23.96 1.03
C VAL A 879 -3.98 25.34 1.66
N ARG A 880 -3.48 26.32 0.93
CA ARG A 880 -3.30 27.69 1.44
C ARG A 880 -4.69 28.26 1.69
N ASN A 881 -4.79 29.14 2.68
CA ASN A 881 -6.06 29.81 2.96
C ASN A 881 -7.16 28.79 3.22
N SER A 882 -6.90 27.95 4.21
CA SER A 882 -7.95 27.12 4.76
C SER A 882 -7.69 26.92 6.25
N HIS A 883 -8.79 26.74 6.99
CA HIS A 883 -8.74 26.79 8.43
C HIS A 883 -9.69 25.76 9.00
N THR A 884 -9.25 25.15 10.11
CA THR A 884 -10.11 24.29 10.90
C THR A 884 -11.19 25.13 11.51
N ILE A 885 -12.40 24.59 11.54
CA ILE A 885 -13.53 25.30 12.11
C ILE A 885 -13.12 25.91 13.46
N MET A 886 -12.32 25.17 14.23
CA MET A 886 -11.80 25.68 15.48
C MET A 886 -11.10 27.03 15.34
N GLN A 887 -10.20 27.20 14.37
CA GLN A 887 -9.54 28.49 14.13
C GLN A 887 -10.58 29.55 13.82
N ILE A 888 -11.48 29.23 12.91
CA ILE A 888 -12.59 30.11 12.59
C ILE A 888 -13.27 30.63 13.87
N GLN A 889 -13.57 29.70 14.77
CA GLN A 889 -14.25 30.02 16.01
C GLN A 889 -13.36 30.66 17.07
N CYS A 890 -12.08 30.31 17.12
CA CYS A 890 -11.13 31.04 17.97
C CYS A 890 -10.99 32.48 17.53
N LYS A 891 -10.79 32.67 16.23
CA LYS A 891 -10.71 34.01 15.66
C LYS A 891 -12.03 34.78 15.83
N GLY A 892 -13.16 34.13 15.55
CA GLY A 892 -14.50 34.73 15.74
C GLY A 892 -15.09 34.73 17.16
N GLY A 893 -14.33 34.27 18.15
CA GLY A 893 -14.82 34.19 19.53
C GLY A 893 -14.70 35.51 20.25
N LEU A 894 -15.71 35.81 21.08
CA LEU A 894 -15.75 37.06 21.87
C LEU A 894 -14.75 37.01 23.03
N LYS A 895 -14.36 38.20 23.48
CA LYS A 895 -13.20 38.40 24.37
C LYS A 895 -13.38 37.71 25.73
N GLY A 896 -14.45 38.07 26.43
CA GLY A 896 -14.80 37.48 27.73
C GLY A 896 -15.18 36.04 27.50
N ALA A 897 -14.26 35.12 27.82
CA ALA A 897 -14.37 33.71 27.45
C ALA A 897 -15.67 33.05 27.95
N LEU A 898 -16.72 33.07 27.13
CA LEU A 898 -18.07 32.60 27.49
C LEU A 898 -18.50 31.38 26.62
N GLN A 899 -19.00 31.62 25.41
CA GLN A 899 -19.35 30.55 24.46
C GLN A 899 -19.00 30.99 23.04
N PHE A 900 -18.60 30.04 22.20
CA PHE A 900 -18.37 30.29 20.78
C PHE A 900 -19.69 30.22 20.02
N ASN A 901 -19.87 31.18 19.13
CA ASN A 901 -21.15 31.39 18.45
C ASN A 901 -21.27 30.48 17.21
N SER A 902 -22.39 29.77 17.08
CA SER A 902 -22.69 28.93 15.90
C SER A 902 -22.57 29.69 14.57
N HIS A 903 -22.99 30.95 14.61
CA HIS A 903 -22.93 31.83 13.47
C HIS A 903 -21.50 32.20 13.05
N THR A 904 -20.56 32.39 13.99
CA THR A 904 -19.23 32.89 13.63
C THR A 904 -18.67 32.29 12.35
N LEU A 905 -18.91 31.00 12.11
CA LEU A 905 -18.54 30.37 10.83
C LEU A 905 -19.11 31.17 9.67
N HIS A 906 -20.44 31.18 9.61
CA HIS A 906 -21.18 32.02 8.70
C HIS A 906 -20.62 33.45 8.64
N GLN A 907 -20.42 34.07 9.80
CA GLN A 907 -19.95 35.47 9.87
C GLN A 907 -18.55 35.64 9.34
N TRP A 908 -17.68 34.67 9.63
CA TRP A 908 -16.31 34.64 9.09
C TRP A 908 -16.29 34.36 7.59
N LEU A 909 -17.27 33.61 7.11
CA LEU A 909 -17.39 33.30 5.69
C LEU A 909 -17.83 34.52 4.89
N LYS A 910 -18.91 35.16 5.34
CA LYS A 910 -19.38 36.47 4.81
C LYS A 910 -18.29 37.52 4.73
N ASP A 911 -17.51 37.64 5.82
CA ASP A 911 -16.35 38.54 5.93
C ASP A 911 -15.39 38.43 4.73
N LYS A 912 -15.32 37.22 4.14
CA LYS A 912 -14.53 36.95 2.93
C LYS A 912 -15.36 37.17 1.68
N ASN A 913 -16.48 36.47 1.59
CA ASN A 913 -17.32 36.47 0.40
C ASN A 913 -18.47 37.49 0.51
N LYS A 914 -18.35 38.61 -0.21
CA LYS A 914 -19.26 39.76 -0.10
C LYS A 914 -19.74 40.24 -1.45
N GLY A 915 -21.03 40.13 -1.74
CA GLY A 915 -21.56 40.57 -3.05
C GLY A 915 -22.15 39.40 -3.81
N GLU A 916 -22.00 39.39 -5.14
CA GLU A 916 -22.44 38.20 -5.94
C GLU A 916 -21.59 36.98 -5.57
N ILE A 917 -20.40 37.27 -5.03
CA ILE A 917 -19.49 36.27 -4.51
C ILE A 917 -20.23 35.43 -3.45
N TYR A 918 -20.58 36.05 -2.31
CA TYR A 918 -21.36 35.37 -1.25
C TYR A 918 -22.25 34.22 -1.76
N ASP A 919 -23.22 34.53 -2.62
CA ASP A 919 -24.19 33.53 -3.09
C ASP A 919 -23.52 32.27 -3.65
N ALA A 920 -22.47 32.49 -4.44
CA ALA A 920 -21.73 31.42 -5.08
C ALA A 920 -20.89 30.62 -4.08
N ALA A 921 -20.34 31.29 -3.07
CA ALA A 921 -19.56 30.62 -2.01
C ALA A 921 -20.43 29.69 -1.16
N ILE A 922 -21.71 30.01 -1.01
CA ILE A 922 -22.64 29.12 -0.27
C ILE A 922 -22.98 27.91 -1.13
N ASP A 923 -23.19 28.12 -2.42
CA ASP A 923 -23.31 27.02 -3.39
C ASP A 923 -22.14 26.02 -3.26
N LEU A 924 -20.93 26.55 -3.07
CA LEU A 924 -19.73 25.73 -2.92
C LEU A 924 -19.72 24.95 -1.61
N PHE A 925 -19.82 25.68 -0.50
CA PHE A 925 -19.98 25.10 0.83
C PHE A 925 -21.06 24.06 0.86
N THR A 926 -22.18 24.31 0.18
CA THR A 926 -23.26 23.33 0.06
C THR A 926 -22.89 22.15 -0.84
N ARG A 927 -22.30 22.42 -2.00
CA ARG A 927 -21.89 21.33 -2.89
C ARG A 927 -20.75 20.46 -2.32
N SER A 928 -19.80 21.08 -1.62
CA SER A 928 -18.73 20.32 -0.97
C SER A 928 -19.30 19.57 0.23
N CYS A 929 -19.83 20.30 1.20
CA CYS A 929 -20.39 19.69 2.41
C CYS A 929 -21.31 18.51 2.14
N ALA A 930 -22.03 18.54 1.02
CA ALA A 930 -22.87 17.41 0.61
C ALA A 930 -22.07 16.17 0.22
N GLY A 931 -21.13 16.34 -0.69
CA GLY A 931 -20.27 15.23 -1.11
C GLY A 931 -19.46 14.65 0.04
N TYR A 932 -18.83 15.52 0.82
CA TYR A 932 -18.09 15.08 2.00
C TYR A 932 -19.00 14.36 2.99
N CYS A 933 -20.27 14.75 3.09
CA CYS A 933 -21.21 13.99 3.94
C CYS A 933 -21.36 12.52 3.48
N VAL A 934 -21.55 12.35 2.18
CA VAL A 934 -21.82 11.05 1.55
C VAL A 934 -20.58 10.17 1.47
N ALA A 935 -19.41 10.75 1.20
CA ALA A 935 -18.16 9.98 1.20
C ALA A 935 -17.89 9.50 2.62
N THR A 936 -17.83 10.46 3.54
CA THR A 936 -17.66 10.19 4.96
C THR A 936 -18.57 9.10 5.50
N PHE A 937 -19.89 9.23 5.33
CA PHE A 937 -20.83 8.18 5.72
C PHE A 937 -20.51 6.79 5.12
N ILE A 938 -20.39 6.74 3.79
CA ILE A 938 -20.11 5.49 3.08
C ILE A 938 -18.78 4.85 3.49
N LEU A 939 -17.72 5.65 3.55
CA LEU A 939 -16.41 5.15 4.00
C LEU A 939 -16.34 4.90 5.47
N GLY A 940 -17.20 5.58 6.23
CA GLY A 940 -17.33 5.36 7.65
C GLY A 940 -16.13 5.85 8.44
N ILE A 941 -15.35 6.77 7.84
CA ILE A 941 -14.10 7.32 8.42
C ILE A 941 -14.23 7.86 9.85
N GLY A 942 -13.12 8.15 10.51
CA GLY A 942 -13.13 8.56 11.92
C GLY A 942 -14.04 9.75 12.17
N ASP A 943 -14.62 9.83 13.37
CA ASP A 943 -15.62 10.86 13.68
C ASP A 943 -15.09 12.27 13.38
N ARG A 944 -15.93 13.07 12.71
CA ARG A 944 -15.59 14.47 12.34
C ARG A 944 -15.87 15.41 13.50
N HIS A 945 -15.04 16.45 13.65
CA HIS A 945 -15.26 17.50 14.65
C HIS A 945 -14.34 18.68 14.40
N ASN A 946 -14.74 19.83 14.96
CA ASN A 946 -14.16 21.16 14.67
C ASN A 946 -12.68 21.26 14.29
N SER A 947 -11.84 20.39 14.87
CA SER A 947 -10.41 20.39 14.63
C SER A 947 -9.93 19.56 13.45
N ASN A 948 -10.83 18.85 12.76
CA ASN A 948 -10.45 18.12 11.55
C ASN A 948 -11.33 18.41 10.32
N ILE A 949 -12.11 19.48 10.38
CA ILE A 949 -12.95 19.89 9.28
C ILE A 949 -12.44 21.24 8.90
N MET A 950 -12.32 21.48 7.60
CA MET A 950 -11.76 22.72 7.13
C MET A 950 -12.60 23.43 6.07
N VAL A 951 -12.52 24.77 6.15
CA VAL A 951 -13.23 25.65 5.26
C VAL A 951 -12.25 26.62 4.70
N LYS A 952 -12.31 26.78 3.37
CA LYS A 952 -11.44 27.71 2.64
C LYS A 952 -12.10 29.07 2.57
N ASP A 953 -11.26 30.09 2.39
CA ASP A 953 -11.73 31.46 2.18
C ASP A 953 -12.84 31.58 1.14
N ASP A 954 -12.72 30.88 0.01
CA ASP A 954 -13.75 30.88 -1.01
C ASP A 954 -14.99 30.03 -0.68
N GLY A 955 -14.99 29.35 0.47
CA GLY A 955 -16.20 28.70 1.01
C GLY A 955 -16.35 27.20 0.80
N GLN A 956 -15.31 26.56 0.29
CA GLN A 956 -15.28 25.11 0.14
C GLN A 956 -14.91 24.49 1.45
N LEU A 957 -15.58 23.37 1.73
CA LEU A 957 -15.37 22.58 2.90
C LEU A 957 -14.66 21.30 2.49
N PHE A 958 -13.77 20.82 3.37
CA PHE A 958 -13.07 19.54 3.17
C PHE A 958 -12.49 18.99 4.47
N HIS A 959 -12.59 17.66 4.64
CA HIS A 959 -12.09 16.97 5.83
C HIS A 959 -10.61 16.62 5.72
N ILE A 960 -9.93 16.63 6.87
CA ILE A 960 -8.54 16.19 6.99
C ILE A 960 -8.42 15.05 8.02
N ASP A 961 -7.21 14.52 8.21
CA ASP A 961 -6.92 13.50 9.24
C ASP A 961 -8.08 12.53 9.43
N PHE A 962 -8.18 11.55 8.54
CA PHE A 962 -9.36 10.69 8.47
C PHE A 962 -9.39 9.58 9.51
N GLY A 963 -8.25 9.29 10.14
CA GLY A 963 -8.13 8.16 11.05
C GLY A 963 -8.42 6.83 10.36
N HIS A 964 -9.23 6.02 11.03
CA HIS A 964 -9.47 4.68 10.56
C HIS A 964 -10.67 4.66 9.64
N PHE A 965 -10.54 4.07 8.44
CA PHE A 965 -11.60 4.18 7.42
C PHE A 965 -12.85 3.31 7.65
N LEU A 966 -12.81 1.99 7.43
CA LEU A 966 -14.07 1.22 7.37
C LEU A 966 -14.65 0.87 8.76
N ASP A 967 -14.67 1.85 9.67
CA ASP A 967 -15.18 1.71 11.03
C ASP A 967 -14.33 0.74 11.84
N HIS A 968 -13.08 1.12 12.05
CA HIS A 968 -12.08 0.25 12.72
C HIS A 968 -11.99 0.44 14.27
N LYS A 969 -12.84 1.28 14.84
CA LYS A 969 -13.13 1.22 16.27
C LYS A 969 -14.46 0.47 16.53
N LYS A 970 -14.90 -0.35 15.57
CA LYS A 970 -15.98 -1.34 15.77
C LYS A 970 -15.39 -2.73 16.09
N LYS A 971 -14.06 -2.89 15.90
CA LYS A 971 -13.30 -4.06 16.37
C LYS A 971 -13.29 -4.16 17.92
N LYS A 972 -13.56 -3.03 18.59
CA LYS A 972 -14.06 -3.01 19.96
C LYS A 972 -15.57 -2.76 19.80
N PHE A 973 -16.39 -3.51 20.54
CA PHE A 973 -17.86 -3.63 20.31
C PHE A 973 -18.40 -3.66 18.86
N GLY A 974 -18.53 -2.50 18.21
CA GLY A 974 -19.08 -2.41 16.85
C GLY A 974 -20.51 -2.89 16.63
N TYR A 975 -20.67 -3.90 15.76
CA TYR A 975 -21.93 -4.62 15.52
C TYR A 975 -23.13 -3.77 15.05
N LYS A 976 -23.34 -3.76 13.74
CA LYS A 976 -24.44 -3.02 13.05
C LYS A 976 -24.60 -1.57 13.55
N ARG A 977 -23.46 -0.89 13.66
CA ARG A 977 -23.40 0.49 14.15
C ARG A 977 -23.64 1.53 13.04
N GLU A 978 -23.32 1.18 11.79
CA GLU A 978 -23.57 2.00 10.59
C GLU A 978 -23.56 3.47 10.95
N ARG A 979 -22.41 3.93 11.45
CA ARG A 979 -22.26 5.26 12.02
C ARG A 979 -22.38 6.41 10.99
N VAL A 980 -22.85 7.58 11.47
CA VAL A 980 -22.72 8.83 10.71
C VAL A 980 -21.59 9.62 11.35
N PRO A 981 -20.46 9.80 10.61
CA PRO A 981 -19.28 10.50 11.14
C PRO A 981 -19.26 12.00 10.93
N PHE A 982 -19.87 12.47 9.83
CA PHE A 982 -20.08 13.90 9.60
C PHE A 982 -21.53 14.20 9.94
N VAL A 983 -21.69 14.78 11.14
CA VAL A 983 -22.98 15.17 11.69
C VAL A 983 -23.05 16.69 11.70
N LEU A 984 -23.88 17.23 10.82
CA LEU A 984 -23.90 18.65 10.51
C LEU A 984 -24.53 19.44 11.63
N THR A 985 -23.70 19.89 12.57
CA THR A 985 -24.17 20.80 13.62
C THR A 985 -24.91 22.04 13.05
N GLN A 986 -25.44 22.84 13.96
CA GLN A 986 -26.06 24.11 13.61
C GLN A 986 -25.11 24.87 12.68
N ASP A 987 -23.90 25.11 13.19
CA ASP A 987 -22.82 25.82 12.46
C ASP A 987 -22.96 25.69 10.95
N PHE A 988 -23.00 24.44 10.50
CA PHE A 988 -23.00 24.08 9.07
C PHE A 988 -24.36 24.41 8.47
N LEU A 989 -25.41 23.97 9.14
CA LEU A 989 -26.77 24.22 8.68
C LEU A 989 -27.06 25.71 8.46
N ILE A 990 -26.65 26.54 9.42
CA ILE A 990 -26.84 28.00 9.32
C ILE A 990 -26.30 28.49 7.99
N VAL A 991 -25.05 28.11 7.72
CA VAL A 991 -24.30 28.51 6.54
C VAL A 991 -24.92 28.02 5.24
N ILE A 992 -25.46 26.79 5.25
CA ILE A 992 -26.16 26.24 4.09
C ILE A 992 -27.40 27.07 3.75
N SER A 993 -28.05 27.57 4.81
CA SER A 993 -29.35 28.23 4.71
C SER A 993 -29.28 29.77 4.70
N LYS A 994 -28.12 30.32 4.33
CA LYS A 994 -27.88 31.77 4.27
C LYS A 994 -28.28 32.58 5.52
N GLY A 995 -28.17 31.95 6.70
CA GLY A 995 -28.39 32.65 7.96
C GLY A 995 -29.77 32.58 8.58
N ALA A 996 -30.73 31.91 7.92
CA ALA A 996 -32.08 31.77 8.49
C ALA A 996 -32.04 30.99 9.81
N GLN A 997 -33.09 31.08 10.59
CA GLN A 997 -33.28 30.18 11.74
C GLN A 997 -34.26 29.09 11.34
N GLU A 998 -34.12 27.96 12.01
CA GLU A 998 -34.88 26.73 11.70
C GLU A 998 -34.62 26.38 10.22
N CYS A 999 -33.33 26.14 10.00
CA CYS A 999 -32.71 25.96 8.70
C CYS A 999 -33.15 24.69 8.07
N THR A 1000 -33.31 23.65 8.90
CA THR A 1000 -33.83 22.33 8.52
C THR A 1000 -35.10 22.31 7.63
N LYS A 1001 -35.72 23.47 7.39
CA LYS A 1001 -37.01 23.55 6.71
C LYS A 1001 -37.00 24.43 5.43
N THR A 1002 -35.84 25.00 5.08
CA THR A 1002 -35.70 25.89 3.91
C THR A 1002 -35.58 25.10 2.60
N ARG A 1003 -35.62 25.76 1.44
CA ARG A 1003 -35.32 25.11 0.14
C ARG A 1003 -33.81 25.02 -0.02
N GLU A 1004 -33.08 26.00 0.51
CA GLU A 1004 -31.61 25.95 0.60
C GLU A 1004 -31.20 24.52 0.97
N PHE A 1005 -31.83 24.03 2.04
CA PHE A 1005 -31.66 22.68 2.59
C PHE A 1005 -32.27 21.55 1.76
N GLU A 1006 -33.51 21.68 1.30
CA GLU A 1006 -34.10 20.69 0.40
C GLU A 1006 -33.12 20.29 -0.70
N ARG A 1007 -32.62 21.30 -1.42
CA ARG A 1007 -31.62 21.13 -2.50
C ARG A 1007 -30.40 20.38 -2.00
N PHE A 1008 -29.87 20.81 -0.84
CA PHE A 1008 -28.74 20.14 -0.18
C PHE A 1008 -28.96 18.64 -0.02
N GLN A 1009 -30.12 18.27 0.57
CA GLN A 1009 -30.49 16.87 0.73
C GLN A 1009 -30.56 16.17 -0.62
N GLU A 1010 -31.23 16.78 -1.59
CA GLU A 1010 -31.32 16.21 -2.93
C GLU A 1010 -29.95 15.99 -3.57
N MET A 1011 -28.95 16.82 -3.23
CA MET A 1011 -27.56 16.50 -3.62
C MET A 1011 -27.14 15.20 -2.90
N CYS A 1012 -27.25 15.19 -1.57
CA CYS A 1012 -26.82 14.05 -0.74
C CYS A 1012 -27.41 12.73 -1.18
N TYR A 1013 -28.67 12.73 -1.64
CA TYR A 1013 -29.33 11.51 -2.13
C TYR A 1013 -28.77 11.10 -3.50
N LYS A 1014 -28.65 12.09 -4.39
CA LYS A 1014 -28.17 11.86 -5.75
C LYS A 1014 -26.73 11.39 -5.77
N ALA A 1015 -25.93 11.95 -4.86
CA ALA A 1015 -24.55 11.53 -4.61
C ALA A 1015 -24.47 10.08 -4.13
N TYR A 1016 -25.21 9.78 -3.05
CA TYR A 1016 -25.28 8.43 -2.47
C TYR A 1016 -25.60 7.30 -3.46
N LEU A 1017 -26.54 7.54 -4.40
CA LEU A 1017 -26.90 6.53 -5.38
C LEU A 1017 -25.84 6.32 -6.44
N ALA A 1018 -25.18 7.40 -6.87
CA ALA A 1018 -24.11 7.29 -7.86
C ALA A 1018 -23.01 6.32 -7.39
N ILE A 1019 -22.57 6.50 -6.15
CA ILE A 1019 -21.58 5.61 -5.54
C ILE A 1019 -22.15 4.19 -5.36
N ARG A 1020 -23.44 4.10 -5.02
CA ARG A 1020 -24.14 2.82 -4.89
C ARG A 1020 -24.24 2.01 -6.19
N GLN A 1021 -24.22 2.68 -7.34
CA GLN A 1021 -24.21 1.97 -8.63
C GLN A 1021 -22.79 1.58 -9.07
N HIS A 1022 -21.77 2.23 -8.53
CA HIS A 1022 -20.39 1.83 -8.79
C HIS A 1022 -19.80 0.97 -7.68
N ALA A 1023 -20.63 0.56 -6.72
CA ALA A 1023 -20.20 -0.17 -5.52
C ALA A 1023 -19.24 -1.32 -5.79
N ASN A 1024 -19.45 -2.00 -6.91
CA ASN A 1024 -18.53 -3.04 -7.33
C ASN A 1024 -17.09 -2.56 -7.24
N LEU A 1025 -16.79 -1.47 -7.95
CA LEU A 1025 -15.44 -0.88 -7.95
C LEU A 1025 -14.89 -0.67 -6.53
N PHE A 1026 -15.63 0.04 -5.71
CA PHE A 1026 -15.16 0.33 -4.36
C PHE A 1026 -14.95 -0.92 -3.47
N ILE A 1027 -15.70 -1.99 -3.73
CA ILE A 1027 -15.45 -3.27 -3.10
C ILE A 1027 -14.07 -3.71 -3.60
N ASN A 1028 -13.95 -3.85 -4.93
CA ASN A 1028 -12.73 -4.34 -5.61
C ASN A 1028 -11.48 -3.54 -5.29
N LEU A 1029 -11.62 -2.21 -5.18
CA LEU A 1029 -10.51 -1.35 -4.78
C LEU A 1029 -10.11 -1.70 -3.37
N PHE A 1030 -11.07 -1.79 -2.45
CA PHE A 1030 -10.75 -2.25 -1.10
C PHE A 1030 -10.24 -3.70 -1.05
N SER A 1031 -10.75 -4.56 -1.95
CA SER A 1031 -10.28 -5.95 -2.07
C SER A 1031 -8.85 -6.07 -2.57
N MET A 1032 -8.50 -5.22 -3.52
CA MET A 1032 -7.12 -5.11 -4.02
C MET A 1032 -6.11 -4.65 -2.94
N MET A 1033 -6.63 -3.97 -1.93
CA MET A 1033 -5.84 -3.32 -0.87
C MET A 1033 -5.61 -4.22 0.35
N LEU A 1034 -6.24 -5.39 0.36
CA LEU A 1034 -5.98 -6.37 1.42
C LEU A 1034 -4.51 -6.78 1.49
N GLY A 1035 -3.84 -6.77 0.33
CA GLY A 1035 -2.40 -6.97 0.21
C GLY A 1035 -1.59 -6.17 1.21
N SER A 1036 -1.71 -4.83 1.18
CA SER A 1036 -0.99 -3.99 2.13
C SER A 1036 -1.35 -4.40 3.52
N GLY A 1037 -0.39 -4.25 4.42
CA GLY A 1037 -0.57 -4.68 5.79
C GLY A 1037 -1.28 -3.65 6.64
N MET A 1038 -2.35 -3.08 6.12
CA MET A 1038 -3.10 -2.11 6.88
C MET A 1038 -4.00 -2.86 7.84
N PRO A 1039 -4.02 -2.45 9.12
CA PRO A 1039 -4.89 -3.13 10.05
C PRO A 1039 -6.38 -2.92 9.74
N GLU A 1040 -6.71 -1.83 9.04
CA GLU A 1040 -8.10 -1.56 8.69
C GLU A 1040 -8.59 -2.54 7.61
N LEU A 1041 -7.65 -3.10 6.84
CA LEU A 1041 -7.92 -4.11 5.79
C LEU A 1041 -7.20 -5.42 6.06
N GLN A 1042 -7.80 -6.23 6.93
CA GLN A 1042 -7.27 -7.54 7.32
C GLN A 1042 -7.90 -8.65 6.53
N SER A 1043 -9.21 -8.57 6.33
CA SER A 1043 -9.92 -9.50 5.44
C SER A 1043 -11.30 -9.00 5.02
N PHE A 1044 -11.82 -9.63 3.97
CA PHE A 1044 -13.10 -9.26 3.32
C PHE A 1044 -14.28 -8.78 4.18
N ASP A 1045 -14.42 -9.32 5.40
CA ASP A 1045 -15.48 -8.85 6.31
C ASP A 1045 -15.21 -7.40 6.73
N ASP A 1046 -13.94 -6.98 6.79
CA ASP A 1046 -13.60 -5.58 7.04
C ASP A 1046 -14.26 -4.69 5.98
N ILE A 1047 -14.06 -5.08 4.73
CA ILE A 1047 -14.63 -4.40 3.55
C ILE A 1047 -16.13 -4.49 3.54
N ALA A 1048 -16.69 -5.57 4.10
CA ALA A 1048 -18.14 -5.76 4.14
C ALA A 1048 -18.93 -4.59 4.75
N TYR A 1049 -18.31 -3.79 5.63
CA TYR A 1049 -18.96 -2.56 6.13
C TYR A 1049 -19.53 -1.71 4.98
N ILE A 1050 -18.77 -1.58 3.89
CA ILE A 1050 -19.21 -0.79 2.72
C ILE A 1050 -20.44 -1.38 2.00
N ARG A 1051 -20.86 -2.58 2.37
CA ARG A 1051 -22.08 -3.19 1.84
C ARG A 1051 -23.24 -2.67 2.61
N LYS A 1052 -23.17 -2.80 3.94
CA LYS A 1052 -24.27 -2.32 4.78
C LYS A 1052 -24.59 -0.87 4.43
N THR A 1053 -23.51 -0.08 4.41
CA THR A 1053 -23.58 1.38 4.32
C THR A 1053 -24.05 1.85 2.93
N LEU A 1054 -23.72 1.09 1.88
CA LEU A 1054 -24.32 1.30 0.56
C LEU A 1054 -25.64 0.54 0.43
N ALA A 1055 -25.88 -0.44 1.32
CA ALA A 1055 -27.07 -1.26 1.31
C ALA A 1055 -27.23 -1.95 -0.04
N LEU A 1056 -26.37 -2.93 -0.27
CA LEU A 1056 -26.30 -3.63 -1.56
C LEU A 1056 -27.16 -4.90 -1.57
N ASP A 1057 -27.49 -5.42 -0.38
CA ASP A 1057 -28.49 -6.52 -0.22
C ASP A 1057 -29.93 -6.05 -0.52
N LYS A 1058 -30.16 -4.72 -0.55
CA LYS A 1058 -31.50 -4.13 -0.73
C LYS A 1058 -31.79 -3.57 -2.14
N THR A 1059 -33.03 -3.13 -2.38
CA THR A 1059 -33.37 -2.34 -3.59
C THR A 1059 -32.90 -0.93 -3.35
N GLU A 1060 -32.68 -0.20 -4.45
CA GLU A 1060 -32.24 1.18 -4.34
C GLU A 1060 -33.20 2.06 -3.54
N GLN A 1061 -34.49 1.80 -3.67
CA GLN A 1061 -35.50 2.60 -2.99
C GLN A 1061 -35.44 2.43 -1.46
N GLU A 1062 -35.11 1.22 -1.04
CA GLU A 1062 -34.85 0.95 0.37
C GLU A 1062 -33.55 1.61 0.79
N ALA A 1063 -32.55 1.54 -0.09
CA ALA A 1063 -31.27 2.18 0.15
C ALA A 1063 -31.44 3.65 0.43
N LEU A 1064 -32.17 4.33 -0.44
CA LEU A 1064 -32.49 5.76 -0.24
C LEU A 1064 -33.12 6.01 1.10
N GLU A 1065 -34.10 5.16 1.41
CA GLU A 1065 -34.82 5.22 2.67
C GLU A 1065 -33.92 4.84 3.85
N TYR A 1066 -33.07 3.84 3.65
CA TYR A 1066 -32.04 3.47 4.64
C TYR A 1066 -31.10 4.64 4.89
N PHE A 1067 -30.69 5.30 3.82
CA PHE A 1067 -29.73 6.38 3.94
C PHE A 1067 -30.32 7.54 4.70
N MET A 1068 -31.57 7.87 4.36
CA MET A 1068 -32.33 8.86 5.10
C MET A 1068 -32.43 8.47 6.58
N LYS A 1069 -33.06 7.32 6.84
CA LYS A 1069 -33.15 6.77 8.20
C LYS A 1069 -31.84 7.03 8.95
N GLN A 1070 -30.75 6.54 8.37
CA GLN A 1070 -29.43 6.62 8.97
C GLN A 1070 -29.04 8.06 9.20
N MET A 1071 -29.26 8.87 8.17
CA MET A 1071 -28.99 10.32 8.23
C MET A 1071 -29.89 11.07 9.21
N ASN A 1072 -31.14 10.65 9.33
CA ASN A 1072 -32.10 11.35 10.18
C ASN A 1072 -31.75 11.17 11.65
N ASP A 1073 -31.56 9.91 12.08
CA ASP A 1073 -31.35 9.59 13.50
C ASP A 1073 -30.16 10.25 14.16
N ALA A 1074 -29.07 10.40 13.41
CA ALA A 1074 -27.88 11.08 13.91
C ALA A 1074 -28.09 12.60 14.01
N HIS A 1075 -28.95 13.12 13.14
CA HIS A 1075 -29.23 14.56 13.06
C HIS A 1075 -30.38 15.07 13.93
N HIS A 1076 -31.21 14.17 14.49
CA HIS A 1076 -32.47 14.55 15.17
C HIS A 1076 -33.37 15.38 14.19
N GLY A 1077 -33.07 15.28 12.89
CA GLY A 1077 -33.47 16.29 11.90
C GLY A 1077 -34.76 15.99 11.17
N GLY A 1078 -34.89 16.51 9.94
CA GLY A 1078 -36.07 16.26 9.11
C GLY A 1078 -35.92 15.02 8.25
N TRP A 1079 -35.14 15.16 7.18
CA TRP A 1079 -34.65 14.04 6.36
C TRP A 1079 -35.67 13.04 5.74
N THR A 1080 -36.78 13.53 5.16
CA THR A 1080 -37.71 12.72 4.33
C THR A 1080 -38.03 13.46 3.01
N LEU B 7 -40.29 -23.11 14.40
CA LEU B 7 -39.76 -22.58 13.09
C LEU B 7 -39.22 -21.14 13.18
N GLN B 8 -39.77 -20.36 14.11
CA GLN B 8 -39.20 -19.07 14.54
C GLN B 8 -38.05 -19.34 15.52
N ASP B 9 -38.33 -20.15 16.53
CA ASP B 9 -37.33 -20.46 17.57
C ASP B 9 -36.19 -21.26 16.90
N ALA B 10 -36.46 -22.53 16.58
CA ALA B 10 -35.56 -23.42 15.83
C ALA B 10 -34.05 -23.45 16.21
N GLU B 11 -33.66 -22.87 17.36
CA GLU B 11 -32.25 -22.81 17.82
C GLU B 11 -31.27 -22.22 16.78
N TRP B 12 -30.96 -23.02 15.76
CA TRP B 12 -30.08 -22.60 14.64
C TRP B 12 -30.69 -21.52 13.76
N TYR B 13 -32.01 -21.45 13.68
CA TYR B 13 -32.68 -20.49 12.78
C TYR B 13 -32.60 -19.11 13.39
N TRP B 14 -32.01 -18.17 12.66
CA TRP B 14 -31.95 -16.76 13.06
C TRP B 14 -32.96 -15.96 12.23
N GLY B 15 -32.73 -15.90 10.92
CA GLY B 15 -33.57 -15.11 10.03
C GLY B 15 -33.39 -13.61 10.23
N SER B 18 -28.22 -10.87 8.24
CA SER B 18 -27.71 -10.78 6.87
C SER B 18 -26.25 -11.26 6.74
N ARG B 19 -25.87 -11.55 5.50
CA ARG B 19 -24.58 -12.16 5.12
C ARG B 19 -23.40 -11.90 6.04
N GLU B 20 -23.24 -10.64 6.43
CA GLU B 20 -22.06 -10.22 7.18
C GLU B 20 -22.09 -10.90 8.55
N GLU B 21 -23.07 -10.53 9.40
CA GLU B 21 -23.13 -11.01 10.79
C GLU B 21 -23.27 -12.53 10.93
N VAL B 22 -23.71 -13.20 9.86
CA VAL B 22 -23.63 -14.64 9.75
C VAL B 22 -22.17 -15.08 9.81
N ASN B 23 -21.35 -14.50 8.92
CA ASN B 23 -19.91 -14.82 8.85
C ASN B 23 -19.15 -14.51 10.16
N GLU B 24 -19.65 -13.53 10.94
CA GLU B 24 -19.13 -13.26 12.31
C GLU B 24 -19.47 -14.37 13.28
N LYS B 25 -20.66 -14.95 13.15
CA LYS B 25 -21.05 -16.14 13.91
C LYS B 25 -20.44 -17.43 13.37
N LEU B 26 -20.05 -17.43 12.09
CA LEU B 26 -19.28 -18.52 11.48
C LEU B 26 -17.74 -18.35 11.56
N ARG B 27 -17.25 -17.21 12.06
CA ARG B 27 -15.80 -17.01 12.24
C ARG B 27 -15.32 -17.89 13.39
N ASP B 28 -14.21 -18.60 13.15
CA ASP B 28 -13.54 -19.50 14.13
C ASP B 28 -14.35 -20.70 14.70
N THR B 29 -15.48 -21.07 14.08
CA THR B 29 -16.13 -22.38 14.32
C THR B 29 -15.59 -23.45 13.36
N ALA B 30 -15.43 -24.68 13.86
CA ALA B 30 -14.72 -25.75 13.14
C ALA B 30 -15.55 -26.39 11.99
N ASP B 31 -14.98 -27.44 11.38
CA ASP B 31 -15.55 -28.17 10.23
C ASP B 31 -16.92 -28.82 10.54
N GLY B 32 -18.01 -28.27 9.97
CA GLY B 32 -19.38 -28.81 10.14
C GLY B 32 -20.42 -27.90 10.79
N THR B 33 -19.96 -26.79 11.38
CA THR B 33 -20.82 -25.83 12.09
C THR B 33 -21.74 -25.05 11.14
N PHE B 34 -23.01 -24.86 11.53
CA PHE B 34 -24.02 -24.29 10.63
C PHE B 34 -25.10 -23.41 11.27
N LEU B 35 -25.83 -22.73 10.40
CA LEU B 35 -27.00 -21.94 10.75
C LEU B 35 -27.85 -21.66 9.47
N VAL B 36 -29.10 -21.21 9.66
CA VAL B 36 -30.01 -20.87 8.54
C VAL B 36 -30.33 -19.36 8.54
N ARG B 37 -30.50 -18.81 7.33
CA ARG B 37 -30.83 -17.40 7.09
C ARG B 37 -32.14 -17.26 6.30
N ASP B 38 -32.54 -16.01 6.05
CA ASP B 38 -33.65 -15.65 5.16
C ASP B 38 -33.12 -15.18 3.80
N THR B 41 -32.79 -10.44 -0.91
CA THR B 41 -33.93 -10.50 -1.83
C THR B 41 -34.70 -11.82 -1.56
N LYS B 42 -36.02 -11.71 -1.44
CA LYS B 42 -36.91 -12.87 -1.37
C LYS B 42 -37.20 -13.40 -2.78
N MET B 43 -37.38 -12.47 -3.73
CA MET B 43 -37.50 -12.77 -5.18
C MET B 43 -36.09 -13.13 -5.72
N HIS B 44 -35.65 -14.33 -5.36
CA HIS B 44 -34.23 -14.75 -5.36
C HIS B 44 -34.26 -16.22 -4.87
N GLY B 45 -34.79 -16.38 -3.66
CA GLY B 45 -35.06 -17.66 -3.00
C GLY B 45 -35.59 -17.29 -1.63
N ASP B 46 -36.14 -18.25 -0.89
CA ASP B 46 -36.68 -17.92 0.45
C ASP B 46 -35.57 -17.96 1.54
N TYR B 47 -35.20 -19.16 2.01
CA TYR B 47 -34.21 -19.33 3.12
C TYR B 47 -32.82 -19.76 2.59
N THR B 48 -31.80 -19.70 3.46
CA THR B 48 -30.39 -19.99 3.08
C THR B 48 -29.58 -20.70 4.19
N LEU B 49 -29.35 -22.00 4.02
CA LEU B 49 -28.47 -22.75 4.92
C LEU B 49 -27.03 -22.31 4.67
N THR B 50 -26.46 -21.55 5.62
CA THR B 50 -25.05 -21.18 5.59
C THR B 50 -24.25 -22.13 6.49
N LEU B 51 -23.47 -23.01 5.86
CA LEU B 51 -22.74 -24.10 6.53
C LEU B 51 -21.24 -23.85 6.39
N ARG B 52 -20.47 -24.05 7.46
CA ARG B 52 -19.01 -23.87 7.39
C ARG B 52 -18.22 -25.20 7.32
N LYS B 53 -18.20 -25.77 6.12
CA LYS B 53 -17.47 -27.03 5.86
C LYS B 53 -15.99 -26.78 5.62
N GLY B 54 -15.17 -27.40 6.46
CA GLY B 54 -13.72 -27.35 6.34
C GLY B 54 -13.09 -26.01 6.72
N GLY B 55 -13.90 -25.10 7.26
CA GLY B 55 -13.46 -23.71 7.49
C GLY B 55 -13.54 -22.85 6.24
N ASN B 56 -14.75 -22.74 5.69
CA ASN B 56 -15.09 -21.76 4.64
C ASN B 56 -16.63 -21.69 4.52
N ASN B 57 -17.19 -20.49 4.40
CA ASN B 57 -18.66 -20.36 4.22
C ASN B 57 -19.15 -21.10 2.95
N LYS B 58 -20.06 -22.07 3.14
CA LYS B 58 -20.72 -22.81 2.04
C LYS B 58 -22.26 -22.65 2.10
N LEU B 59 -22.79 -21.72 1.30
CA LEU B 59 -24.21 -21.34 1.28
C LEU B 59 -25.05 -22.25 0.39
N ILE B 60 -26.23 -22.64 0.89
CA ILE B 60 -27.12 -23.58 0.20
C ILE B 60 -28.54 -23.01 0.18
N LYS B 61 -29.08 -22.75 -1.01
CA LYS B 61 -30.45 -22.23 -1.23
C LYS B 61 -31.57 -23.23 -0.88
N ILE B 62 -32.71 -22.70 -0.40
CA ILE B 62 -33.88 -23.52 -0.01
C ILE B 62 -35.09 -23.22 -0.92
N ASP B 66 -45.14 -24.77 -3.65
CA ASP B 66 -46.32 -25.45 -3.12
C ASP B 66 -45.95 -26.32 -1.91
N GLY B 67 -45.65 -25.64 -0.79
CA GLY B 67 -45.45 -26.31 0.50
C GLY B 67 -44.04 -26.82 0.82
N LYS B 68 -43.50 -27.65 -0.07
CA LYS B 68 -42.31 -28.47 0.23
C LYS B 68 -41.01 -27.65 0.10
N TYR B 69 -40.24 -27.62 1.19
CA TYR B 69 -38.97 -26.92 1.24
C TYR B 69 -37.85 -27.89 0.84
N GLY B 70 -36.85 -27.41 0.09
CA GLY B 70 -35.75 -28.27 -0.36
C GLY B 70 -34.61 -27.53 -1.05
N PHE B 71 -33.57 -28.28 -1.43
CA PHE B 71 -32.37 -27.75 -2.12
C PHE B 71 -32.51 -27.66 -3.65
N SER B 72 -33.11 -28.67 -4.27
CA SER B 72 -33.50 -28.57 -5.68
C SER B 72 -34.77 -29.39 -5.99
N ASP B 73 -34.60 -30.65 -6.42
CA ASP B 73 -35.72 -31.54 -6.80
C ASP B 73 -36.25 -32.50 -5.73
N PRO B 74 -35.36 -33.09 -4.87
CA PRO B 74 -35.89 -34.00 -3.82
C PRO B 74 -36.58 -33.19 -2.73
N LEU B 75 -37.77 -32.71 -3.07
CA LEU B 75 -38.44 -31.64 -2.34
C LEU B 75 -39.26 -32.13 -1.14
N THR B 76 -39.60 -33.43 -1.08
CA THR B 76 -40.50 -33.96 -0.02
C THR B 76 -39.94 -33.81 1.41
N PHE B 77 -39.97 -32.57 1.89
CA PHE B 77 -39.73 -32.19 3.28
C PHE B 77 -40.66 -30.98 3.49
N SER B 78 -41.63 -31.12 4.37
CA SER B 78 -42.74 -30.15 4.49
C SER B 78 -42.40 -28.80 5.17
N SER B 79 -41.25 -28.75 5.86
CA SER B 79 -40.84 -27.57 6.63
C SER B 79 -39.35 -27.25 6.52
N VAL B 80 -39.01 -26.04 6.99
CA VAL B 80 -37.62 -25.62 7.17
C VAL B 80 -36.94 -26.49 8.24
N VAL B 81 -37.64 -26.77 9.34
CA VAL B 81 -37.12 -27.67 10.40
C VAL B 81 -37.02 -29.14 9.93
N GLU B 82 -37.90 -29.55 9.01
CA GLU B 82 -37.86 -30.92 8.46
C GLU B 82 -36.55 -31.21 7.74
N LEU B 83 -36.16 -30.29 6.84
CA LEU B 83 -34.98 -30.49 6.00
C LEU B 83 -33.64 -30.50 6.77
N ILE B 84 -33.57 -29.82 7.91
CA ILE B 84 -32.32 -29.66 8.67
C ILE B 84 -32.07 -30.80 9.71
N ASN B 85 -33.12 -31.39 10.28
CA ASN B 85 -33.00 -32.57 11.17
C ASN B 85 -32.46 -33.80 10.43
N HIS B 86 -32.99 -34.03 9.22
CA HIS B 86 -32.52 -35.08 8.30
C HIS B 86 -31.01 -35.02 8.03
N TYR B 87 -30.50 -33.81 7.77
CA TYR B 87 -29.08 -33.58 7.43
C TYR B 87 -28.17 -33.15 8.62
N ARG B 88 -28.71 -33.25 9.84
CA ARG B 88 -27.88 -33.25 11.05
C ARG B 88 -27.32 -34.67 11.27
N ASN B 89 -28.18 -35.68 11.04
CA ASN B 89 -27.76 -37.09 11.00
C ASN B 89 -26.78 -37.42 9.87
N GLU B 90 -26.98 -36.80 8.72
CA GLU B 90 -26.40 -37.27 7.45
C GLU B 90 -25.63 -36.17 6.67
N SER B 91 -24.69 -36.61 5.83
CA SER B 91 -23.89 -35.70 5.00
C SER B 91 -24.71 -35.18 3.82
N LEU B 92 -24.14 -34.22 3.09
CA LEU B 92 -24.78 -33.62 1.91
C LEU B 92 -24.21 -34.17 0.58
N ALA B 93 -23.63 -35.37 0.59
CA ALA B 93 -22.98 -35.96 -0.58
C ALA B 93 -23.97 -36.53 -1.61
N GLN B 94 -24.98 -37.26 -1.12
CA GLN B 94 -26.05 -37.85 -1.98
C GLN B 94 -26.98 -36.84 -2.71
N TYR B 95 -26.98 -35.59 -2.24
CA TYR B 95 -27.67 -34.48 -2.92
C TYR B 95 -26.76 -33.86 -4.01
N ASN B 96 -25.53 -33.50 -3.63
CA ASN B 96 -24.58 -32.79 -4.51
C ASN B 96 -23.15 -33.36 -4.33
N PRO B 97 -22.49 -33.80 -5.44
CA PRO B 97 -21.18 -34.49 -5.36
C PRO B 97 -20.17 -34.05 -4.27
N LYS B 98 -19.40 -32.97 -4.46
CA LYS B 98 -18.29 -32.64 -3.53
C LYS B 98 -18.80 -31.98 -2.23
N LEU B 99 -19.37 -32.80 -1.36
CA LEU B 99 -19.90 -32.36 -0.06
C LEU B 99 -19.94 -33.55 0.93
N ASP B 100 -18.81 -33.84 1.58
CA ASP B 100 -18.68 -34.99 2.52
C ASP B 100 -18.50 -34.57 4.00
N VAL B 101 -19.44 -33.73 4.45
CA VAL B 101 -19.49 -33.20 5.83
C VAL B 101 -20.99 -33.00 6.20
N LYS B 102 -21.32 -33.01 7.50
CA LYS B 102 -22.73 -33.12 7.97
C LYS B 102 -23.46 -31.83 8.39
N TYR B 105 -22.76 -30.14 14.54
CA TYR B 105 -22.62 -28.83 15.18
C TYR B 105 -23.69 -27.82 14.74
N PRO B 106 -24.90 -27.88 15.33
CA PRO B 106 -25.96 -26.91 15.01
C PRO B 106 -25.87 -25.59 15.80
N VAL B 107 -24.64 -25.06 15.93
CA VAL B 107 -24.31 -24.10 17.00
C VAL B 107 -25.10 -22.77 16.85
N SER B 108 -25.88 -22.45 17.88
CA SER B 108 -26.59 -21.17 18.02
C SER B 108 -27.18 -21.03 19.43
N GLN B 114 -23.74 -20.37 29.38
CA GLN B 114 -23.18 -20.08 30.69
C GLN B 114 -23.70 -18.74 31.20
N VAL B 115 -23.04 -17.63 30.85
CA VAL B 115 -23.35 -16.24 31.32
C VAL B 115 -23.83 -16.06 32.78
N VAL B 116 -23.33 -16.92 33.68
CA VAL B 116 -23.83 -17.09 35.08
C VAL B 116 -25.36 -17.33 35.15
N LYS B 117 -25.94 -17.81 34.05
CA LYS B 117 -27.40 -17.94 33.87
C LYS B 117 -28.28 -16.67 34.11
N GLU B 118 -27.66 -15.49 34.24
CA GLU B 118 -28.30 -14.29 34.81
C GLU B 118 -29.50 -13.79 34.04
N ASP B 119 -30.68 -13.81 34.69
CA ASP B 119 -31.89 -13.18 34.15
C ASP B 119 -32.00 -11.70 34.56
N ASN B 120 -30.88 -11.08 34.96
CA ASN B 120 -30.91 -9.74 35.54
C ASN B 120 -31.13 -8.65 34.49
N ILE B 121 -30.67 -8.87 33.26
CA ILE B 121 -30.70 -7.88 32.16
C ILE B 121 -29.73 -6.71 32.43
N GLU B 122 -29.95 -5.96 33.52
CA GLU B 122 -29.07 -4.84 33.88
C GLU B 122 -27.68 -5.31 34.31
N ALA B 123 -27.63 -6.25 35.26
CA ALA B 123 -26.37 -6.78 35.79
C ALA B 123 -25.61 -7.69 34.80
N VAL B 124 -26.32 -8.20 33.79
CA VAL B 124 -25.69 -8.81 32.64
C VAL B 124 -24.98 -7.71 31.81
N GLY B 125 -25.65 -6.55 31.66
CA GLY B 125 -25.11 -5.38 30.97
C GLY B 125 -23.89 -4.69 31.59
N LYS B 126 -23.78 -4.73 32.91
CA LYS B 126 -22.60 -4.22 33.61
C LYS B 126 -21.39 -5.12 33.32
N LYS B 127 -21.61 -6.44 33.38
CA LYS B 127 -20.57 -7.42 33.03
C LYS B 127 -20.04 -7.28 31.61
N LEU B 128 -20.90 -6.86 30.69
CA LEU B 128 -20.52 -6.59 29.32
C LEU B 128 -19.48 -5.46 29.25
N HIS B 129 -19.71 -4.37 29.99
CA HIS B 129 -18.71 -3.30 30.14
C HIS B 129 -17.43 -3.85 30.76
N GLU B 130 -17.58 -4.63 31.84
CA GLU B 130 -16.43 -5.15 32.59
C GLU B 130 -15.57 -6.05 31.70
N TYR B 131 -16.21 -7.01 31.02
CA TYR B 131 -15.50 -7.89 30.07
C TYR B 131 -14.90 -7.13 28.91
N ASN B 132 -15.63 -6.13 28.41
CA ASN B 132 -15.14 -5.28 27.33
C ASN B 132 -13.94 -4.42 27.77
N THR B 133 -13.97 -3.85 28.97
CA THR B 133 -12.81 -3.12 29.51
C THR B 133 -11.62 -4.08 29.69
N GLN B 134 -11.91 -5.30 30.18
CA GLN B 134 -10.90 -6.36 30.31
C GLN B 134 -10.33 -6.68 28.93
N PHE B 135 -11.22 -6.89 27.96
CA PHE B 135 -10.83 -7.15 26.58
C PHE B 135 -10.04 -6.00 25.93
N GLN B 136 -10.54 -4.77 26.06
CA GLN B 136 -9.90 -3.58 25.49
C GLN B 136 -8.58 -3.22 26.19
N GLU B 137 -8.50 -3.47 27.50
CA GLU B 137 -7.21 -3.43 28.21
C GLU B 137 -6.27 -4.52 27.65
N LYS B 138 -6.83 -5.71 27.40
CA LYS B 138 -6.08 -6.85 26.87
C LYS B 138 -5.58 -6.65 25.43
N SER B 139 -6.41 -6.04 24.57
CA SER B 139 -6.01 -5.74 23.18
C SER B 139 -4.84 -4.77 23.09
N ARG B 140 -4.82 -3.75 23.95
CA ARG B 140 -3.69 -2.81 24.05
C ARG B 140 -2.38 -3.48 24.45
N GLU B 141 -2.43 -4.38 25.43
CA GLU B 141 -1.25 -5.15 25.84
C GLU B 141 -0.74 -5.98 24.66
N TYR B 142 -1.66 -6.65 23.96
CA TYR B 142 -1.32 -7.38 22.73
C TYR B 142 -0.78 -6.44 21.64
N ASP B 143 -1.41 -5.27 21.48
CA ASP B 143 -0.99 -4.27 20.48
C ASP B 143 0.42 -3.72 20.77
N ARG B 144 0.64 -3.32 22.03
CA ARG B 144 1.95 -2.88 22.54
C ARG B 144 3.06 -3.83 22.14
N LEU B 145 2.84 -5.08 22.50
CA LEU B 145 3.84 -6.13 22.33
C LEU B 145 4.11 -6.44 20.85
N TYR B 146 3.10 -6.27 20.01
CA TYR B 146 3.28 -6.45 18.57
C TYR B 146 4.24 -5.39 18.00
N GLU B 147 4.18 -4.14 18.52
CA GLU B 147 5.17 -3.09 18.17
C GLU B 147 6.55 -3.48 18.71
N GLU B 148 6.61 -3.91 19.99
CA GLU B 148 7.86 -4.35 20.62
C GLU B 148 8.52 -5.45 19.79
N TYR B 149 7.75 -6.49 19.49
CA TYR B 149 8.16 -7.59 18.61
C TYR B 149 8.87 -7.10 17.33
N THR B 150 8.20 -6.24 16.56
CA THR B 150 8.69 -5.81 15.23
C THR B 150 9.80 -4.76 15.30
N ARG B 151 9.71 -3.84 16.25
CA ARG B 151 10.83 -2.95 16.53
C ARG B 151 12.04 -3.79 16.91
N THR B 152 11.82 -4.78 17.77
CA THR B 152 12.89 -5.68 18.19
C THR B 152 13.43 -6.49 17.03
N SER B 153 12.55 -6.99 16.16
CA SER B 153 12.99 -7.61 14.90
C SER B 153 13.89 -6.66 14.08
N GLN B 154 13.55 -5.38 14.03
CA GLN B 154 14.34 -4.39 13.30
C GLN B 154 15.67 -4.11 14.00
N GLU B 155 15.58 -3.65 15.25
CA GLU B 155 16.76 -3.34 16.06
C GLU B 155 17.77 -4.48 15.97
N ILE B 156 17.28 -5.72 16.15
CA ILE B 156 18.09 -6.94 15.96
C ILE B 156 18.77 -6.97 14.59
N GLN B 157 17.97 -6.96 13.52
CA GLN B 157 18.53 -7.10 12.17
C GLN B 157 19.54 -5.99 11.83
N MET B 158 19.28 -4.76 12.32
CA MET B 158 20.25 -3.63 12.25
C MET B 158 21.54 -3.92 12.99
N LYS B 159 21.41 -4.59 14.14
CA LYS B 159 22.57 -5.08 14.85
C LYS B 159 23.32 -6.12 14.00
N ARG B 160 22.58 -7.08 13.42
CA ARG B 160 23.22 -8.11 12.58
C ARG B 160 24.00 -7.48 11.42
N THR B 161 23.37 -6.55 10.70
CA THR B 161 24.03 -5.87 9.57
C THR B 161 25.22 -5.10 10.08
N ALA B 162 25.05 -4.47 11.25
CA ALA B 162 26.14 -3.73 11.88
C ALA B 162 27.32 -4.65 12.16
N ILE B 163 27.03 -5.87 12.63
CA ILE B 163 28.06 -6.88 12.88
C ILE B 163 28.80 -7.29 11.60
N GLU B 164 28.06 -7.53 10.52
CA GLU B 164 28.66 -7.73 9.19
C GLU B 164 29.57 -6.55 8.82
N ALA B 165 29.11 -5.33 9.15
CA ALA B 165 29.86 -4.11 8.88
C ALA B 165 31.11 -4.00 9.72
N PHE B 166 30.97 -4.20 11.04
CA PHE B 166 32.13 -4.24 11.93
C PHE B 166 33.12 -5.27 11.40
N ASN B 167 32.66 -6.51 11.27
CA ASN B 167 33.50 -7.59 10.75
C ASN B 167 34.19 -7.13 9.46
N GLU B 168 33.44 -6.47 8.59
CA GLU B 168 33.99 -5.98 7.34
C GLU B 168 35.03 -4.88 7.57
N THR B 169 34.72 -3.94 8.46
CA THR B 169 35.64 -2.87 8.83
C THR B 169 36.96 -3.49 9.24
N ILE B 170 36.84 -4.44 10.17
CA ILE B 170 37.98 -5.12 10.79
C ILE B 170 38.90 -5.75 9.75
N LYS B 171 38.32 -6.42 8.76
CA LYS B 171 39.10 -6.92 7.63
C LYS B 171 39.97 -5.81 7.05
N ILE B 172 39.38 -4.64 6.81
CA ILE B 172 40.09 -3.56 6.14
C ILE B 172 41.24 -3.04 7.00
N PHE B 173 41.05 -3.09 8.32
CA PHE B 173 42.10 -2.74 9.27
C PHE B 173 43.15 -3.86 9.44
N GLU B 174 42.67 -5.11 9.59
CA GLU B 174 43.58 -6.27 9.67
C GLU B 174 44.44 -6.31 8.41
N GLU B 175 43.79 -6.16 7.26
CA GLU B 175 44.46 -5.95 5.98
C GLU B 175 45.40 -4.74 6.01
N GLN B 176 45.02 -3.64 6.68
CA GLN B 176 45.91 -2.44 6.79
C GLN B 176 47.11 -2.64 7.73
N CYS B 177 46.94 -3.40 8.83
CA CYS B 177 48.08 -3.70 9.70
C CYS B 177 49.02 -4.70 9.00
N GLN B 178 48.46 -5.52 8.11
CA GLN B 178 49.25 -6.35 7.19
C GLN B 178 49.81 -5.49 6.06
N THR B 179 48.94 -4.74 5.37
CA THR B 179 49.34 -3.88 4.24
C THR B 179 50.64 -3.14 4.53
N GLN B 180 50.77 -2.61 5.75
CA GLN B 180 51.98 -1.86 6.10
C GLN B 180 53.20 -2.77 6.35
N GLU B 181 53.01 -3.91 7.01
CA GLU B 181 54.13 -4.87 7.24
C GLU B 181 54.95 -5.18 5.98
N ARG B 182 54.28 -5.34 4.84
CA ARG B 182 54.99 -5.55 3.58
C ARG B 182 55.83 -4.33 3.21
N TYR B 183 55.22 -3.15 3.17
CA TYR B 183 55.92 -1.92 2.77
C TYR B 183 56.89 -1.38 3.84
N SER B 184 56.52 -1.52 5.11
CA SER B 184 57.29 -1.01 6.25
C SER B 184 58.56 -1.80 6.51
N LYS B 185 58.47 -3.13 6.42
CA LYS B 185 59.65 -4.00 6.54
C LYS B 185 60.49 -4.10 5.25
N GLU B 186 60.00 -3.52 4.15
CA GLU B 186 60.82 -3.20 2.97
C GLU B 186 61.62 -1.91 3.21
N TYR B 187 61.04 -0.98 3.98
CA TYR B 187 61.66 0.31 4.34
C TYR B 187 62.37 0.35 5.72
N ILE B 188 62.54 -0.83 6.34
CA ILE B 188 63.52 -1.03 7.45
C ILE B 188 64.83 -1.56 6.88
N GLU B 189 64.78 -2.65 6.11
CA GLU B 189 65.99 -3.36 5.70
C GLU B 189 66.73 -2.63 4.59
N LYS B 190 66.02 -2.12 3.59
CA LYS B 190 66.60 -1.11 2.70
C LYS B 190 67.00 0.06 3.59
N PHE B 191 68.25 0.49 3.47
CA PHE B 191 68.81 1.62 4.22
C PHE B 191 69.24 1.25 5.66
N LYS B 192 68.28 1.03 6.56
CA LYS B 192 68.52 0.73 8.02
C LYS B 192 69.26 1.76 8.88
N ARG B 193 70.51 2.09 8.53
CA ARG B 193 71.28 3.14 9.23
C ARG B 193 70.72 4.56 9.07
N GLU B 194 70.17 4.86 7.89
CA GLU B 194 69.59 6.18 7.60
C GLU B 194 68.26 6.40 8.34
N GLY B 195 68.28 7.30 9.31
CA GLY B 195 67.14 7.55 10.20
C GLY B 195 66.80 6.29 10.96
N ASN B 196 67.78 5.78 11.70
CA ASN B 196 67.73 4.42 12.23
C ASN B 196 66.47 4.14 13.05
N GLU B 197 66.36 4.73 14.24
CA GLU B 197 65.14 4.68 15.05
C GLU B 197 64.32 5.96 14.89
N LYS B 198 64.86 7.00 14.23
CA LYS B 198 64.09 8.19 13.87
C LYS B 198 63.03 7.90 12.82
N GLU B 199 63.26 6.87 12.00
CA GLU B 199 62.26 6.40 11.04
C GLU B 199 61.44 5.29 11.66
N ILE B 200 62.13 4.27 12.17
CA ILE B 200 61.49 3.00 12.52
C ILE B 200 60.69 3.07 13.83
N GLN B 201 60.96 4.06 14.70
CA GLN B 201 60.04 4.37 15.80
C GLN B 201 58.72 4.83 15.22
N ARG B 202 58.78 5.91 14.43
CA ARG B 202 57.56 6.55 13.93
C ARG B 202 56.78 5.70 12.89
N ILE B 203 57.39 4.60 12.44
CA ILE B 203 56.68 3.52 11.74
C ILE B 203 56.14 2.46 12.71
N MET B 204 56.88 2.20 13.78
CA MET B 204 56.38 1.38 14.89
C MET B 204 55.19 2.06 15.62
N HIS B 205 55.19 3.39 15.72
CA HIS B 205 54.12 4.13 16.42
C HIS B 205 52.79 4.03 15.69
N ASN B 206 52.82 4.49 14.45
CA ASN B 206 51.73 4.34 13.50
C ASN B 206 51.11 2.93 13.55
N TYR B 207 51.97 1.91 13.50
CA TYR B 207 51.56 0.49 13.57
C TYR B 207 51.02 0.10 14.94
N ASP B 208 51.63 0.61 16.00
CA ASP B 208 51.13 0.36 17.35
C ASP B 208 49.79 1.06 17.58
N LYS B 209 49.54 2.18 16.88
CA LYS B 209 48.19 2.77 16.83
C LYS B 209 47.23 1.86 16.08
N LEU B 210 47.66 1.43 14.90
CA LEU B 210 46.84 0.62 13.99
C LEU B 210 46.30 -0.67 14.62
N LYS B 211 47.13 -1.39 15.36
CA LYS B 211 46.65 -2.65 15.97
C LYS B 211 45.79 -2.45 17.23
N SER B 212 46.08 -1.44 18.04
CA SER B 212 45.23 -1.17 19.22
C SER B 212 43.88 -0.60 18.78
N ARG B 213 43.88 0.09 17.63
CA ARG B 213 42.66 0.56 16.99
C ARG B 213 41.80 -0.66 16.58
N ILE B 214 42.40 -1.65 15.90
CA ILE B 214 41.73 -2.96 15.65
C ILE B 214 41.21 -3.53 16.98
N SER B 215 42.08 -3.56 17.98
CA SER B 215 41.76 -4.06 19.31
C SER B 215 40.47 -3.44 19.86
N GLU B 216 40.34 -2.11 19.75
CA GLU B 216 39.11 -1.40 20.15
C GLU B 216 37.88 -1.80 19.32
N ILE B 217 38.05 -1.91 17.99
CA ILE B 217 36.94 -2.22 17.08
C ILE B 217 36.35 -3.60 17.37
N ILE B 218 37.22 -4.59 17.57
CA ILE B 218 36.78 -5.95 17.86
C ILE B 218 35.94 -5.96 19.14
N ASP B 219 36.44 -5.27 20.16
CA ASP B 219 35.73 -5.13 21.45
C ASP B 219 34.39 -4.39 21.30
N SER B 220 34.33 -3.43 20.38
CA SER B 220 33.07 -2.79 20.02
C SER B 220 32.08 -3.76 19.37
N ARG B 221 32.58 -4.67 18.53
CA ARG B 221 31.75 -5.70 17.86
C ARG B 221 31.23 -6.77 18.84
N ARG B 222 32.13 -7.30 19.65
CA ARG B 222 31.75 -8.24 20.72
C ARG B 222 30.56 -7.66 21.51
N ARG B 223 30.76 -6.44 22.00
CA ARG B 223 29.80 -5.77 22.89
C ARG B 223 28.43 -5.57 22.26
N LEU B 224 28.38 -5.53 20.94
CA LEU B 224 27.14 -5.55 20.19
C LEU B 224 26.50 -6.93 20.26
N GLU B 225 27.30 -7.97 19.99
CA GLU B 225 26.82 -9.37 19.98
C GLU B 225 26.27 -9.85 21.33
N GLU B 226 26.89 -9.43 22.43
CA GLU B 226 26.30 -9.69 23.75
C GLU B 226 24.94 -8.99 23.87
N ASP B 227 24.83 -7.74 23.38
CA ASP B 227 23.54 -7.01 23.34
C ASP B 227 22.53 -7.66 22.39
N LEU B 228 23.05 -8.29 21.33
CA LEU B 228 22.25 -9.02 20.37
C LEU B 228 21.47 -10.16 21.04
N LYS B 229 22.16 -10.96 21.85
CA LYS B 229 21.53 -12.11 22.53
C LYS B 229 20.54 -11.67 23.60
N LYS B 230 20.83 -10.57 24.28
CA LYS B 230 19.91 -9.99 25.29
C LYS B 230 18.66 -9.41 24.65
N GLN B 231 18.83 -8.82 23.47
CA GLN B 231 17.72 -8.38 22.62
C GLN B 231 16.95 -9.55 22.06
N ALA B 232 17.66 -10.54 21.52
CA ALA B 232 17.03 -11.74 20.98
C ALA B 232 16.38 -12.58 22.09
N ALA B 233 16.92 -12.48 23.32
CA ALA B 233 16.29 -13.07 24.49
C ALA B 233 14.92 -12.43 24.72
N GLU B 234 14.93 -11.11 24.97
CA GLU B 234 13.70 -10.32 25.12
C GLU B 234 12.70 -10.57 23.98
N TYR B 235 13.23 -10.70 22.75
CA TYR B 235 12.45 -11.00 21.54
C TYR B 235 11.61 -12.27 21.69
N ARG B 236 12.21 -13.31 22.26
CA ARG B 236 11.49 -14.55 22.59
C ARG B 236 10.41 -14.26 23.62
N GLU B 237 10.78 -13.56 24.69
CA GLU B 237 9.86 -13.27 25.79
C GLU B 237 8.63 -12.44 25.38
N ILE B 238 8.73 -11.67 24.30
CA ILE B 238 7.58 -10.97 23.74
C ILE B 238 6.64 -11.99 23.11
N ASP B 239 7.15 -12.77 22.16
CA ASP B 239 6.36 -13.79 21.46
C ASP B 239 5.74 -14.73 22.48
N LYS B 240 6.58 -15.19 23.41
CA LYS B 240 6.17 -16.10 24.49
C LYS B 240 4.89 -15.64 25.17
N ARG B 241 4.90 -14.37 25.60
CA ARG B 241 3.76 -13.76 26.30
C ARG B 241 2.64 -13.27 25.38
N MET B 242 2.99 -12.97 24.13
CA MET B 242 1.98 -12.78 23.06
C MET B 242 1.11 -14.04 22.91
N ASN B 243 1.77 -15.19 22.87
CA ASN B 243 1.11 -16.49 22.68
C ASN B 243 0.35 -17.00 23.91
N SER B 244 0.57 -16.35 25.04
CA SER B 244 -0.22 -16.58 26.24
C SER B 244 -1.28 -15.51 26.48
N ILE B 245 -1.15 -14.36 25.83
CA ILE B 245 -2.23 -13.36 25.75
C ILE B 245 -3.26 -13.75 24.67
N LYS B 246 -2.77 -14.20 23.52
CA LYS B 246 -3.64 -14.62 22.40
C LYS B 246 -4.86 -15.50 22.78
N PRO B 247 -4.63 -16.69 23.40
CA PRO B 247 -5.76 -17.61 23.67
C PRO B 247 -6.78 -17.05 24.64
N ASP B 248 -6.28 -16.25 25.60
CA ASP B 248 -7.12 -15.52 26.54
C ASP B 248 -7.95 -14.46 25.84
N LEU B 249 -7.34 -13.70 24.92
CA LEU B 249 -8.04 -12.69 24.11
C LEU B 249 -9.20 -13.27 23.27
N ILE B 250 -9.05 -14.51 22.79
CA ILE B 250 -10.08 -15.16 21.97
C ILE B 250 -11.29 -15.51 22.83
N GLN B 251 -11.04 -16.13 23.99
CA GLN B 251 -12.11 -16.49 24.91
C GLN B 251 -12.77 -15.26 25.54
N LEU B 252 -11.95 -14.28 25.95
CA LEU B 252 -12.43 -12.98 26.48
C LEU B 252 -13.35 -12.27 25.52
N ARG B 253 -12.99 -12.30 24.25
CA ARG B 253 -13.84 -11.71 23.22
C ARG B 253 -15.07 -12.59 22.97
N LYS B 254 -14.90 -13.91 22.95
CA LYS B 254 -16.02 -14.81 22.66
C LYS B 254 -17.09 -14.78 23.75
N THR B 255 -16.67 -14.66 25.01
CA THR B 255 -17.57 -14.53 26.15
C THR B 255 -18.33 -13.19 26.09
N ARG B 256 -17.63 -12.12 25.69
CA ARG B 256 -18.25 -10.84 25.40
C ARG B 256 -19.31 -10.95 24.28
N ASP B 257 -19.02 -11.71 23.23
CA ASP B 257 -19.97 -11.89 22.12
C ASP B 257 -21.21 -12.72 22.48
N GLN B 258 -21.11 -13.58 23.50
CA GLN B 258 -22.27 -14.34 23.97
C GLN B 258 -23.11 -13.56 24.97
N TYR B 259 -22.44 -12.83 25.88
CA TYR B 259 -23.08 -11.84 26.77
C TYR B 259 -23.89 -10.77 26.00
N LEU B 260 -23.33 -10.30 24.88
CA LEU B 260 -23.97 -9.29 24.02
C LEU B 260 -25.09 -9.89 23.16
N MET B 261 -24.91 -11.13 22.70
CA MET B 261 -25.95 -11.87 21.97
C MET B 261 -27.09 -12.31 22.88
N TRP B 262 -26.78 -12.73 24.11
CA TRP B 262 -27.80 -13.11 25.09
C TRP B 262 -28.74 -11.94 25.43
N LEU B 263 -28.18 -10.74 25.55
CA LEU B 263 -28.99 -9.52 25.74
C LEU B 263 -29.90 -9.24 24.54
N THR B 264 -29.30 -9.20 23.35
CA THR B 264 -30.01 -8.85 22.11
C THR B 264 -30.96 -9.95 21.58
N GLN B 265 -31.39 -10.88 22.45
CA GLN B 265 -32.53 -11.76 22.19
C GLN B 265 -33.82 -11.17 22.77
N LYS B 266 -33.79 -10.75 24.04
CA LYS B 266 -35.00 -10.33 24.76
C LYS B 266 -35.41 -8.88 24.39
N GLY B 267 -34.62 -7.90 24.82
CA GLY B 267 -34.89 -6.49 24.55
C GLY B 267 -34.00 -6.03 23.41
N VAL B 268 -34.56 -5.29 22.45
CA VAL B 268 -33.82 -4.84 21.24
C VAL B 268 -32.59 -4.01 21.66
N ARG B 269 -32.82 -2.84 22.27
CA ARG B 269 -31.78 -2.03 22.96
C ARG B 269 -30.40 -1.96 22.29
N GLN B 270 -30.37 -1.81 20.96
CA GLN B 270 -29.12 -1.66 20.17
C GLN B 270 -28.32 -0.41 20.58
N LYS B 271 -29.05 0.62 21.00
CA LYS B 271 -28.52 1.96 21.27
C LYS B 271 -28.07 2.13 22.73
N LYS B 272 -28.77 1.48 23.66
CA LYS B 272 -28.41 1.47 25.10
C LYS B 272 -27.02 0.89 25.34
N LEU B 273 -26.72 -0.17 24.58
CA LEU B 273 -25.45 -0.89 24.64
C LEU B 273 -24.20 0.02 24.71
N ASN B 274 -24.15 1.05 23.86
CA ASN B 274 -22.91 1.84 23.63
C ASN B 274 -22.29 2.59 24.82
N GLU B 275 -23.03 2.76 25.92
CA GLU B 275 -22.47 3.35 27.15
C GLU B 275 -21.54 2.38 27.89
N TRP B 276 -22.02 1.15 28.06
CA TRP B 276 -21.21 0.04 28.62
C TRP B 276 -19.98 -0.22 27.78
N LEU B 277 -20.21 -0.38 26.48
CA LEU B 277 -19.16 -0.68 25.51
C LEU B 277 -18.40 0.58 25.10
C3 71K C . -14.54 -17.61 2.34
C2 71K C . -14.76 -16.35 2.91
C1 71K C . -14.83 -15.20 2.10
C4 71K C . -14.37 -17.79 0.96
C5 71K C . -14.44 -16.59 0.05
C6 71K C . -14.28 -16.70 -1.46
N1 71K C . -14.17 -19.05 0.50
C 71K C . -14.68 -15.25 0.70
N 71K C . -14.76 -14.09 -0.01
#